data_1NMR
#
_entry.id   1NMR
#
_entity_poly.entity_id   1
_entity_poly.type   'polypeptide(L)'
_entity_poly.pdbx_seq_one_letter_code
;GSSLASQGQNLSTVLANLTPEQQKNVLGERLYNHIVAINPAAAAKVTGMLLEMDNGEILNLLDTPGLLDAKVQEALEVLN
RHMNV
;
_entity_poly.pdbx_strand_id   A
#
# COMPACT_ATOMS: atom_id res chain seq x y z
N GLY A 1 -37.43 -31.85 3.65
CA GLY A 1 -38.19 -30.92 2.77
C GLY A 1 -38.13 -29.49 3.26
N SER A 2 -38.95 -29.17 4.26
CA SER A 2 -38.99 -27.84 4.83
C SER A 2 -38.12 -27.75 6.08
N SER A 3 -37.05 -28.54 6.11
CA SER A 3 -36.13 -28.57 7.24
C SER A 3 -34.68 -28.50 6.77
N LEU A 4 -34.29 -27.35 6.24
CA LEU A 4 -32.93 -27.16 5.74
C LEU A 4 -31.98 -26.79 6.88
N ALA A 5 -30.72 -26.55 6.54
CA ALA A 5 -29.70 -26.19 7.52
C ALA A 5 -30.12 -24.95 8.31
N SER A 6 -29.54 -24.79 9.50
CA SER A 6 -29.85 -23.64 10.35
C SER A 6 -28.76 -22.58 10.25
N GLN A 7 -28.91 -21.67 9.29
CA GLN A 7 -27.94 -20.60 9.10
C GLN A 7 -28.41 -19.31 9.78
N GLY A 8 -27.49 -18.65 10.46
CA GLY A 8 -27.82 -17.41 11.14
C GLY A 8 -27.54 -16.19 10.30
N GLN A 9 -26.51 -15.43 10.69
CA GLN A 9 -26.14 -14.22 9.97
C GLN A 9 -24.86 -14.45 9.15
N ASN A 10 -25.02 -15.09 7.99
CA ASN A 10 -23.89 -15.36 7.13
C ASN A 10 -23.28 -14.06 6.61
N LEU A 11 -24.12 -13.12 6.25
CA LEU A 11 -23.67 -11.83 5.73
C LEU A 11 -22.72 -11.14 6.71
N SER A 12 -22.96 -11.31 8.00
CA SER A 12 -22.12 -10.68 9.01
C SER A 12 -20.69 -11.18 8.91
N THR A 13 -20.52 -12.47 8.65
CA THR A 13 -19.18 -13.05 8.52
C THR A 13 -18.61 -12.83 7.12
N VAL A 14 -19.36 -12.15 6.26
CA VAL A 14 -18.90 -11.87 4.89
C VAL A 14 -18.06 -10.60 4.86
N LEU A 15 -18.36 -9.65 5.74
CA LEU A 15 -17.62 -8.40 5.82
C LEU A 15 -16.21 -8.65 6.36
N ALA A 16 -16.11 -9.56 7.31
CA ALA A 16 -14.83 -9.89 7.92
C ALA A 16 -13.89 -10.54 6.90
N ASN A 17 -14.42 -10.89 5.73
CA ASN A 17 -13.63 -11.50 4.67
C ASN A 17 -13.04 -10.44 3.74
N LEU A 18 -13.10 -9.18 4.17
CA LEU A 18 -12.57 -8.08 3.38
C LEU A 18 -11.39 -7.41 4.08
N THR A 19 -10.40 -8.22 4.45
CA THR A 19 -9.22 -7.70 5.13
C THR A 19 -8.20 -7.14 4.14
N PRO A 20 -7.74 -7.95 3.16
CA PRO A 20 -6.77 -7.51 2.16
C PRO A 20 -7.36 -6.47 1.20
N GLU A 21 -8.68 -6.35 1.19
CA GLU A 21 -9.35 -5.40 0.30
C GLU A 21 -9.34 -4.00 0.92
N GLN A 22 -9.69 -3.91 2.20
CA GLN A 22 -9.72 -2.64 2.90
C GLN A 22 -8.31 -2.14 3.17
N GLN A 23 -7.46 -3.04 3.66
CA GLN A 23 -6.07 -2.71 3.96
C GLN A 23 -5.41 -1.99 2.78
N LYS A 24 -5.46 -2.62 1.61
CA LYS A 24 -4.86 -2.04 0.40
C LYS A 24 -5.29 -0.59 0.24
N ASN A 25 -6.57 -0.33 0.46
CA ASN A 25 -7.12 1.01 0.33
C ASN A 25 -6.50 1.96 1.35
N VAL A 26 -6.56 1.59 2.63
CA VAL A 26 -6.00 2.42 3.68
C VAL A 26 -4.52 2.69 3.45
N LEU A 27 -3.78 1.64 3.12
CA LEU A 27 -2.35 1.75 2.88
C LEU A 27 -2.05 2.90 1.93
N GLY A 28 -2.74 2.94 0.79
CA GLY A 28 -2.53 4.00 -0.18
C GLY A 28 -2.83 5.37 0.38
N GLU A 29 -3.98 5.53 1.02
CA GLU A 29 -4.35 6.81 1.60
C GLU A 29 -3.27 7.28 2.58
N ARG A 30 -2.95 6.42 3.54
CA ARG A 30 -1.92 6.73 4.53
C ARG A 30 -0.55 6.81 3.88
N LEU A 31 -0.43 6.25 2.67
CA LEU A 31 0.84 6.25 1.95
C LEU A 31 1.14 7.62 1.35
N TYR A 32 0.25 8.06 0.46
CA TYR A 32 0.41 9.35 -0.21
C TYR A 32 0.69 10.47 0.78
N ASN A 33 0.15 10.34 1.99
CA ASN A 33 0.34 11.34 3.04
C ASN A 33 1.77 11.36 3.56
N HIS A 34 2.37 10.18 3.68
CA HIS A 34 3.72 10.10 4.19
C HIS A 34 4.67 10.84 3.27
N ILE A 35 4.42 10.69 1.98
CA ILE A 35 5.25 11.28 0.93
C ILE A 35 4.70 12.61 0.40
N VAL A 36 3.39 12.82 0.43
CA VAL A 36 2.82 14.06 -0.10
C VAL A 36 3.59 15.28 0.41
N ALA A 37 3.82 15.34 1.71
CA ALA A 37 4.55 16.45 2.31
C ALA A 37 6.04 16.33 2.05
N ILE A 38 6.51 15.10 1.85
CA ILE A 38 7.92 14.85 1.61
C ILE A 38 8.28 14.92 0.13
N ASN A 39 7.76 13.97 -0.66
CA ASN A 39 8.03 13.94 -2.10
C ASN A 39 6.72 14.02 -2.89
N PRO A 40 6.11 15.22 -2.94
CA PRO A 40 4.85 15.44 -3.67
C PRO A 40 4.88 14.89 -5.10
N ALA A 41 5.96 15.15 -5.81
CA ALA A 41 6.11 14.70 -7.19
C ALA A 41 6.52 13.22 -7.26
N ALA A 42 5.87 12.40 -6.43
CA ALA A 42 6.15 10.97 -6.40
C ALA A 42 4.98 10.22 -5.77
N ALA A 43 4.40 10.81 -4.71
CA ALA A 43 3.27 10.21 -4.03
C ALA A 43 2.31 9.56 -5.02
N ALA A 44 1.88 10.33 -6.00
CA ALA A 44 0.97 9.83 -7.03
C ALA A 44 1.46 8.52 -7.64
N LYS A 45 2.77 8.43 -7.84
CA LYS A 45 3.38 7.24 -8.41
C LYS A 45 3.56 6.19 -7.33
N VAL A 46 4.07 6.62 -6.19
CA VAL A 46 4.30 5.74 -5.06
C VAL A 46 3.02 5.06 -4.61
N THR A 47 1.96 5.85 -4.49
CA THR A 47 0.67 5.35 -4.03
C THR A 47 0.00 4.46 -5.09
N GLY A 48 -0.11 4.98 -6.31
CA GLY A 48 -0.75 4.23 -7.38
C GLY A 48 0.01 2.98 -7.74
N MET A 49 1.30 3.15 -8.01
CA MET A 49 2.14 2.02 -8.38
C MET A 49 2.46 1.17 -7.15
N LEU A 50 2.89 1.83 -6.06
CA LEU A 50 3.27 1.17 -4.80
C LEU A 50 3.69 -0.29 -5.00
N LEU A 51 2.75 -1.14 -5.40
CA LEU A 51 3.03 -2.55 -5.62
C LEU A 51 3.82 -2.74 -6.91
N GLU A 52 5.08 -2.33 -6.89
CA GLU A 52 5.95 -2.46 -8.05
C GLU A 52 6.76 -3.75 -7.98
N MET A 53 7.62 -3.96 -8.96
CA MET A 53 8.44 -5.17 -8.99
C MET A 53 9.44 -5.20 -7.85
N ASP A 54 10.34 -4.23 -7.80
CA ASP A 54 11.33 -4.15 -6.74
C ASP A 54 10.80 -3.34 -5.56
N ASN A 55 10.67 -2.03 -5.76
CA ASN A 55 10.17 -1.14 -4.72
C ASN A 55 8.91 -1.72 -4.06
N GLY A 56 8.17 -2.53 -4.82
CA GLY A 56 6.97 -3.13 -4.29
C GLY A 56 7.24 -4.14 -3.19
N GLU A 57 7.92 -5.23 -3.54
CA GLU A 57 8.24 -6.27 -2.57
C GLU A 57 8.49 -5.70 -1.18
N ILE A 58 9.42 -4.76 -1.09
CA ILE A 58 9.76 -4.13 0.17
C ILE A 58 8.53 -3.55 0.84
N LEU A 59 7.71 -2.86 0.05
CA LEU A 59 6.49 -2.24 0.54
C LEU A 59 5.77 -3.10 1.57
N ASN A 60 5.88 -4.42 1.42
CA ASN A 60 5.25 -5.35 2.35
C ASN A 60 5.46 -4.94 3.80
N LEU A 61 6.54 -4.21 4.06
CA LEU A 61 6.85 -3.77 5.42
C LEU A 61 6.78 -2.25 5.54
N LEU A 62 5.66 -1.66 5.11
CA LEU A 62 5.46 -0.20 5.16
C LEU A 62 6.22 0.45 6.32
N ASP A 63 7.46 0.86 6.04
CA ASP A 63 8.31 1.48 7.05
C ASP A 63 8.58 2.94 6.73
N THR A 64 9.10 3.68 7.70
CA THR A 64 9.39 5.09 7.50
C THR A 64 10.63 5.26 6.62
N PRO A 65 11.73 4.56 6.92
CA PRO A 65 12.96 4.66 6.12
C PRO A 65 12.83 3.98 4.76
N GLY A 66 12.81 2.64 4.77
CA GLY A 66 12.72 1.88 3.53
C GLY A 66 11.66 2.41 2.58
N LEU A 67 10.40 2.41 3.03
CA LEU A 67 9.30 2.88 2.20
C LEU A 67 9.61 4.27 1.63
N LEU A 68 9.63 5.27 2.50
CA LEU A 68 9.90 6.64 2.07
C LEU A 68 11.17 6.71 1.20
N ASP A 69 12.06 5.75 1.37
CA ASP A 69 13.30 5.74 0.59
C ASP A 69 13.08 5.13 -0.79
N ALA A 70 12.67 3.87 -0.82
CA ALA A 70 12.43 3.18 -2.09
C ALA A 70 11.18 3.71 -2.80
N LYS A 71 10.44 4.60 -2.14
CA LYS A 71 9.24 5.18 -2.72
C LYS A 71 9.55 6.43 -3.52
N VAL A 72 10.23 7.38 -2.88
CA VAL A 72 10.58 8.64 -3.53
C VAL A 72 11.58 8.42 -4.65
N GLN A 73 12.61 7.62 -4.38
CA GLN A 73 13.62 7.33 -5.38
C GLN A 73 13.01 6.68 -6.62
N GLU A 74 12.31 5.57 -6.40
CA GLU A 74 11.66 4.86 -7.50
C GLU A 74 10.64 5.75 -8.21
N ALA A 75 9.84 6.46 -7.44
CA ALA A 75 8.82 7.34 -7.99
C ALA A 75 9.45 8.44 -8.83
N LEU A 76 10.52 9.04 -8.31
CA LEU A 76 11.22 10.11 -9.01
C LEU A 76 12.08 9.55 -10.14
N GLU A 77 12.57 8.33 -9.96
CA GLU A 77 13.41 7.69 -10.97
C GLU A 77 12.59 7.38 -12.23
N VAL A 78 11.44 6.76 -12.05
CA VAL A 78 10.57 6.41 -13.17
C VAL A 78 9.63 7.56 -13.51
N LEU A 79 9.05 8.18 -12.48
CA LEU A 79 8.13 9.29 -12.69
C LEU A 79 6.92 8.84 -13.51
N ASN A 80 6.14 9.80 -14.00
CA ASN A 80 4.96 9.50 -14.80
C ASN A 80 5.35 8.95 -16.18
N ARG A 81 6.65 8.79 -16.43
CA ARG A 81 7.13 8.25 -17.70
C ARG A 81 6.76 6.77 -17.85
N HIS A 82 5.74 6.33 -17.12
CA HIS A 82 5.31 4.95 -17.18
C HIS A 82 4.59 4.65 -18.49
N MET A 83 4.45 3.37 -18.81
CA MET A 83 3.80 2.96 -20.04
C MET A 83 3.36 1.50 -19.98
N ASN A 84 4.33 0.60 -19.98
CA ASN A 84 4.04 -0.83 -19.91
C ASN A 84 4.13 -1.34 -18.48
N VAL A 85 4.19 -2.65 -18.32
CA VAL A 85 4.27 -3.27 -17.00
C VAL A 85 5.25 -4.43 -16.98
N GLY A 1 -23.50 -41.55 8.11
CA GLY A 1 -23.60 -40.16 8.66
C GLY A 1 -22.72 -39.18 7.90
N SER A 2 -21.46 -39.08 8.31
CA SER A 2 -20.52 -38.17 7.66
C SER A 2 -19.63 -38.91 6.67
N SER A 3 -19.09 -38.17 5.71
CA SER A 3 -18.23 -38.76 4.69
C SER A 3 -17.26 -37.72 4.14
N LEU A 4 -17.81 -36.75 3.40
CA LEU A 4 -17.01 -35.69 2.81
C LEU A 4 -16.68 -34.61 3.84
N ALA A 5 -16.00 -35.01 4.91
CA ALA A 5 -15.62 -34.08 5.97
C ALA A 5 -14.29 -33.40 5.65
N SER A 6 -14.22 -32.79 4.47
CA SER A 6 -13.01 -32.09 4.05
C SER A 6 -13.12 -30.60 4.33
N GLN A 7 -11.99 -29.89 4.18
CA GLN A 7 -11.96 -28.46 4.42
C GLN A 7 -12.80 -27.72 3.38
N GLY A 8 -13.96 -27.24 3.80
CA GLY A 8 -14.84 -26.52 2.90
C GLY A 8 -14.36 -25.11 2.63
N GLN A 9 -15.30 -24.19 2.48
CA GLN A 9 -14.97 -22.79 2.22
C GLN A 9 -14.24 -22.17 3.41
N ASN A 10 -12.95 -21.96 3.25
CA ASN A 10 -12.13 -21.37 4.32
C ASN A 10 -12.50 -19.91 4.54
N LEU A 11 -12.86 -19.22 3.46
CA LEU A 11 -13.22 -17.80 3.54
C LEU A 11 -14.34 -17.60 4.56
N SER A 12 -15.36 -18.44 4.52
CA SER A 12 -16.48 -18.34 5.43
C SER A 12 -16.05 -18.64 6.87
N THR A 13 -15.00 -19.45 7.00
CA THR A 13 -14.49 -19.81 8.32
C THR A 13 -13.90 -18.59 9.03
N VAL A 14 -12.75 -18.14 8.55
CA VAL A 14 -12.08 -16.98 9.13
C VAL A 14 -12.69 -15.68 8.60
N LEU A 15 -12.34 -14.56 9.22
CA LEU A 15 -12.85 -13.26 8.80
C LEU A 15 -12.29 -12.81 7.44
N ALA A 16 -11.76 -13.76 6.67
CA ALA A 16 -11.21 -13.45 5.35
C ALA A 16 -12.30 -13.04 4.38
N ASN A 17 -12.60 -11.74 4.34
CA ASN A 17 -13.63 -11.22 3.44
C ASN A 17 -13.05 -10.15 2.52
N LEU A 18 -12.81 -8.96 3.07
CA LEU A 18 -12.26 -7.85 2.29
C LEU A 18 -11.00 -7.30 2.94
N THR A 19 -9.96 -8.14 3.01
CA THR A 19 -8.70 -7.73 3.60
C THR A 19 -7.79 -7.01 2.59
N PRO A 20 -7.55 -7.60 1.42
CA PRO A 20 -6.70 -6.99 0.40
C PRO A 20 -7.31 -5.73 -0.20
N GLU A 21 -8.63 -5.60 -0.08
CA GLU A 21 -9.33 -4.44 -0.62
C GLU A 21 -9.32 -3.29 0.39
N GLN A 22 -9.71 -3.58 1.62
CA GLN A 22 -9.75 -2.57 2.67
C GLN A 22 -8.34 -2.19 3.12
N GLN A 23 -7.56 -3.19 3.52
CA GLN A 23 -6.19 -2.96 3.99
C GLN A 23 -5.40 -2.15 2.96
N LYS A 24 -5.49 -2.53 1.70
CA LYS A 24 -4.77 -1.83 0.64
C LYS A 24 -5.22 -0.38 0.55
N ASN A 25 -6.43 -0.11 1.04
CA ASN A 25 -6.97 1.25 1.02
C ASN A 25 -6.24 2.14 2.02
N VAL A 26 -6.21 1.73 3.28
CA VAL A 26 -5.55 2.50 4.32
C VAL A 26 -4.10 2.77 3.93
N LEU A 27 -3.42 1.73 3.48
CA LEU A 27 -2.03 1.84 3.05
C LEU A 27 -1.82 3.02 2.12
N GLY A 28 -2.59 3.06 1.04
CA GLY A 28 -2.46 4.15 0.07
C GLY A 28 -2.75 5.51 0.68
N GLU A 29 -3.78 5.59 1.51
CA GLU A 29 -4.13 6.84 2.15
C GLU A 29 -2.97 7.32 3.03
N ARG A 30 -2.55 6.47 3.95
CA ARG A 30 -1.46 6.79 4.85
C ARG A 30 -0.13 6.90 4.09
N LEU A 31 -0.09 6.37 2.87
CA LEU A 31 1.12 6.40 2.07
C LEU A 31 1.34 7.78 1.47
N TYR A 32 0.39 8.21 0.64
CA TYR A 32 0.46 9.50 -0.02
C TYR A 32 0.83 10.62 0.96
N ASN A 33 0.37 10.51 2.20
CA ASN A 33 0.66 11.52 3.21
C ASN A 33 2.12 11.50 3.60
N HIS A 34 2.70 10.31 3.65
CA HIS A 34 4.09 10.19 4.04
C HIS A 34 4.98 10.92 3.05
N ILE A 35 4.66 10.75 1.78
CA ILE A 35 5.43 11.35 0.68
C ILE A 35 4.85 12.68 0.19
N VAL A 36 3.55 12.88 0.33
CA VAL A 36 2.95 14.13 -0.16
C VAL A 36 3.76 15.34 0.28
N ALA A 37 4.07 15.40 1.57
CA ALA A 37 4.83 16.51 2.13
C ALA A 37 6.30 16.41 1.71
N ILE A 38 6.72 15.21 1.32
CA ILE A 38 8.11 14.99 0.91
C ILE A 38 8.29 15.14 -0.60
N ASN A 39 7.68 14.25 -1.36
CA ASN A 39 7.77 14.29 -2.82
C ASN A 39 6.39 14.39 -3.46
N PRO A 40 5.80 15.59 -3.44
CA PRO A 40 4.46 15.82 -4.02
C PRO A 40 4.35 15.30 -5.45
N ALA A 41 5.46 15.31 -6.18
CA ALA A 41 5.47 14.86 -7.56
C ALA A 41 5.87 13.38 -7.66
N ALA A 42 5.31 12.56 -6.80
CA ALA A 42 5.60 11.13 -6.79
C ALA A 42 4.50 10.35 -6.08
N ALA A 43 3.99 10.93 -4.99
CA ALA A 43 2.92 10.31 -4.21
C ALA A 43 1.90 9.62 -5.12
N ALA A 44 1.40 10.36 -6.10
CA ALA A 44 0.42 9.84 -7.04
C ALA A 44 0.88 8.50 -7.62
N LYS A 45 2.17 8.40 -7.90
CA LYS A 45 2.73 7.17 -8.45
C LYS A 45 3.01 6.19 -7.32
N VAL A 46 3.58 6.71 -6.25
CA VAL A 46 3.92 5.91 -5.09
C VAL A 46 2.70 5.21 -4.50
N THR A 47 1.69 6.02 -4.17
CA THR A 47 0.46 5.51 -3.59
C THR A 47 -0.23 4.51 -4.51
N GLY A 48 -0.40 4.90 -5.77
CA GLY A 48 -1.07 4.05 -6.73
C GLY A 48 -0.25 2.85 -7.13
N MET A 49 0.96 3.09 -7.61
CA MET A 49 1.83 2.01 -8.02
C MET A 49 2.29 1.19 -6.81
N LEU A 50 2.80 1.90 -5.80
CA LEU A 50 3.32 1.28 -4.57
C LEU A 50 3.74 -0.18 -4.74
N LEU A 51 2.78 -1.05 -5.00
CA LEU A 51 3.05 -2.47 -5.20
C LEU A 51 3.77 -2.71 -6.51
N GLU A 52 5.06 -2.40 -6.54
CA GLU A 52 5.87 -2.59 -7.74
C GLU A 52 6.66 -3.90 -7.67
N MET A 53 7.45 -4.16 -8.69
CA MET A 53 8.25 -5.38 -8.76
C MET A 53 9.33 -5.38 -7.67
N ASP A 54 10.24 -4.41 -7.75
CA ASP A 54 11.31 -4.30 -6.77
C ASP A 54 10.87 -3.49 -5.55
N ASN A 55 10.78 -2.17 -5.71
CA ASN A 55 10.37 -1.29 -4.62
C ASN A 55 9.11 -1.82 -3.94
N GLY A 56 8.30 -2.55 -4.70
CA GLY A 56 7.07 -3.09 -4.14
C GLY A 56 7.33 -4.07 -3.02
N GLU A 57 8.00 -5.18 -3.35
CA GLU A 57 8.30 -6.21 -2.35
C GLU A 57 8.59 -5.61 -0.98
N ILE A 58 9.49 -4.63 -0.96
CA ILE A 58 9.84 -3.96 0.29
C ILE A 58 8.59 -3.42 0.99
N LEU A 59 7.74 -2.76 0.22
CA LEU A 59 6.48 -2.19 0.73
C LEU A 59 5.86 -3.09 1.78
N ASN A 60 5.98 -4.40 1.57
CA ASN A 60 5.42 -5.38 2.50
C ASN A 60 5.76 -5.06 3.95
N LEU A 61 6.86 -4.33 4.16
CA LEU A 61 7.28 -3.98 5.51
C LEU A 61 7.25 -2.47 5.74
N LEU A 62 6.09 -1.85 5.46
CA LEU A 62 5.90 -0.40 5.62
C LEU A 62 6.80 0.19 6.71
N ASP A 63 8.00 0.59 6.32
CA ASP A 63 8.97 1.17 7.25
C ASP A 63 9.11 2.68 7.05
N THR A 64 9.74 3.35 8.01
CA THR A 64 9.93 4.79 7.92
C THR A 64 11.01 5.12 6.90
N PRO A 65 12.21 4.54 7.03
CA PRO A 65 13.31 4.79 6.11
C PRO A 65 13.13 4.06 4.78
N GLY A 66 13.14 2.72 4.83
CA GLY A 66 12.99 1.93 3.63
C GLY A 66 11.86 2.39 2.74
N LEU A 67 10.65 2.39 3.28
CA LEU A 67 9.47 2.80 2.53
C LEU A 67 9.64 4.21 1.97
N LEU A 68 9.61 5.21 2.87
CA LEU A 68 9.74 6.61 2.46
C LEU A 68 10.91 6.79 1.48
N ASP A 69 11.92 5.95 1.58
CA ASP A 69 13.08 6.05 0.71
C ASP A 69 12.83 5.38 -0.64
N ALA A 70 12.56 4.08 -0.62
CA ALA A 70 12.29 3.35 -1.85
C ALA A 70 10.99 3.78 -2.50
N LYS A 71 10.19 4.53 -1.75
CA LYS A 71 8.90 5.01 -2.25
C LYS A 71 9.10 6.22 -3.15
N VAL A 72 9.78 7.24 -2.63
CA VAL A 72 10.05 8.45 -3.40
C VAL A 72 10.96 8.16 -4.58
N GLN A 73 12.03 7.42 -4.31
CA GLN A 73 13.00 7.07 -5.34
C GLN A 73 12.38 6.26 -6.48
N GLU A 74 11.74 5.14 -6.13
CA GLU A 74 11.12 4.29 -7.14
C GLU A 74 10.18 5.09 -8.04
N ALA A 75 9.44 6.02 -7.44
CA ALA A 75 8.50 6.83 -8.19
C ALA A 75 9.20 7.95 -8.93
N LEU A 76 10.26 8.49 -8.32
CA LEU A 76 11.02 9.57 -8.94
C LEU A 76 11.87 9.03 -10.08
N GLU A 77 12.36 7.80 -9.91
CA GLU A 77 13.19 7.16 -10.92
C GLU A 77 12.34 6.71 -12.11
N VAL A 78 11.13 6.24 -11.82
CA VAL A 78 10.22 5.79 -12.87
C VAL A 78 9.41 6.95 -13.42
N LEU A 79 8.92 7.81 -12.52
CA LEU A 79 8.12 8.96 -12.92
C LEU A 79 6.93 8.53 -13.77
N ASN A 80 6.23 9.50 -14.34
CA ASN A 80 5.07 9.20 -15.19
C ASN A 80 5.46 8.38 -16.41
N ARG A 81 6.75 8.08 -16.57
CA ARG A 81 7.23 7.29 -17.69
C ARG A 81 6.68 5.86 -17.65
N HIS A 82 5.63 5.64 -16.84
CA HIS A 82 5.02 4.32 -16.71
C HIS A 82 4.23 3.97 -17.95
N MET A 83 4.95 3.55 -18.99
CA MET A 83 4.31 3.17 -20.24
C MET A 83 5.28 2.40 -21.14
N ASN A 84 4.74 1.78 -22.18
CA ASN A 84 5.56 1.01 -23.11
C ASN A 84 6.25 1.92 -24.11
N VAL A 85 5.58 3.00 -24.48
CA VAL A 85 6.13 3.96 -25.44
C VAL A 85 6.51 5.27 -24.75
N GLY A 1 -23.98 -35.67 30.12
CA GLY A 1 -22.91 -36.65 29.75
C GLY A 1 -22.15 -36.27 28.50
N SER A 2 -22.52 -35.15 27.90
CA SER A 2 -21.86 -34.67 26.68
C SER A 2 -22.07 -33.18 26.50
N SER A 3 -21.16 -32.55 25.76
CA SER A 3 -21.24 -31.12 25.49
C SER A 3 -21.75 -30.87 24.07
N LEU A 4 -22.85 -30.13 23.97
CA LEU A 4 -23.45 -29.82 22.67
C LEU A 4 -22.78 -28.60 22.03
N ALA A 5 -21.54 -28.34 22.38
CA ALA A 5 -20.81 -27.20 21.84
C ALA A 5 -20.76 -27.27 20.32
N SER A 6 -21.68 -26.56 19.66
CA SER A 6 -21.73 -26.53 18.21
C SER A 6 -21.29 -25.18 17.68
N GLN A 7 -22.02 -24.13 18.05
CA GLN A 7 -21.70 -22.78 17.63
C GLN A 7 -20.49 -22.25 18.38
N GLY A 8 -19.34 -22.24 17.72
CA GLY A 8 -18.12 -21.76 18.35
C GLY A 8 -17.81 -20.33 18.01
N GLN A 9 -16.61 -20.09 17.48
CA GLN A 9 -16.18 -18.75 17.11
C GLN A 9 -16.80 -18.33 15.78
N ASN A 10 -18.10 -18.02 15.81
CA ASN A 10 -18.82 -17.61 14.61
C ASN A 10 -18.35 -16.25 14.11
N LEU A 11 -18.92 -15.18 14.68
CA LEU A 11 -18.54 -13.81 14.28
C LEU A 11 -17.03 -13.62 14.31
N SER A 12 -16.37 -14.33 15.21
CA SER A 12 -14.92 -14.25 15.33
C SER A 12 -14.22 -14.63 14.02
N THR A 13 -14.80 -15.59 13.30
CA THR A 13 -14.23 -16.05 12.04
C THR A 13 -14.82 -15.27 10.86
N VAL A 14 -15.76 -14.37 11.14
CA VAL A 14 -16.38 -13.57 10.10
C VAL A 14 -15.55 -12.34 9.76
N LEU A 15 -14.33 -12.27 10.29
CA LEU A 15 -13.44 -11.15 10.04
C LEU A 15 -12.75 -11.32 8.68
N ALA A 16 -12.57 -12.57 8.26
CA ALA A 16 -11.93 -12.87 6.99
C ALA A 16 -12.88 -12.58 5.82
N ASN A 17 -13.09 -11.30 5.56
CA ASN A 17 -13.98 -10.88 4.48
C ASN A 17 -13.26 -9.93 3.53
N LEU A 18 -12.96 -8.73 4.03
CA LEU A 18 -12.27 -7.73 3.24
C LEU A 18 -11.00 -7.25 3.94
N THR A 19 -9.98 -8.10 3.93
CA THR A 19 -8.71 -7.77 4.56
C THR A 19 -7.73 -7.14 3.55
N PRO A 20 -7.39 -7.87 2.47
CA PRO A 20 -6.46 -7.35 1.46
C PRO A 20 -7.05 -6.20 0.66
N GLU A 21 -8.38 -6.08 0.68
CA GLU A 21 -9.05 -5.00 -0.03
C GLU A 21 -9.09 -3.73 0.81
N GLN A 22 -9.48 -3.88 2.07
CA GLN A 22 -9.56 -2.75 2.98
C GLN A 22 -8.16 -2.24 3.34
N GLN A 23 -7.32 -3.16 3.82
CA GLN A 23 -5.95 -2.81 4.18
C GLN A 23 -5.26 -2.02 3.08
N LYS A 24 -5.31 -2.54 1.86
CA LYS A 24 -4.69 -1.89 0.72
C LYS A 24 -5.18 -0.44 0.60
N ASN A 25 -6.49 -0.25 0.75
CA ASN A 25 -7.08 1.08 0.64
C ASN A 25 -6.46 2.06 1.64
N VAL A 26 -6.46 1.70 2.92
CA VAL A 26 -5.88 2.57 3.95
C VAL A 26 -4.41 2.85 3.67
N LEU A 27 -3.68 1.80 3.31
CA LEU A 27 -2.25 1.93 3.01
C LEU A 27 -2.02 3.06 2.01
N GLY A 28 -2.74 3.03 0.89
CA GLY A 28 -2.57 4.05 -0.13
C GLY A 28 -2.90 5.44 0.38
N GLU A 29 -3.90 5.54 1.24
CA GLU A 29 -4.30 6.84 1.78
C GLU A 29 -3.20 7.36 2.71
N ARG A 30 -2.81 6.54 3.68
CA ARG A 30 -1.77 6.90 4.62
C ARG A 30 -0.41 6.99 3.93
N LEU A 31 -0.31 6.45 2.72
CA LEU A 31 0.93 6.46 1.97
C LEU A 31 1.19 7.82 1.32
N TYR A 32 0.27 8.21 0.45
CA TYR A 32 0.38 9.48 -0.26
C TYR A 32 0.66 10.63 0.70
N ASN A 33 0.10 10.56 1.90
CA ASN A 33 0.29 11.59 2.91
C ASN A 33 1.73 11.69 3.36
N HIS A 34 2.38 10.54 3.53
CA HIS A 34 3.75 10.53 3.97
C HIS A 34 4.65 11.20 2.94
N ILE A 35 4.38 10.90 1.68
CA ILE A 35 5.16 11.42 0.57
C ILE A 35 4.54 12.66 -0.08
N VAL A 36 3.28 12.97 0.20
CA VAL A 36 2.65 14.13 -0.42
C VAL A 36 3.34 15.43 0.01
N ALA A 37 3.53 15.60 1.32
CA ALA A 37 4.18 16.79 1.84
C ALA A 37 5.68 16.74 1.60
N ILE A 38 6.22 15.53 1.46
CA ILE A 38 7.64 15.34 1.24
C ILE A 38 7.99 15.35 -0.25
N ASN A 39 7.52 14.34 -0.97
CA ASN A 39 7.77 14.25 -2.40
C ASN A 39 6.45 14.23 -3.18
N PRO A 40 5.79 15.39 -3.31
CA PRO A 40 4.52 15.52 -4.03
C PRO A 40 4.58 14.90 -5.42
N ALA A 41 5.63 15.24 -6.17
CA ALA A 41 5.78 14.73 -7.52
C ALA A 41 6.29 13.28 -7.51
N ALA A 42 5.68 12.46 -6.67
CA ALA A 42 6.05 11.05 -6.56
C ALA A 42 4.92 10.27 -5.92
N ALA A 43 4.36 10.82 -4.84
CA ALA A 43 3.26 10.19 -4.11
C ALA A 43 2.30 9.49 -5.05
N ALA A 44 1.82 10.21 -6.05
CA ALA A 44 0.89 9.66 -7.03
C ALA A 44 1.41 8.36 -7.61
N LYS A 45 2.73 8.27 -7.76
CA LYS A 45 3.35 7.08 -8.30
C LYS A 45 3.58 6.04 -7.20
N VAL A 46 4.02 6.51 -6.04
CA VAL A 46 4.27 5.63 -4.90
C VAL A 46 2.98 4.98 -4.40
N THR A 47 1.89 5.72 -4.46
CA THR A 47 0.60 5.22 -3.99
C THR A 47 -0.04 4.29 -5.02
N GLY A 48 -0.16 4.78 -6.25
CA GLY A 48 -0.79 3.99 -7.30
C GLY A 48 0.04 2.78 -7.67
N MET A 49 1.30 3.01 -7.97
CA MET A 49 2.20 1.94 -8.34
C MET A 49 2.53 1.09 -7.12
N LEU A 50 2.96 1.78 -6.05
CA LEU A 50 3.35 1.15 -4.78
C LEU A 50 3.80 -0.31 -4.93
N LEU A 51 2.88 -1.18 -5.29
CA LEU A 51 3.20 -2.59 -5.45
C LEU A 51 3.93 -2.84 -6.76
N GLU A 52 5.22 -2.49 -6.79
CA GLU A 52 6.04 -2.68 -7.98
C GLU A 52 6.85 -3.97 -7.86
N MET A 53 7.62 -4.28 -8.89
CA MET A 53 8.43 -5.49 -8.89
C MET A 53 9.40 -5.50 -7.72
N ASP A 54 10.30 -4.52 -7.67
CA ASP A 54 11.27 -4.44 -6.59
C ASP A 54 10.73 -3.57 -5.45
N ASN A 55 10.51 -2.30 -5.73
CA ASN A 55 9.99 -1.37 -4.74
C ASN A 55 8.73 -1.92 -4.06
N GLY A 56 8.02 -2.80 -4.76
CA GLY A 56 6.81 -3.38 -4.20
C GLY A 56 7.09 -4.39 -3.10
N GLU A 57 7.80 -5.47 -3.43
CA GLU A 57 8.12 -6.51 -2.44
C GLU A 57 8.35 -5.92 -1.05
N ILE A 58 9.21 -4.90 -0.99
CA ILE A 58 9.52 -4.25 0.27
C ILE A 58 8.25 -3.70 0.92
N LEU A 59 7.40 -3.07 0.11
CA LEU A 59 6.15 -2.50 0.58
C LEU A 59 5.50 -3.37 1.65
N ASN A 60 5.66 -4.68 1.51
CA ASN A 60 5.10 -5.64 2.46
C ASN A 60 5.44 -5.27 3.91
N LEU A 61 6.44 -4.40 4.09
CA LEU A 61 6.84 -3.99 5.44
C LEU A 61 6.87 -2.47 5.57
N LEU A 62 5.76 -1.81 5.20
CA LEU A 62 5.67 -0.34 5.27
C LEU A 62 6.48 0.25 6.42
N ASP A 63 7.75 0.54 6.14
CA ASP A 63 8.66 1.10 7.14
C ASP A 63 8.91 2.58 6.91
N THR A 64 9.52 3.24 7.89
CA THR A 64 9.81 4.66 7.76
C THR A 64 10.97 4.88 6.78
N PRO A 65 12.10 4.20 6.98
CA PRO A 65 13.25 4.34 6.09
C PRO A 65 13.06 3.64 4.75
N GLY A 66 13.03 2.31 4.77
CA GLY A 66 12.87 1.53 3.55
C GLY A 66 11.78 2.07 2.64
N LEU A 67 10.56 2.14 3.15
CA LEU A 67 9.43 2.64 2.38
C LEU A 67 9.73 4.03 1.82
N LEU A 68 9.78 5.02 2.70
CA LEU A 68 10.04 6.40 2.28
C LEU A 68 11.23 6.49 1.32
N ASP A 69 12.16 5.55 1.42
CA ASP A 69 13.33 5.55 0.54
C ASP A 69 12.99 4.91 -0.80
N ALA A 70 12.61 3.65 -0.77
CA ALA A 70 12.26 2.94 -1.99
C ALA A 70 11.00 3.53 -2.63
N LYS A 71 10.29 4.35 -1.88
CA LYS A 71 9.06 4.97 -2.36
C LYS A 71 9.36 6.24 -3.17
N VAL A 72 10.10 7.17 -2.55
CA VAL A 72 10.43 8.43 -3.20
C VAL A 72 11.31 8.20 -4.43
N GLN A 73 12.31 7.34 -4.31
CA GLN A 73 13.21 7.06 -5.41
C GLN A 73 12.48 6.41 -6.57
N GLU A 74 11.75 5.34 -6.29
CA GLU A 74 10.99 4.62 -7.32
C GLU A 74 10.05 5.57 -8.07
N ALA A 75 9.47 6.51 -7.35
CA ALA A 75 8.55 7.47 -7.96
C ALA A 75 9.30 8.65 -8.57
N LEU A 76 10.42 9.02 -7.95
CA LEU A 76 11.23 10.14 -8.44
C LEU A 76 11.95 9.74 -9.72
N GLU A 77 12.37 8.48 -9.79
CA GLU A 77 13.07 7.97 -10.96
C GLU A 77 12.10 7.80 -12.11
N VAL A 78 10.96 7.16 -11.84
CA VAL A 78 9.95 6.93 -12.85
C VAL A 78 9.38 8.24 -13.39
N LEU A 79 9.69 9.35 -12.71
CA LEU A 79 9.22 10.66 -13.13
C LEU A 79 9.62 10.94 -14.58
N ASN A 80 10.91 11.16 -14.79
CA ASN A 80 11.43 11.43 -16.13
C ASN A 80 11.63 10.16 -16.93
N ARG A 81 11.06 9.05 -16.46
CA ARG A 81 11.17 7.78 -17.17
C ARG A 81 10.25 7.75 -18.38
N HIS A 82 9.91 8.94 -18.88
CA HIS A 82 9.05 9.06 -20.05
C HIS A 82 9.82 8.77 -21.33
N MET A 83 11.02 8.19 -21.19
CA MET A 83 11.85 7.85 -22.33
C MET A 83 11.06 7.09 -23.39
N ASN A 84 11.72 6.75 -24.49
CA ASN A 84 11.07 6.02 -25.57
C ASN A 84 11.17 4.52 -25.35
N VAL A 85 11.36 4.11 -24.10
CA VAL A 85 11.47 2.69 -23.76
C VAL A 85 10.35 2.27 -22.81
N GLY A 1 -30.23 -14.13 25.77
CA GLY A 1 -30.41 -13.19 26.91
C GLY A 1 -31.06 -11.89 26.49
N SER A 2 -30.36 -10.78 26.69
CA SER A 2 -30.88 -9.47 26.33
C SER A 2 -29.94 -8.74 25.37
N SER A 3 -29.22 -9.51 24.56
CA SER A 3 -28.28 -8.94 23.61
C SER A 3 -28.12 -9.87 22.40
N LEU A 4 -28.41 -9.35 21.22
CA LEU A 4 -28.31 -10.12 19.99
C LEU A 4 -26.90 -10.06 19.42
N ALA A 5 -25.92 -10.45 20.24
CA ALA A 5 -24.53 -10.45 19.81
C ALA A 5 -24.17 -11.72 19.05
N SER A 6 -25.11 -12.66 19.01
CA SER A 6 -24.90 -13.93 18.32
C SER A 6 -25.61 -13.94 16.97
N GLN A 7 -26.88 -13.58 16.96
CA GLN A 7 -27.66 -13.56 15.73
C GLN A 7 -27.07 -12.55 14.74
N GLY A 8 -26.38 -11.54 15.27
CA GLY A 8 -25.78 -10.53 14.42
C GLY A 8 -24.48 -11.00 13.79
N GLN A 9 -24.59 -11.80 12.74
CA GLN A 9 -23.42 -12.32 12.06
C GLN A 9 -23.14 -11.52 10.78
N ASN A 10 -23.63 -10.27 10.75
CA ASN A 10 -23.44 -9.41 9.60
C ASN A 10 -21.97 -9.01 9.45
N LEU A 11 -21.40 -8.51 10.53
CA LEU A 11 -20.00 -8.09 10.53
C LEU A 11 -19.09 -9.19 9.99
N SER A 12 -19.43 -10.44 10.30
CA SER A 12 -18.64 -11.57 9.85
C SER A 12 -18.65 -11.66 8.32
N THR A 13 -19.85 -11.59 7.74
CA THR A 13 -19.99 -11.66 6.28
C THR A 13 -19.50 -10.37 5.62
N VAL A 14 -19.25 -9.35 6.44
CA VAL A 14 -18.78 -8.07 5.93
C VAL A 14 -17.25 -8.03 5.85
N LEU A 15 -16.60 -8.39 6.95
CA LEU A 15 -15.14 -8.37 7.00
C LEU A 15 -14.55 -9.46 6.11
N ALA A 16 -15.10 -10.67 6.19
CA ALA A 16 -14.62 -11.78 5.37
C ALA A 16 -15.10 -11.66 3.93
N ASN A 17 -14.95 -10.47 3.36
CA ASN A 17 -15.36 -10.23 1.98
C ASN A 17 -14.19 -9.63 1.18
N LEU A 18 -13.74 -8.44 1.60
CA LEU A 18 -12.62 -7.76 0.95
C LEU A 18 -11.51 -7.46 1.94
N THR A 19 -10.57 -8.37 2.08
CA THR A 19 -9.45 -8.18 2.99
C THR A 19 -8.35 -7.32 2.36
N PRO A 20 -7.90 -7.64 1.13
CA PRO A 20 -6.86 -6.87 0.45
C PRO A 20 -7.31 -5.47 0.06
N GLU A 21 -8.58 -5.35 -0.30
CA GLU A 21 -9.14 -4.05 -0.69
C GLU A 21 -9.04 -3.06 0.45
N GLN A 22 -9.37 -3.51 1.66
CA GLN A 22 -9.30 -2.66 2.84
C GLN A 22 -7.86 -2.41 3.26
N GLN A 23 -7.11 -3.49 3.43
CA GLN A 23 -5.72 -3.39 3.85
C GLN A 23 -4.93 -2.47 2.92
N LYS A 24 -5.18 -2.58 1.62
CA LYS A 24 -4.48 -1.75 0.64
C LYS A 24 -4.89 -0.28 0.78
N ASN A 25 -6.18 -0.06 1.06
CA ASN A 25 -6.69 1.30 1.21
C ASN A 25 -5.97 2.04 2.34
N VAL A 26 -5.93 1.44 3.52
CA VAL A 26 -5.28 2.05 4.68
C VAL A 26 -3.83 2.41 4.36
N LEU A 27 -3.11 1.46 3.78
CA LEU A 27 -1.71 1.68 3.43
C LEU A 27 -1.58 2.80 2.41
N GLY A 28 -2.40 2.74 1.36
CA GLY A 28 -2.35 3.75 0.31
C GLY A 28 -2.68 5.13 0.85
N GLU A 29 -3.80 5.25 1.57
CA GLU A 29 -4.20 6.52 2.12
C GLU A 29 -3.08 7.10 2.99
N ARG A 30 -2.63 6.31 3.96
CA ARG A 30 -1.56 6.73 4.84
C ARG A 30 -0.24 6.89 4.08
N LEU A 31 -0.20 6.34 2.86
CA LEU A 31 1.01 6.42 2.03
C LEU A 31 1.16 7.80 1.40
N TYR A 32 0.18 8.18 0.60
CA TYR A 32 0.20 9.48 -0.09
C TYR A 32 0.52 10.61 0.87
N ASN A 33 0.05 10.51 2.10
CA ASN A 33 0.26 11.54 3.12
C ASN A 33 1.72 11.62 3.58
N HIS A 34 2.37 10.49 3.72
CA HIS A 34 3.75 10.50 4.17
C HIS A 34 4.63 11.25 3.18
N ILE A 35 4.32 11.07 1.90
CA ILE A 35 5.08 11.68 0.82
C ILE A 35 4.44 12.97 0.31
N VAL A 36 3.12 13.09 0.41
CA VAL A 36 2.45 14.30 -0.09
C VAL A 36 3.22 15.55 0.32
N ALA A 37 3.53 15.66 1.60
CA ALA A 37 4.26 16.79 2.13
C ALA A 37 5.74 16.72 1.74
N ILE A 38 6.21 15.51 1.46
CA ILE A 38 7.61 15.32 1.09
C ILE A 38 7.82 15.38 -0.42
N ASN A 39 7.25 14.42 -1.14
CA ASN A 39 7.37 14.37 -2.59
C ASN A 39 5.99 14.38 -3.24
N PRO A 40 5.35 15.57 -3.33
CA PRO A 40 4.02 15.71 -3.93
C PRO A 40 3.94 15.09 -5.32
N ALA A 41 5.06 15.11 -6.04
CA ALA A 41 5.11 14.56 -7.39
C ALA A 41 5.58 13.11 -7.36
N ALA A 42 5.00 12.33 -6.46
CA ALA A 42 5.33 10.92 -6.33
C ALA A 42 4.22 10.17 -5.62
N ALA A 43 3.64 10.81 -4.61
CA ALA A 43 2.54 10.21 -3.85
C ALA A 43 1.59 9.44 -4.77
N ALA A 44 1.11 10.11 -5.80
CA ALA A 44 0.20 9.51 -6.76
C ALA A 44 0.75 8.17 -7.29
N LYS A 45 2.06 8.12 -7.46
CA LYS A 45 2.72 6.92 -7.97
C LYS A 45 3.08 5.97 -6.84
N VAL A 46 3.71 6.50 -5.80
CA VAL A 46 4.11 5.70 -4.65
C VAL A 46 2.90 5.16 -3.90
N THR A 47 1.79 5.88 -3.97
CA THR A 47 0.57 5.48 -3.30
C THR A 47 -0.17 4.39 -4.06
N GLY A 48 -0.46 4.65 -5.33
CA GLY A 48 -1.17 3.71 -6.16
C GLY A 48 -0.32 2.54 -6.58
N MET A 49 0.81 2.82 -7.19
CA MET A 49 1.71 1.77 -7.64
C MET A 49 2.27 1.01 -6.46
N LEU A 50 2.83 1.75 -5.48
CA LEU A 50 3.44 1.17 -4.27
C LEU A 50 3.80 -0.30 -4.43
N LEU A 51 2.78 -1.15 -4.56
CA LEU A 51 2.97 -2.57 -4.71
C LEU A 51 3.60 -2.91 -6.07
N GLU A 52 4.87 -2.54 -6.22
CA GLU A 52 5.59 -2.80 -7.47
C GLU A 52 6.33 -4.13 -7.38
N MET A 53 7.07 -4.45 -8.44
CA MET A 53 7.82 -5.69 -8.48
C MET A 53 8.94 -5.69 -7.44
N ASP A 54 9.87 -4.75 -7.58
CA ASP A 54 10.99 -4.64 -6.66
C ASP A 54 10.63 -3.80 -5.43
N ASN A 55 10.60 -2.48 -5.58
CA ASN A 55 10.27 -1.59 -4.47
C ASN A 55 9.03 -2.06 -3.73
N GLY A 56 8.14 -2.74 -4.45
CA GLY A 56 6.93 -3.25 -3.84
C GLY A 56 7.20 -4.23 -2.72
N GLU A 57 7.82 -5.36 -3.06
CA GLU A 57 8.13 -6.39 -2.07
C GLU A 57 8.53 -5.78 -0.73
N ILE A 58 9.46 -4.84 -0.76
CA ILE A 58 9.91 -4.17 0.45
C ILE A 58 8.74 -3.53 1.19
N LEU A 59 7.88 -2.86 0.42
CA LEU A 59 6.70 -2.20 0.98
C LEU A 59 6.08 -3.00 2.12
N ASN A 60 6.11 -4.32 1.99
CA ASN A 60 5.54 -5.21 3.00
C ASN A 60 5.92 -4.77 4.41
N LEU A 61 7.06 -4.10 4.55
CA LEU A 61 7.53 -3.65 5.85
C LEU A 61 7.54 -2.12 5.92
N LEU A 62 6.44 -1.49 5.51
CA LEU A 62 6.31 -0.02 5.51
C LEU A 62 7.17 0.64 6.59
N ASP A 63 8.44 0.89 6.27
CA ASP A 63 9.38 1.50 7.21
C ASP A 63 9.59 2.98 6.91
N THR A 64 10.23 3.68 7.84
CA THR A 64 10.49 5.10 7.67
C THR A 64 11.60 5.34 6.64
N PRO A 65 12.77 4.70 6.82
CA PRO A 65 13.88 4.86 5.89
C PRO A 65 13.69 4.06 4.59
N GLY A 66 13.64 2.74 4.73
CA GLY A 66 13.48 1.88 3.56
C GLY A 66 12.39 2.34 2.63
N LEU A 67 11.18 2.45 3.14
CA LEU A 67 10.05 2.89 2.34
C LEU A 67 10.29 4.28 1.75
N LEU A 68 10.36 5.30 2.62
CA LEU A 68 10.58 6.67 2.17
C LEU A 68 11.75 6.76 1.18
N ASP A 69 12.69 5.83 1.27
CA ASP A 69 13.83 5.82 0.37
C ASP A 69 13.46 5.22 -0.98
N ALA A 70 13.00 3.97 -0.95
CA ALA A 70 12.60 3.27 -2.17
C ALA A 70 11.27 3.80 -2.72
N LYS A 71 10.65 4.71 -1.99
CA LYS A 71 9.37 5.29 -2.41
C LYS A 71 9.58 6.41 -3.42
N VAL A 72 10.37 7.41 -3.03
CA VAL A 72 10.65 8.55 -3.89
C VAL A 72 11.51 8.14 -5.08
N GLN A 73 12.54 7.35 -4.81
CA GLN A 73 13.47 6.90 -5.83
C GLN A 73 12.77 6.00 -6.85
N GLU A 74 11.70 5.34 -6.43
CA GLU A 74 10.97 4.45 -7.32
C GLU A 74 10.01 5.24 -8.21
N ALA A 75 9.41 6.29 -7.63
CA ALA A 75 8.48 7.13 -8.35
C ALA A 75 9.23 8.16 -9.19
N LEU A 76 10.34 8.65 -8.66
CA LEU A 76 11.16 9.63 -9.37
C LEU A 76 11.84 9.01 -10.57
N GLU A 77 12.27 7.76 -10.41
CA GLU A 77 12.94 7.04 -11.49
C GLU A 77 11.94 6.71 -12.60
N VAL A 78 10.75 6.30 -12.21
CA VAL A 78 9.70 5.97 -13.16
C VAL A 78 9.01 7.22 -13.69
N LEU A 79 9.38 8.39 -13.17
CA LEU A 79 8.79 9.64 -13.60
C LEU A 79 9.08 9.90 -15.07
N ASN A 80 10.36 10.09 -15.40
CA ASN A 80 10.77 10.36 -16.78
C ASN A 80 10.78 9.08 -17.62
N ARG A 81 10.18 8.01 -17.11
CA ARG A 81 10.13 6.74 -17.83
C ARG A 81 9.16 6.85 -19.01
N HIS A 82 8.79 8.07 -19.39
CA HIS A 82 7.88 8.31 -20.49
C HIS A 82 8.55 8.03 -21.82
N MET A 83 7.94 7.17 -22.62
CA MET A 83 8.49 6.81 -23.93
C MET A 83 7.38 6.46 -24.90
N ASN A 84 7.69 6.59 -26.20
CA ASN A 84 6.71 6.28 -27.24
C ASN A 84 6.96 4.89 -27.82
N VAL A 85 7.39 3.97 -26.96
CA VAL A 85 7.66 2.60 -27.39
C VAL A 85 7.05 1.59 -26.43
N GLY A 1 -27.88 9.70 1.48
CA GLY A 1 -26.46 10.15 1.40
C GLY A 1 -25.48 9.06 1.78
N SER A 2 -25.59 8.58 3.02
CA SER A 2 -24.71 7.53 3.51
C SER A 2 -25.21 7.00 4.86
N SER A 3 -26.50 6.72 4.93
CA SER A 3 -27.10 6.20 6.15
C SER A 3 -26.53 4.82 6.49
N LEU A 4 -25.79 4.23 5.55
CA LEU A 4 -25.18 2.93 5.77
C LEU A 4 -23.83 3.06 6.49
N ALA A 5 -23.64 4.18 7.19
CA ALA A 5 -22.40 4.41 7.92
C ALA A 5 -22.46 3.82 9.32
N SER A 6 -23.53 3.09 9.63
CA SER A 6 -23.69 2.48 10.93
C SER A 6 -23.21 1.03 10.92
N GLN A 7 -21.90 0.85 10.76
CA GLN A 7 -21.32 -0.49 10.72
C GLN A 7 -21.39 -1.15 12.09
N GLY A 8 -22.11 -2.26 12.15
CA GLY A 8 -22.26 -3.00 13.40
C GLY A 8 -21.39 -4.24 13.45
N GLN A 9 -21.90 -5.30 14.08
CA GLN A 9 -21.16 -6.55 14.20
C GLN A 9 -21.58 -7.56 13.14
N ASN A 10 -22.86 -7.54 12.76
CA ASN A 10 -23.36 -8.47 11.76
C ASN A 10 -22.77 -8.19 10.38
N LEU A 11 -22.44 -6.93 10.12
CA LEU A 11 -21.86 -6.53 8.84
C LEU A 11 -20.38 -6.90 8.78
N SER A 12 -19.69 -6.80 9.91
CA SER A 12 -18.28 -7.13 9.97
C SER A 12 -18.07 -8.62 9.78
N THR A 13 -19.10 -9.40 10.12
CA THR A 13 -19.03 -10.85 9.98
C THR A 13 -19.13 -11.27 8.51
N VAL A 14 -20.06 -10.65 7.79
CA VAL A 14 -20.25 -10.95 6.37
C VAL A 14 -19.17 -10.30 5.53
N LEU A 15 -18.81 -9.06 5.87
CA LEU A 15 -17.77 -8.33 5.14
C LEU A 15 -16.39 -8.61 5.73
N ALA A 16 -16.27 -9.69 6.52
CA ALA A 16 -15.01 -10.05 7.14
C ALA A 16 -14.06 -10.68 6.13
N ASN A 17 -14.57 -11.02 4.95
CA ASN A 17 -13.76 -11.64 3.90
C ASN A 17 -13.06 -10.58 3.05
N LEU A 18 -12.95 -9.36 3.58
CA LEU A 18 -12.33 -8.27 2.87
C LEU A 18 -11.11 -7.76 3.64
N THR A 19 -10.09 -8.61 3.79
CA THR A 19 -8.89 -8.23 4.51
C THR A 19 -7.92 -7.47 3.61
N PRO A 20 -7.45 -8.08 2.50
CA PRO A 20 -6.51 -7.43 1.58
C PRO A 20 -7.16 -6.27 0.82
N GLU A 21 -8.49 -6.20 0.85
CA GLU A 21 -9.21 -5.14 0.15
C GLU A 21 -9.19 -3.85 0.97
N GLN A 22 -9.49 -3.96 2.26
CA GLN A 22 -9.52 -2.80 3.14
C GLN A 22 -8.10 -2.33 3.46
N GLN A 23 -7.25 -3.27 3.86
CA GLN A 23 -5.87 -2.95 4.20
C GLN A 23 -5.19 -2.24 3.03
N LYS A 24 -5.21 -2.86 1.86
CA LYS A 24 -4.59 -2.25 0.68
C LYS A 24 -5.16 -0.86 0.41
N ASN A 25 -6.37 -0.62 0.89
CA ASN A 25 -7.02 0.67 0.69
C ASN A 25 -6.51 1.71 1.69
N VAL A 26 -6.60 1.40 2.97
CA VAL A 26 -6.15 2.31 4.01
C VAL A 26 -4.69 2.71 3.80
N LEU A 27 -3.86 1.72 3.50
CA LEU A 27 -2.44 1.95 3.27
C LEU A 27 -2.23 2.99 2.18
N GLY A 28 -2.94 2.84 1.06
CA GLY A 28 -2.80 3.78 -0.05
C GLY A 28 -3.15 5.20 0.35
N GLU A 29 -4.17 5.37 1.19
CA GLU A 29 -4.57 6.69 1.64
C GLU A 29 -3.53 7.25 2.59
N ARG A 30 -3.16 6.45 3.59
CA ARG A 30 -2.17 6.86 4.58
C ARG A 30 -0.79 6.96 3.93
N LEU A 31 -0.65 6.37 2.74
CA LEU A 31 0.61 6.40 2.02
C LEU A 31 0.88 7.78 1.45
N TYR A 32 -0.01 8.22 0.59
CA TYR A 32 0.10 9.53 -0.05
C TYR A 32 0.41 10.63 0.95
N ASN A 33 -0.05 10.46 2.18
CA ASN A 33 0.16 11.46 3.23
C ASN A 33 1.61 11.55 3.68
N HIS A 34 2.27 10.41 3.80
CA HIS A 34 3.66 10.40 4.24
C HIS A 34 4.55 11.12 3.23
N ILE A 35 4.26 10.90 1.96
CA ILE A 35 5.04 11.47 0.86
C ILE A 35 4.43 12.77 0.31
N VAL A 36 3.13 12.99 0.48
CA VAL A 36 2.52 14.22 -0.03
C VAL A 36 3.26 15.45 0.49
N ALA A 37 3.51 15.47 1.79
CA ALA A 37 4.20 16.58 2.42
C ALA A 37 5.70 16.50 2.17
N ILE A 38 6.18 15.28 1.88
CA ILE A 38 7.60 15.07 1.63
C ILE A 38 7.92 15.22 0.15
N ASN A 39 7.40 14.31 -0.67
CA ASN A 39 7.63 14.34 -2.11
C ASN A 39 6.30 14.39 -2.87
N PRO A 40 5.65 15.57 -2.90
CA PRO A 40 4.36 15.73 -3.60
C PRO A 40 4.41 15.23 -5.04
N ALA A 41 5.59 15.37 -5.66
CA ALA A 41 5.76 14.93 -7.05
C ALA A 41 6.17 13.47 -7.13
N ALA A 42 5.51 12.63 -6.35
CA ALA A 42 5.79 11.20 -6.34
C ALA A 42 4.60 10.44 -5.76
N ALA A 43 4.01 11.01 -4.71
CA ALA A 43 2.85 10.43 -4.03
C ALA A 43 1.93 9.75 -5.03
N ALA A 44 1.47 10.50 -6.02
CA ALA A 44 0.58 9.99 -7.05
C ALA A 44 1.09 8.69 -7.63
N LYS A 45 2.41 8.57 -7.74
CA LYS A 45 3.05 7.39 -8.28
C LYS A 45 3.32 6.35 -7.19
N VAL A 46 3.87 6.81 -6.07
CA VAL A 46 4.19 5.92 -4.96
C VAL A 46 2.93 5.24 -4.42
N THR A 47 1.87 6.02 -4.26
CA THR A 47 0.60 5.50 -3.75
C THR A 47 -0.06 4.56 -4.76
N GLY A 48 -0.23 5.05 -5.99
CA GLY A 48 -0.87 4.25 -7.01
C GLY A 48 -0.04 3.07 -7.41
N MET A 49 1.23 3.31 -7.72
CA MET A 49 2.13 2.23 -8.11
C MET A 49 2.50 1.37 -6.92
N LEU A 50 2.89 2.04 -5.81
CA LEU A 50 3.33 1.36 -4.58
C LEU A 50 3.69 -0.11 -4.81
N LEU A 51 2.70 -0.92 -5.15
CA LEU A 51 2.91 -2.34 -5.40
C LEU A 51 3.68 -2.55 -6.70
N GLU A 52 4.93 -2.09 -6.72
CA GLU A 52 5.77 -2.25 -7.90
C GLU A 52 6.72 -3.43 -7.73
N MET A 53 7.58 -3.63 -8.72
CA MET A 53 8.53 -4.72 -8.68
C MET A 53 9.42 -4.61 -7.43
N ASP A 54 10.14 -3.51 -7.33
CA ASP A 54 11.02 -3.27 -6.19
C ASP A 54 10.32 -2.47 -5.11
N ASN A 55 10.06 -1.18 -5.39
CA ASN A 55 9.39 -0.31 -4.44
C ASN A 55 8.20 -1.03 -3.79
N GLY A 56 7.62 -1.97 -4.52
CA GLY A 56 6.49 -2.72 -3.99
C GLY A 56 6.91 -3.72 -2.94
N GLU A 57 7.77 -4.68 -3.30
CA GLU A 57 8.22 -5.69 -2.35
C GLU A 57 8.38 -5.14 -0.94
N ILE A 58 9.06 -4.00 -0.85
CA ILE A 58 9.27 -3.35 0.45
C ILE A 58 7.93 -2.99 1.09
N LEU A 59 7.02 -2.47 0.28
CA LEU A 59 5.68 -2.08 0.74
C LEU A 59 5.14 -3.06 1.79
N ASN A 60 5.47 -4.34 1.61
CA ASN A 60 5.02 -5.39 2.51
C ASN A 60 5.22 -4.99 3.98
N LEU A 61 6.25 -4.19 4.24
CA LEU A 61 6.54 -3.74 5.60
C LEU A 61 6.65 -2.22 5.67
N LEU A 62 5.59 -1.53 5.24
CA LEU A 62 5.57 -0.06 5.22
C LEU A 62 6.45 0.53 6.32
N ASP A 63 7.71 0.81 5.97
CA ASP A 63 8.66 1.38 6.91
C ASP A 63 9.00 2.81 6.54
N THR A 64 9.66 3.52 7.46
CA THR A 64 10.02 4.90 7.22
C THR A 64 11.19 5.00 6.24
N PRO A 65 12.29 4.28 6.50
CA PRO A 65 13.45 4.32 5.61
C PRO A 65 13.25 3.47 4.34
N GLY A 66 13.10 2.16 4.53
CA GLY A 66 12.92 1.25 3.40
C GLY A 66 11.92 1.78 2.39
N LEU A 67 10.69 1.99 2.83
CA LEU A 67 9.66 2.51 1.96
C LEU A 67 10.06 3.84 1.34
N LEU A 68 10.12 4.88 2.18
CA LEU A 68 10.49 6.22 1.70
C LEU A 68 11.64 6.18 0.71
N ASP A 69 12.69 5.44 1.04
CA ASP A 69 13.85 5.32 0.15
C ASP A 69 13.41 4.77 -1.21
N ALA A 70 12.84 3.57 -1.20
CA ALA A 70 12.37 2.95 -2.44
C ALA A 70 11.15 3.67 -3.00
N LYS A 71 10.61 4.63 -2.26
CA LYS A 71 9.45 5.39 -2.69
C LYS A 71 9.87 6.52 -3.63
N VAL A 72 10.78 7.36 -3.18
CA VAL A 72 11.26 8.49 -3.98
C VAL A 72 12.21 8.01 -5.06
N GLN A 73 13.19 7.19 -4.66
CA GLN A 73 14.18 6.67 -5.61
C GLN A 73 13.49 6.04 -6.81
N GLU A 74 12.61 5.08 -6.57
CA GLU A 74 11.89 4.41 -7.63
C GLU A 74 10.95 5.37 -8.34
N ALA A 75 10.26 6.20 -7.57
CA ALA A 75 9.33 7.17 -8.13
C ALA A 75 10.05 8.14 -9.05
N LEU A 76 11.24 8.56 -8.65
CA LEU A 76 12.02 9.50 -9.43
C LEU A 76 12.83 8.79 -10.52
N GLU A 77 13.27 7.57 -10.23
CA GLU A 77 14.04 6.78 -11.19
C GLU A 77 13.25 6.59 -12.49
N VAL A 78 12.05 6.03 -12.35
CA VAL A 78 11.20 5.77 -13.50
C VAL A 78 10.23 6.92 -13.74
N LEU A 79 9.55 7.37 -12.68
CA LEU A 79 8.60 8.47 -12.80
C LEU A 79 7.41 8.08 -13.67
N ASN A 80 6.64 9.08 -14.09
CA ASN A 80 5.46 8.84 -14.95
C ASN A 80 5.86 8.30 -16.31
N ARG A 81 7.16 8.16 -16.56
CA ARG A 81 7.65 7.62 -17.83
C ARG A 81 7.34 6.13 -17.95
N HIS A 82 6.23 5.71 -17.33
CA HIS A 82 5.82 4.32 -17.34
C HIS A 82 5.19 3.96 -18.70
N MET A 83 5.96 3.27 -19.54
CA MET A 83 5.49 2.88 -20.85
C MET A 83 6.25 1.67 -21.37
N ASN A 84 7.58 1.71 -21.24
CA ASN A 84 8.43 0.61 -21.70
C ASN A 84 8.58 -0.43 -20.60
N VAL A 85 8.57 0.02 -19.35
CA VAL A 85 8.70 -0.89 -18.20
C VAL A 85 7.38 -1.00 -17.44
N GLY A 1 -17.64 -22.49 24.19
CA GLY A 1 -17.22 -23.01 25.52
C GLY A 1 -15.73 -23.26 25.61
N SER A 2 -15.35 -24.46 26.05
CA SER A 2 -13.94 -24.81 26.19
C SER A 2 -13.28 -24.01 27.29
N SER A 3 -12.03 -24.37 27.61
CA SER A 3 -11.29 -23.67 28.66
C SER A 3 -10.67 -22.38 28.15
N LEU A 4 -10.80 -22.13 26.84
CA LEU A 4 -10.25 -20.92 26.25
C LEU A 4 -11.21 -19.75 26.40
N ALA A 5 -10.79 -18.74 27.14
CA ALA A 5 -11.62 -17.57 27.38
C ALA A 5 -11.96 -16.84 26.07
N SER A 6 -11.01 -16.05 25.57
CA SER A 6 -11.21 -15.31 24.34
C SER A 6 -10.33 -15.86 23.22
N GLN A 7 -10.94 -16.56 22.28
CA GLN A 7 -10.21 -17.15 21.16
C GLN A 7 -9.86 -16.09 20.12
N GLY A 8 -8.58 -15.86 19.93
CA GLY A 8 -8.14 -14.88 18.95
C GLY A 8 -8.19 -15.43 17.54
N GLN A 9 -7.90 -16.72 17.41
CA GLN A 9 -7.92 -17.38 16.10
C GLN A 9 -9.35 -17.58 15.61
N ASN A 10 -10.32 -17.50 16.52
CA ASN A 10 -11.72 -17.67 16.14
C ASN A 10 -12.19 -16.48 15.33
N LEU A 11 -12.56 -15.40 16.02
CA LEU A 11 -13.04 -14.19 15.36
C LEU A 11 -12.12 -13.79 14.22
N SER A 12 -10.85 -14.16 14.32
CA SER A 12 -9.87 -13.84 13.29
C SER A 12 -10.27 -14.48 11.96
N THR A 13 -10.67 -15.75 12.03
CA THR A 13 -11.08 -16.47 10.83
C THR A 13 -12.58 -16.31 10.55
N VAL A 14 -13.23 -15.44 11.34
CA VAL A 14 -14.67 -15.21 11.15
C VAL A 14 -14.91 -14.01 10.24
N LEU A 15 -14.16 -12.93 10.47
CA LEU A 15 -14.30 -11.72 9.66
C LEU A 15 -13.46 -11.81 8.39
N ALA A 16 -13.14 -13.03 7.97
CA ALA A 16 -12.35 -13.23 6.77
C ALA A 16 -13.18 -12.92 5.52
N ASN A 17 -13.32 -11.63 5.24
CA ASN A 17 -14.08 -11.19 4.07
C ASN A 17 -13.23 -10.29 3.19
N LEU A 18 -12.98 -9.07 3.66
CA LEU A 18 -12.17 -8.12 2.92
C LEU A 18 -11.01 -7.61 3.78
N THR A 19 -10.01 -8.47 4.00
CA THR A 19 -8.86 -8.10 4.81
C THR A 19 -7.74 -7.50 3.95
N PRO A 20 -7.23 -8.25 2.95
CA PRO A 20 -6.16 -7.77 2.08
C PRO A 20 -6.64 -6.68 1.14
N GLU A 21 -7.94 -6.66 0.86
CA GLU A 21 -8.53 -5.68 -0.03
C GLU A 21 -8.76 -4.37 0.72
N GLN A 22 -9.33 -4.45 1.91
CA GLN A 22 -9.61 -3.26 2.71
C GLN A 22 -8.33 -2.72 3.32
N GLN A 23 -7.62 -3.59 4.05
CA GLN A 23 -6.36 -3.19 4.69
C GLN A 23 -5.47 -2.45 3.70
N LYS A 24 -5.44 -2.92 2.46
CA LYS A 24 -4.62 -2.32 1.42
C LYS A 24 -5.14 -0.93 1.03
N ASN A 25 -6.46 -0.77 1.06
CA ASN A 25 -7.07 0.51 0.71
C ASN A 25 -6.56 1.64 1.61
N VAL A 26 -6.68 1.45 2.92
CA VAL A 26 -6.22 2.46 3.87
C VAL A 26 -4.75 2.77 3.69
N LEU A 27 -3.96 1.74 3.39
CA LEU A 27 -2.53 1.92 3.19
C LEU A 27 -2.24 3.01 2.18
N GLY A 28 -2.96 3.00 1.06
CA GLY A 28 -2.76 3.99 0.04
C GLY A 28 -3.03 5.41 0.53
N GLU A 29 -4.10 5.57 1.30
CA GLU A 29 -4.46 6.88 1.84
C GLU A 29 -3.32 7.40 2.72
N ARG A 30 -2.91 6.59 3.68
CA ARG A 30 -1.82 6.98 4.58
C ARG A 30 -0.48 7.03 3.84
N LEU A 31 -0.46 6.47 2.63
CA LEU A 31 0.76 6.46 1.83
C LEU A 31 1.03 7.84 1.22
N TYR A 32 0.09 8.32 0.42
CA TYR A 32 0.21 9.61 -0.24
C TYR A 32 0.56 10.72 0.75
N ASN A 33 0.07 10.61 1.97
CA ASN A 33 0.34 11.61 3.01
C ASN A 33 1.79 11.59 3.46
N HIS A 34 2.36 10.40 3.54
CA HIS A 34 3.74 10.27 3.98
C HIS A 34 4.68 10.97 3.01
N ILE A 35 4.39 10.81 1.73
CA ILE A 35 5.21 11.38 0.67
C ILE A 35 4.72 12.74 0.16
N VAL A 36 3.41 12.95 0.13
CA VAL A 36 2.86 14.22 -0.37
C VAL A 36 3.63 15.40 0.24
N ALA A 37 3.82 15.36 1.56
CA ALA A 37 4.55 16.42 2.25
C ALA A 37 6.04 16.34 1.95
N ILE A 38 6.52 15.14 1.64
CA ILE A 38 7.94 14.94 1.35
C ILE A 38 8.25 15.06 -0.15
N ASN A 39 7.68 14.16 -0.94
CA ASN A 39 7.88 14.18 -2.38
C ASN A 39 6.54 14.30 -3.12
N PRO A 40 5.93 15.50 -3.11
CA PRO A 40 4.65 15.72 -3.76
C PRO A 40 4.63 15.23 -5.20
N ALA A 41 5.73 15.46 -5.92
CA ALA A 41 5.85 15.04 -7.30
C ALA A 41 6.23 13.56 -7.39
N ALA A 42 5.56 12.73 -6.61
CA ALA A 42 5.82 11.30 -6.60
C ALA A 42 4.64 10.54 -6.02
N ALA A 43 4.06 11.07 -4.94
CA ALA A 43 2.92 10.45 -4.27
C ALA A 43 1.98 9.81 -5.30
N ALA A 44 1.59 10.59 -6.30
CA ALA A 44 0.69 10.11 -7.34
C ALA A 44 1.19 8.79 -7.93
N LYS A 45 2.50 8.68 -8.12
CA LYS A 45 3.10 7.48 -8.68
C LYS A 45 3.38 6.46 -7.57
N VAL A 46 3.97 6.93 -6.48
CA VAL A 46 4.28 6.05 -5.36
C VAL A 46 3.03 5.40 -4.79
N THR A 47 2.05 6.23 -4.42
CA THR A 47 0.80 5.74 -3.84
C THR A 47 0.05 4.82 -4.80
N GLY A 48 -0.15 5.28 -6.02
CA GLY A 48 -0.88 4.50 -7.00
C GLY A 48 -0.11 3.27 -7.45
N MET A 49 1.10 3.49 -7.92
CA MET A 49 1.95 2.39 -8.38
C MET A 49 2.35 1.52 -7.20
N LEU A 50 2.85 2.17 -6.13
CA LEU A 50 3.31 1.49 -4.91
C LEU A 50 3.63 0.01 -5.11
N LEU A 51 2.60 -0.78 -5.39
CA LEU A 51 2.78 -2.22 -5.60
C LEU A 51 3.59 -2.48 -6.87
N GLU A 52 4.89 -2.22 -6.80
CA GLU A 52 5.77 -2.43 -7.94
C GLU A 52 6.53 -3.75 -7.80
N MET A 53 7.20 -4.14 -8.87
CA MET A 53 7.96 -5.39 -8.88
C MET A 53 8.95 -5.45 -7.73
N ASP A 54 9.89 -4.50 -7.69
CA ASP A 54 10.90 -4.45 -6.63
C ASP A 54 10.44 -3.54 -5.50
N ASN A 55 10.45 -2.24 -5.75
CA ASN A 55 10.04 -1.26 -4.74
C ASN A 55 8.78 -1.73 -4.01
N GLY A 56 7.97 -2.50 -4.72
CA GLY A 56 6.74 -3.02 -4.13
C GLY A 56 7.00 -4.05 -3.06
N GLU A 57 7.68 -5.15 -3.42
CA GLU A 57 7.96 -6.22 -2.44
C GLU A 57 8.16 -5.68 -1.03
N ILE A 58 9.09 -4.74 -0.90
CA ILE A 58 9.38 -4.13 0.40
C ILE A 58 8.12 -3.52 1.00
N LEU A 59 7.36 -2.81 0.17
CA LEU A 59 6.12 -2.16 0.58
C LEU A 59 5.36 -3.00 1.61
N ASN A 60 5.42 -4.32 1.45
CA ASN A 60 4.72 -5.23 2.35
C ASN A 60 5.01 -4.88 3.81
N LEU A 61 6.16 -4.23 4.06
CA LEU A 61 6.53 -3.85 5.42
C LEU A 61 6.63 -2.33 5.56
N LEU A 62 5.57 -1.63 5.14
CA LEU A 62 5.50 -0.17 5.20
C LEU A 62 6.34 0.39 6.36
N ASP A 63 7.63 0.64 6.08
CA ASP A 63 8.54 1.16 7.09
C ASP A 63 8.83 2.64 6.88
N THR A 64 9.45 3.27 7.86
CA THR A 64 9.78 4.69 7.76
C THR A 64 10.95 4.91 6.82
N PRO A 65 12.07 4.20 7.03
CA PRO A 65 13.25 4.34 6.17
C PRO A 65 13.09 3.63 4.83
N GLY A 66 12.97 2.30 4.87
CA GLY A 66 12.83 1.51 3.66
C GLY A 66 11.80 2.09 2.70
N LEU A 67 10.57 2.22 3.16
CA LEU A 67 9.49 2.75 2.34
C LEU A 67 9.81 4.15 1.84
N LEU A 68 9.80 5.13 2.75
CA LEU A 68 10.07 6.52 2.40
C LEU A 68 11.29 6.63 1.47
N ASP A 69 12.23 5.71 1.64
CA ASP A 69 13.43 5.71 0.82
C ASP A 69 13.11 5.14 -0.56
N ALA A 70 12.62 3.90 -0.58
CA ALA A 70 12.28 3.23 -1.82
C ALA A 70 11.09 3.89 -2.52
N LYS A 71 10.48 4.89 -1.88
CA LYS A 71 9.33 5.59 -2.45
C LYS A 71 9.79 6.69 -3.40
N VAL A 72 10.62 7.59 -2.89
CA VAL A 72 11.14 8.71 -3.69
C VAL A 72 12.01 8.21 -4.83
N GLN A 73 12.90 7.27 -4.54
CA GLN A 73 13.80 6.73 -5.55
C GLN A 73 13.00 6.11 -6.70
N GLU A 74 12.12 5.19 -6.37
CA GLU A 74 11.29 4.52 -7.36
C GLU A 74 10.42 5.51 -8.11
N ALA A 75 9.94 6.54 -7.40
CA ALA A 75 9.08 7.56 -8.02
C ALA A 75 9.87 8.49 -8.92
N LEU A 76 10.92 9.08 -8.37
CA LEU A 76 11.74 10.00 -9.13
C LEU A 76 12.44 9.25 -10.27
N GLU A 77 12.66 7.96 -10.07
CA GLU A 77 13.30 7.13 -11.08
C GLU A 77 12.32 6.78 -12.20
N VAL A 78 11.12 6.35 -11.80
CA VAL A 78 10.09 5.99 -12.77
C VAL A 78 9.59 7.21 -13.54
N LEU A 79 9.92 8.39 -13.04
CA LEU A 79 9.51 9.64 -13.68
C LEU A 79 10.12 9.77 -15.07
N ASN A 80 11.44 9.95 -15.12
CA ASN A 80 12.15 10.08 -16.40
C ASN A 80 12.33 8.73 -17.07
N ARG A 81 11.67 7.70 -16.55
CA ARG A 81 11.76 6.36 -17.12
C ARG A 81 10.96 6.29 -18.43
N HIS A 82 10.67 7.45 -19.01
CA HIS A 82 9.92 7.53 -20.26
C HIS A 82 10.78 7.09 -21.44
N MET A 83 10.95 5.78 -21.60
CA MET A 83 11.76 5.24 -22.69
C MET A 83 10.88 4.87 -23.88
N ASN A 84 10.09 3.83 -23.72
CA ASN A 84 9.20 3.37 -24.79
C ASN A 84 7.82 4.01 -24.68
N VAL A 85 7.16 3.77 -23.54
CA VAL A 85 5.84 4.33 -23.30
C VAL A 85 5.82 5.18 -22.03
N GLY A 1 -28.07 -23.91 -5.29
CA GLY A 1 -28.36 -23.65 -3.86
C GLY A 1 -29.52 -24.47 -3.34
N SER A 2 -29.65 -24.53 -2.02
CA SER A 2 -30.73 -25.29 -1.39
C SER A 2 -31.45 -24.44 -0.35
N SER A 3 -32.74 -24.70 -0.17
CA SER A 3 -33.54 -23.95 0.79
C SER A 3 -33.61 -24.69 2.13
N LEU A 4 -32.59 -25.51 2.40
CA LEU A 4 -32.55 -26.26 3.65
C LEU A 4 -31.87 -25.44 4.75
N ALA A 5 -31.75 -26.04 5.93
CA ALA A 5 -31.13 -25.38 7.08
C ALA A 5 -29.73 -24.87 6.76
N SER A 6 -29.46 -23.63 7.15
CA SER A 6 -28.16 -23.02 6.91
C SER A 6 -27.09 -23.61 7.83
N GLN A 7 -25.87 -23.09 7.74
CA GLN A 7 -24.77 -23.57 8.57
C GLN A 7 -24.65 -22.77 9.86
N GLY A 8 -23.73 -23.20 10.73
CA GLY A 8 -23.53 -22.52 11.99
C GLY A 8 -22.52 -21.39 11.90
N GLN A 9 -21.43 -21.63 11.19
CA GLN A 9 -20.39 -20.61 11.02
C GLN A 9 -20.68 -19.71 9.83
N ASN A 10 -21.94 -19.29 9.71
CA ASN A 10 -22.35 -18.43 8.61
C ASN A 10 -21.71 -17.05 8.75
N LEU A 11 -21.77 -16.49 9.95
CA LEU A 11 -21.21 -15.17 10.22
C LEU A 11 -19.70 -15.16 10.00
N SER A 12 -19.05 -16.27 10.33
CA SER A 12 -17.60 -16.39 10.18
C SER A 12 -17.19 -16.16 8.72
N THR A 13 -18.07 -16.51 7.79
CA THR A 13 -17.78 -16.34 6.37
C THR A 13 -18.45 -15.07 5.80
N VAL A 14 -19.16 -14.34 6.66
CA VAL A 14 -19.82 -13.11 6.24
C VAL A 14 -18.83 -11.94 6.23
N LEU A 15 -17.84 -12.02 7.10
CA LEU A 15 -16.82 -10.98 7.21
C LEU A 15 -15.81 -11.11 6.08
N ALA A 16 -15.42 -12.36 5.77
CA ALA A 16 -14.47 -12.62 4.70
C ALA A 16 -15.03 -12.17 3.36
N ASN A 17 -14.90 -10.88 3.08
CA ASN A 17 -15.39 -10.31 1.82
C ASN A 17 -14.30 -9.54 1.10
N LEU A 18 -13.94 -8.38 1.65
CA LEU A 18 -12.92 -7.53 1.05
C LEU A 18 -11.81 -7.23 2.06
N THR A 19 -10.85 -8.13 2.18
CA THR A 19 -9.74 -7.96 3.11
C THR A 19 -8.55 -7.24 2.47
N PRO A 20 -8.01 -7.74 1.35
CA PRO A 20 -6.87 -7.12 0.68
C PRO A 20 -7.20 -5.76 0.08
N GLU A 21 -8.48 -5.55 -0.23
CA GLU A 21 -8.93 -4.29 -0.81
C GLU A 21 -9.06 -3.23 0.29
N GLN A 22 -9.66 -3.62 1.41
CA GLN A 22 -9.85 -2.69 2.53
C GLN A 22 -8.54 -2.46 3.25
N GLN A 23 -7.91 -3.56 3.70
CA GLN A 23 -6.64 -3.48 4.42
C GLN A 23 -5.62 -2.67 3.64
N LYS A 24 -5.70 -2.74 2.30
CA LYS A 24 -4.79 -2.01 1.45
C LYS A 24 -5.16 -0.52 1.40
N ASN A 25 -6.45 -0.25 1.47
CA ASN A 25 -6.95 1.12 1.42
C ASN A 25 -6.29 1.98 2.48
N VAL A 26 -6.34 1.54 3.73
CA VAL A 26 -5.73 2.28 4.83
C VAL A 26 -4.25 2.57 4.55
N LEU A 27 -3.55 1.54 4.09
CA LEU A 27 -2.13 1.67 3.78
C LEU A 27 -1.90 2.79 2.76
N GLY A 28 -2.67 2.77 1.68
CA GLY A 28 -2.53 3.78 0.64
C GLY A 28 -2.80 5.19 1.16
N GLU A 29 -3.88 5.35 1.92
CA GLU A 29 -4.24 6.66 2.47
C GLU A 29 -3.08 7.20 3.31
N ARG A 30 -2.66 6.41 4.29
CA ARG A 30 -1.57 6.79 5.17
C ARG A 30 -0.24 6.82 4.41
N LEU A 31 -0.23 6.24 3.21
CA LEU A 31 0.97 6.19 2.39
C LEU A 31 1.24 7.53 1.74
N TYR A 32 0.30 7.97 0.90
CA TYR A 32 0.41 9.23 0.18
C TYR A 32 0.78 10.37 1.13
N ASN A 33 0.32 10.29 2.37
CA ASN A 33 0.59 11.33 3.36
C ASN A 33 2.06 11.35 3.76
N HIS A 34 2.67 10.18 3.90
CA HIS A 34 4.06 10.11 4.29
C HIS A 34 4.95 10.80 3.26
N ILE A 35 4.61 10.59 2.00
CA ILE A 35 5.37 11.13 0.87
C ILE A 35 4.79 12.44 0.32
N VAL A 36 3.49 12.67 0.47
CA VAL A 36 2.90 13.91 -0.07
C VAL A 36 3.70 15.14 0.36
N ALA A 37 3.92 15.27 1.66
CA ALA A 37 4.68 16.40 2.19
C ALA A 37 6.15 16.30 1.81
N ILE A 38 6.61 15.07 1.59
CA ILE A 38 8.01 14.83 1.24
C ILE A 38 8.25 14.93 -0.27
N ASN A 39 7.68 14.00 -1.03
CA ASN A 39 7.83 14.01 -2.49
C ASN A 39 6.47 14.06 -3.17
N PRO A 40 5.85 15.26 -3.24
CA PRO A 40 4.54 15.44 -3.88
C PRO A 40 4.48 14.87 -5.29
N ALA A 41 5.62 14.85 -5.97
CA ALA A 41 5.70 14.34 -7.33
C ALA A 41 6.09 12.87 -7.35
N ALA A 42 5.48 12.10 -6.46
CA ALA A 42 5.77 10.66 -6.38
C ALA A 42 4.63 9.93 -5.67
N ALA A 43 4.09 10.55 -4.61
CA ALA A 43 3.00 9.96 -3.85
C ALA A 43 1.99 9.29 -4.78
N ALA A 44 1.54 10.04 -5.78
CA ALA A 44 0.59 9.52 -6.75
C ALA A 44 1.05 8.19 -7.35
N LYS A 45 2.37 8.07 -7.52
CA LYS A 45 2.95 6.85 -8.08
C LYS A 45 3.24 5.84 -6.99
N VAL A 46 3.86 6.30 -5.91
CA VAL A 46 4.19 5.44 -4.79
C VAL A 46 2.94 4.81 -4.19
N THR A 47 1.95 5.65 -3.93
CA THR A 47 0.69 5.20 -3.34
C THR A 47 -0.07 4.26 -4.27
N GLY A 48 -0.26 4.67 -5.51
CA GLY A 48 -1.00 3.87 -6.46
C GLY A 48 -0.25 2.64 -6.90
N MET A 49 0.96 2.84 -7.42
CA MET A 49 1.76 1.71 -7.87
C MET A 49 2.25 0.89 -6.69
N LEU A 50 2.86 1.58 -5.72
CA LEU A 50 3.40 0.96 -4.50
C LEU A 50 3.86 -0.49 -4.72
N LEU A 51 2.91 -1.37 -5.02
CA LEU A 51 3.19 -2.78 -5.24
C LEU A 51 3.98 -2.99 -6.52
N GLU A 52 5.23 -2.53 -6.52
CA GLU A 52 6.09 -2.67 -7.69
C GLU A 52 6.89 -3.98 -7.59
N MET A 53 7.75 -4.22 -8.56
CA MET A 53 8.55 -5.45 -8.57
C MET A 53 9.61 -5.45 -7.47
N ASP A 54 10.53 -4.48 -7.54
CA ASP A 54 11.58 -4.39 -6.53
C ASP A 54 11.15 -3.49 -5.39
N ASN A 55 11.09 -2.19 -5.65
CA ASN A 55 10.68 -1.21 -4.64
C ASN A 55 9.38 -1.65 -3.97
N GLY A 56 8.59 -2.44 -4.68
CA GLY A 56 7.32 -2.91 -4.14
C GLY A 56 7.50 -3.88 -2.99
N GLU A 57 8.13 -5.03 -3.26
CA GLU A 57 8.35 -6.05 -2.23
C GLU A 57 8.63 -5.42 -0.88
N ILE A 58 9.60 -4.51 -0.83
CA ILE A 58 9.97 -3.83 0.41
C ILE A 58 8.74 -3.17 1.03
N LEU A 59 7.95 -2.51 0.19
CA LEU A 59 6.75 -1.82 0.63
C LEU A 59 6.03 -2.58 1.73
N ASN A 60 6.03 -3.91 1.61
CA ASN A 60 5.38 -4.78 2.58
C ASN A 60 5.70 -4.36 4.02
N LEU A 61 6.86 -3.73 4.21
CA LEU A 61 7.27 -3.30 5.55
C LEU A 61 7.21 -1.78 5.68
N LEU A 62 6.03 -1.21 5.38
CA LEU A 62 5.82 0.24 5.44
C LEU A 62 6.71 0.91 6.49
N ASP A 63 7.88 1.36 6.06
CA ASP A 63 8.84 2.01 6.94
C ASP A 63 9.03 3.48 6.59
N THR A 64 9.55 4.26 7.52
CA THR A 64 9.77 5.68 7.27
C THR A 64 10.97 5.88 6.35
N PRO A 65 12.11 5.23 6.64
CA PRO A 65 13.31 5.36 5.81
C PRO A 65 13.23 4.55 4.52
N GLY A 66 13.29 3.22 4.65
CA GLY A 66 13.24 2.34 3.50
C GLY A 66 12.15 2.72 2.51
N LEU A 67 10.91 2.77 2.99
CA LEU A 67 9.79 3.12 2.13
C LEU A 67 10.03 4.47 1.45
N LEU A 68 9.98 5.53 2.23
CA LEU A 68 10.18 6.88 1.69
C LEU A 68 11.45 6.96 0.83
N ASP A 69 12.44 6.12 1.12
CA ASP A 69 13.67 6.13 0.35
C ASP A 69 13.48 5.43 -1.00
N ALA A 70 13.14 4.14 -0.95
CA ALA A 70 12.93 3.38 -2.17
C ALA A 70 11.68 3.83 -2.91
N LYS A 71 10.79 4.53 -2.22
CA LYS A 71 9.54 4.99 -2.82
C LYS A 71 9.74 6.26 -3.66
N VAL A 72 10.31 7.31 -3.05
CA VAL A 72 10.54 8.57 -3.76
C VAL A 72 11.46 8.36 -4.96
N GLN A 73 12.48 7.55 -4.78
CA GLN A 73 13.43 7.26 -5.84
C GLN A 73 12.77 6.50 -6.97
N GLU A 74 12.12 5.39 -6.64
CA GLU A 74 11.45 4.57 -7.64
C GLU A 74 10.35 5.36 -8.35
N ALA A 75 9.56 6.08 -7.57
CA ALA A 75 8.48 6.89 -8.12
C ALA A 75 9.02 7.97 -9.05
N LEU A 76 10.00 8.72 -8.56
CA LEU A 76 10.60 9.79 -9.34
C LEU A 76 11.42 9.23 -10.51
N GLU A 77 11.90 8.00 -10.35
CA GLU A 77 12.69 7.35 -11.39
C GLU A 77 11.81 6.94 -12.58
N VAL A 78 10.70 6.28 -12.29
CA VAL A 78 9.79 5.83 -13.33
C VAL A 78 8.68 6.85 -13.58
N LEU A 79 8.47 7.74 -12.62
CA LEU A 79 7.44 8.77 -12.73
C LEU A 79 6.13 8.18 -13.25
N ASN A 80 5.21 9.06 -13.65
CA ASN A 80 3.92 8.62 -14.18
C ASN A 80 4.04 8.12 -15.60
N ARG A 81 5.26 7.83 -16.05
CA ARG A 81 5.49 7.32 -17.40
C ARG A 81 4.90 5.93 -17.57
N HIS A 82 4.19 5.45 -16.55
CA HIS A 82 3.56 4.14 -16.58
C HIS A 82 2.31 4.16 -17.46
N MET A 83 1.28 4.85 -17.01
CA MET A 83 0.02 4.96 -17.74
C MET A 83 -0.51 3.56 -18.13
N ASN A 84 -0.21 3.12 -19.36
CA ASN A 84 -0.66 1.81 -19.81
C ASN A 84 0.53 0.90 -20.07
N VAL A 85 1.57 1.04 -19.25
CA VAL A 85 2.77 0.24 -19.38
C VAL A 85 3.19 -0.36 -18.05
N GLY A 1 -27.89 -19.10 5.97
CA GLY A 1 -29.13 -18.41 5.51
C GLY A 1 -28.90 -16.95 5.17
N SER A 2 -29.33 -16.55 3.97
CA SER A 2 -29.17 -15.18 3.53
C SER A 2 -30.51 -14.46 3.43
N SER A 3 -31.58 -15.24 3.27
CA SER A 3 -32.92 -14.67 3.16
C SER A 3 -33.56 -14.51 4.53
N LEU A 4 -33.87 -15.64 5.16
CA LEU A 4 -34.48 -15.64 6.49
C LEU A 4 -33.43 -15.53 7.58
N ALA A 5 -32.63 -14.45 7.52
CA ALA A 5 -31.59 -14.23 8.50
C ALA A 5 -32.16 -13.69 9.80
N SER A 6 -31.64 -14.19 10.92
CA SER A 6 -32.10 -13.76 12.24
C SER A 6 -31.19 -12.68 12.80
N GLN A 7 -29.90 -12.81 12.55
CA GLN A 7 -28.92 -11.83 13.04
C GLN A 7 -29.04 -10.51 12.28
N GLY A 8 -28.94 -9.41 13.01
CA GLY A 8 -29.04 -8.10 12.39
C GLY A 8 -27.69 -7.52 12.01
N GLN A 9 -26.62 -8.23 12.37
CA GLN A 9 -25.26 -7.77 12.07
C GLN A 9 -24.71 -8.49 10.84
N ASN A 10 -25.51 -8.54 9.78
CA ASN A 10 -25.09 -9.20 8.55
C ASN A 10 -23.90 -8.47 7.91
N LEU A 11 -24.20 -7.42 7.15
CA LEU A 11 -23.16 -6.64 6.49
C LEU A 11 -22.03 -6.27 7.45
N SER A 12 -22.39 -5.90 8.67
CA SER A 12 -21.40 -5.52 9.68
C SER A 12 -20.39 -6.64 9.88
N THR A 13 -20.84 -7.87 9.73
CA THR A 13 -19.97 -9.03 9.89
C THR A 13 -19.31 -9.43 8.56
N VAL A 14 -19.89 -8.97 7.45
CA VAL A 14 -19.37 -9.28 6.13
C VAL A 14 -18.02 -8.62 5.89
N LEU A 15 -17.91 -7.34 6.23
CA LEU A 15 -16.67 -6.60 6.05
C LEU A 15 -15.55 -7.17 6.92
N ALA A 16 -15.93 -7.99 7.90
CA ALA A 16 -14.96 -8.60 8.81
C ALA A 16 -14.00 -9.52 8.07
N ASN A 17 -14.50 -10.16 7.01
CA ASN A 17 -13.69 -11.08 6.22
C ASN A 17 -12.88 -10.34 5.16
N LEU A 18 -13.06 -9.02 5.10
CA LEU A 18 -12.35 -8.20 4.12
C LEU A 18 -11.18 -7.47 4.77
N THR A 19 -10.19 -8.22 5.26
CA THR A 19 -9.03 -7.63 5.91
C THR A 19 -7.98 -7.22 4.88
N PRO A 20 -7.51 -8.15 4.01
CA PRO A 20 -6.50 -7.84 3.00
C PRO A 20 -7.04 -6.89 1.94
N GLU A 21 -8.32 -7.01 1.62
CA GLU A 21 -8.94 -6.17 0.60
C GLU A 21 -9.09 -4.74 1.10
N GLN A 22 -9.64 -4.57 2.29
CA GLN A 22 -9.84 -3.25 2.87
C GLN A 22 -8.50 -2.60 3.23
N GLN A 23 -7.72 -3.32 4.04
CA GLN A 23 -6.41 -2.82 4.47
C GLN A 23 -5.65 -2.19 3.30
N LYS A 24 -5.64 -2.88 2.16
CA LYS A 24 -4.95 -2.39 0.98
C LYS A 24 -5.46 -1.00 0.58
N ASN A 25 -6.76 -0.80 0.66
CA ASN A 25 -7.36 0.48 0.31
C ASN A 25 -6.78 1.61 1.16
N VAL A 26 -6.87 1.46 2.48
CA VAL A 26 -6.35 2.46 3.40
C VAL A 26 -4.87 2.73 3.17
N LEU A 27 -4.12 1.66 2.90
CA LEU A 27 -2.69 1.77 2.65
C LEU A 27 -2.39 2.91 1.68
N GLY A 28 -3.09 2.92 0.55
CA GLY A 28 -2.87 3.94 -0.45
C GLY A 28 -3.17 5.35 0.07
N GLU A 29 -4.34 5.52 0.68
CA GLU A 29 -4.72 6.82 1.22
C GLU A 29 -3.67 7.31 2.21
N ARG A 30 -3.38 6.49 3.21
CA ARG A 30 -2.37 6.84 4.21
C ARG A 30 -0.99 6.94 3.58
N LEU A 31 -0.84 6.33 2.40
CA LEU A 31 0.43 6.35 1.69
C LEU A 31 0.77 7.74 1.17
N TYR A 32 -0.11 8.25 0.32
CA TYR A 32 0.06 9.56 -0.29
C TYR A 32 0.40 10.62 0.75
N ASN A 33 -0.14 10.45 1.96
CA ASN A 33 0.11 11.41 3.04
C ASN A 33 1.55 11.37 3.51
N HIS A 34 2.11 10.18 3.58
CA HIS A 34 3.49 10.03 4.03
C HIS A 34 4.44 10.74 3.08
N ILE A 35 4.16 10.61 1.80
CA ILE A 35 5.00 11.19 0.76
C ILE A 35 4.52 12.55 0.24
N VAL A 36 3.22 12.82 0.29
CA VAL A 36 2.72 14.10 -0.19
C VAL A 36 3.51 15.26 0.40
N ALA A 37 3.68 15.24 1.72
CA ALA A 37 4.42 16.27 2.41
C ALA A 37 5.91 16.13 2.17
N ILE A 38 6.35 14.90 1.93
CA ILE A 38 7.77 14.62 1.68
C ILE A 38 8.16 14.80 0.23
N ASN A 39 7.63 13.95 -0.64
CA ASN A 39 7.92 14.01 -2.07
C ASN A 39 6.65 14.21 -2.88
N PRO A 40 6.17 15.46 -2.98
CA PRO A 40 4.96 15.79 -3.73
C PRO A 40 4.99 15.26 -5.15
N ALA A 41 6.15 15.34 -5.80
CA ALA A 41 6.31 14.87 -7.16
C ALA A 41 6.67 13.39 -7.20
N ALA A 42 5.93 12.59 -6.44
CA ALA A 42 6.16 11.16 -6.39
C ALA A 42 4.92 10.44 -5.88
N ALA A 43 4.29 10.99 -4.83
CA ALA A 43 3.09 10.41 -4.24
C ALA A 43 2.21 9.78 -5.32
N ALA A 44 1.90 10.57 -6.35
CA ALA A 44 1.07 10.10 -7.44
C ALA A 44 1.58 8.78 -8.02
N LYS A 45 2.90 8.69 -8.17
CA LYS A 45 3.53 7.49 -8.71
C LYS A 45 3.70 6.43 -7.63
N VAL A 46 4.14 6.87 -6.46
CA VAL A 46 4.37 5.97 -5.33
C VAL A 46 3.08 5.30 -4.88
N THR A 47 2.08 6.11 -4.57
CA THR A 47 0.80 5.60 -4.09
C THR A 47 0.14 4.71 -5.14
N GLY A 48 0.10 5.18 -6.38
CA GLY A 48 -0.52 4.42 -7.45
C GLY A 48 0.28 3.20 -7.85
N MET A 49 1.55 3.41 -8.19
CA MET A 49 2.41 2.31 -8.57
C MET A 49 2.71 1.42 -7.39
N LEU A 50 3.15 2.04 -6.28
CA LEU A 50 3.52 1.34 -5.04
C LEU A 50 3.81 -0.14 -5.24
N LEU A 51 2.78 -0.91 -5.56
CA LEU A 51 2.93 -2.35 -5.77
C LEU A 51 3.71 -2.65 -7.04
N GLU A 52 4.99 -2.25 -7.05
CA GLU A 52 5.86 -2.50 -8.18
C GLU A 52 6.46 -3.89 -8.11
N MET A 53 7.20 -4.28 -9.14
CA MET A 53 7.82 -5.59 -9.18
C MET A 53 8.88 -5.75 -8.10
N ASP A 54 9.92 -4.91 -8.16
CA ASP A 54 11.00 -4.98 -7.19
C ASP A 54 10.73 -4.03 -6.03
N ASN A 55 10.95 -2.74 -6.25
CA ASN A 55 10.73 -1.74 -5.22
C ASN A 55 9.40 -1.97 -4.51
N GLY A 56 8.45 -2.56 -5.23
CA GLY A 56 7.16 -2.83 -4.65
C GLY A 56 7.21 -3.88 -3.56
N GLU A 57 7.75 -5.06 -3.88
CA GLU A 57 7.84 -6.15 -2.90
C GLU A 57 8.15 -5.63 -1.50
N ILE A 58 9.19 -4.80 -1.41
CA ILE A 58 9.58 -4.24 -0.12
C ILE A 58 8.39 -3.56 0.55
N LEU A 59 7.66 -2.77 -0.22
CA LEU A 59 6.50 -2.03 0.27
C LEU A 59 5.66 -2.88 1.22
N ASN A 60 5.63 -4.18 0.97
CA ASN A 60 4.87 -5.10 1.82
C ASN A 60 5.07 -4.81 3.31
N LEU A 61 6.19 -4.17 3.64
CA LEU A 61 6.50 -3.83 5.01
C LEU A 61 6.51 -2.32 5.24
N LEU A 62 5.41 -1.65 4.87
CA LEU A 62 5.29 -0.19 5.02
C LEU A 62 6.12 0.35 6.18
N ASP A 63 7.34 0.78 5.86
CA ASP A 63 8.26 1.31 6.87
C ASP A 63 8.56 2.79 6.62
N THR A 64 9.12 3.46 7.62
CA THR A 64 9.45 4.87 7.50
C THR A 64 10.68 5.07 6.61
N PRO A 65 11.79 4.36 6.90
CA PRO A 65 13.00 4.47 6.10
C PRO A 65 12.88 3.75 4.75
N GLY A 66 12.81 2.42 4.81
CA GLY A 66 12.70 1.63 3.59
C GLY A 66 11.68 2.19 2.61
N LEU A 67 10.43 2.27 3.03
CA LEU A 67 9.36 2.78 2.17
C LEU A 67 9.68 4.18 1.68
N LEU A 68 9.63 5.15 2.59
CA LEU A 68 9.88 6.54 2.24
C LEU A 68 11.16 6.70 1.41
N ASP A 69 12.08 5.77 1.54
CA ASP A 69 13.34 5.84 0.79
C ASP A 69 13.16 5.18 -0.58
N ALA A 70 12.83 3.90 -0.58
CA ALA A 70 12.62 3.18 -1.83
C ALA A 70 11.44 3.77 -2.61
N LYS A 71 10.61 4.55 -1.93
CA LYS A 71 9.44 5.17 -2.55
C LYS A 71 9.83 6.45 -3.29
N VAL A 72 10.46 7.39 -2.58
CA VAL A 72 10.87 8.65 -3.17
C VAL A 72 11.83 8.46 -4.33
N GLN A 73 12.79 7.57 -4.14
CA GLN A 73 13.79 7.30 -5.17
C GLN A 73 13.18 6.58 -6.36
N GLU A 74 12.40 5.54 -6.09
CA GLU A 74 11.79 4.77 -7.16
C GLU A 74 10.79 5.61 -7.95
N ALA A 75 10.20 6.60 -7.32
CA ALA A 75 9.23 7.47 -7.98
C ALA A 75 9.95 8.60 -8.71
N LEU A 76 10.89 9.23 -8.04
CA LEU A 76 11.64 10.33 -8.63
C LEU A 76 12.57 9.81 -9.73
N GLU A 77 13.05 8.59 -9.56
CA GLU A 77 13.94 7.98 -10.54
C GLU A 77 13.19 7.71 -11.84
N VAL A 78 12.03 7.07 -11.71
CA VAL A 78 11.21 6.73 -12.87
C VAL A 78 10.44 7.95 -13.36
N LEU A 79 9.83 8.70 -12.44
CA LEU A 79 9.07 9.89 -12.79
C LEU A 79 8.00 9.57 -13.84
N ASN A 80 7.41 10.62 -14.39
CA ASN A 80 6.37 10.47 -15.41
C ASN A 80 6.93 9.82 -16.68
N ARG A 81 8.25 9.62 -16.74
CA ARG A 81 8.88 9.00 -17.91
C ARG A 81 8.43 7.54 -18.08
N HIS A 82 7.24 7.22 -17.57
CA HIS A 82 6.70 5.88 -17.67
C HIS A 82 6.24 5.59 -19.08
N MET A 83 6.72 4.50 -19.65
CA MET A 83 6.35 4.11 -21.01
C MET A 83 6.17 2.59 -21.11
N ASN A 84 7.27 1.86 -21.00
CA ASN A 84 7.23 0.40 -21.09
C ASN A 84 7.63 -0.24 -19.76
N VAL A 85 8.92 -0.17 -19.44
CA VAL A 85 9.44 -0.74 -18.20
C VAL A 85 10.35 0.24 -17.47
N GLY A 1 -11.47 -23.18 25.19
CA GLY A 1 -12.16 -23.68 26.42
C GLY A 1 -12.23 -22.62 27.51
N SER A 2 -13.44 -22.22 27.86
CA SER A 2 -13.65 -21.20 28.90
C SER A 2 -15.13 -20.91 29.14
N SER A 3 -16.00 -21.38 28.24
CA SER A 3 -17.43 -21.15 28.35
C SER A 3 -17.78 -19.70 28.04
N LEU A 4 -17.31 -18.78 28.88
CA LEU A 4 -17.58 -17.37 28.68
C LEU A 4 -16.83 -16.83 27.46
N ALA A 5 -15.50 -16.77 27.58
CA ALA A 5 -14.67 -16.28 26.49
C ALA A 5 -14.57 -17.30 25.37
N SER A 6 -15.62 -17.40 24.56
CA SER A 6 -15.65 -18.34 23.45
C SER A 6 -15.09 -17.69 22.19
N GLN A 7 -13.77 -17.73 22.03
CA GLN A 7 -13.12 -17.14 20.88
C GLN A 7 -12.80 -18.20 19.83
N GLY A 8 -13.80 -18.52 19.00
CA GLY A 8 -13.61 -19.51 17.96
C GLY A 8 -12.95 -18.94 16.73
N GLN A 9 -12.69 -19.79 15.74
CA GLN A 9 -12.05 -19.37 14.50
C GLN A 9 -13.05 -18.69 13.57
N ASN A 10 -14.34 -18.82 13.88
CA ASN A 10 -15.39 -18.22 13.06
C ASN A 10 -15.36 -16.69 13.14
N LEU A 11 -14.74 -16.18 14.20
CA LEU A 11 -14.65 -14.74 14.41
C LEU A 11 -13.85 -14.07 13.28
N SER A 12 -12.73 -14.66 12.93
CA SER A 12 -11.88 -14.12 11.86
C SER A 12 -12.38 -14.58 10.50
N THR A 13 -13.20 -15.63 10.49
CA THR A 13 -13.75 -16.16 9.26
C THR A 13 -14.95 -15.34 8.78
N VAL A 14 -15.70 -14.79 9.72
CA VAL A 14 -16.87 -13.98 9.39
C VAL A 14 -16.44 -12.66 8.75
N LEU A 15 -15.37 -12.08 9.28
CA LEU A 15 -14.85 -10.82 8.76
C LEU A 15 -14.00 -11.05 7.51
N ALA A 16 -13.52 -12.27 7.34
CA ALA A 16 -12.69 -12.63 6.18
C ALA A 16 -13.46 -12.47 4.88
N ASN A 17 -13.62 -11.22 4.45
CA ASN A 17 -14.33 -10.92 3.21
C ASN A 17 -13.48 -10.07 2.29
N LEU A 18 -13.16 -8.86 2.75
CA LEU A 18 -12.35 -7.93 1.97
C LEU A 18 -11.12 -7.46 2.74
N THR A 19 -10.07 -8.28 2.71
CA THR A 19 -8.84 -7.95 3.40
C THR A 19 -7.90 -7.11 2.52
N PRO A 20 -7.64 -7.56 1.27
CA PRO A 20 -6.75 -6.84 0.36
C PRO A 20 -7.34 -5.51 -0.10
N GLU A 21 -8.65 -5.35 0.06
CA GLU A 21 -9.31 -4.12 -0.34
C GLU A 21 -9.23 -3.07 0.76
N GLN A 22 -9.55 -3.47 1.98
CA GLN A 22 -9.51 -2.56 3.12
C GLN A 22 -8.08 -2.19 3.46
N GLN A 23 -7.24 -3.20 3.67
CA GLN A 23 -5.84 -2.97 4.00
C GLN A 23 -5.19 -2.06 2.97
N LYS A 24 -5.32 -2.40 1.69
CA LYS A 24 -4.73 -1.58 0.63
C LYS A 24 -5.13 -0.12 0.79
N ASN A 25 -6.42 0.12 0.88
CA ASN A 25 -6.94 1.48 1.03
C ASN A 25 -6.23 2.23 2.15
N VAL A 26 -6.26 1.66 3.36
CA VAL A 26 -5.63 2.30 4.51
C VAL A 26 -4.15 2.58 4.22
N LEU A 27 -3.49 1.60 3.62
CA LEU A 27 -2.07 1.73 3.28
C LEU A 27 -1.84 2.92 2.37
N GLY A 28 -2.58 2.96 1.26
CA GLY A 28 -2.45 4.04 0.30
C GLY A 28 -2.77 5.40 0.89
N GLU A 29 -3.87 5.48 1.65
CA GLU A 29 -4.26 6.74 2.27
C GLU A 29 -3.14 7.27 3.16
N ARG A 30 -2.72 6.43 4.10
CA ARG A 30 -1.65 6.80 5.02
C ARG A 30 -0.32 6.96 4.28
N LEU A 31 -0.24 6.38 3.08
CA LEU A 31 0.97 6.46 2.27
C LEU A 31 1.12 7.86 1.69
N TYR A 32 0.15 8.26 0.89
CA TYR A 32 0.16 9.57 0.24
C TYR A 32 0.52 10.69 1.21
N ASN A 33 0.12 10.54 2.47
CA ASN A 33 0.39 11.56 3.49
C ASN A 33 1.89 11.74 3.74
N HIS A 34 2.60 10.64 3.87
CA HIS A 34 4.03 10.70 4.13
C HIS A 34 4.78 11.36 2.99
N ILE A 35 4.35 11.04 1.78
CA ILE A 35 4.99 11.55 0.57
C ILE A 35 4.39 12.86 0.08
N VAL A 36 3.07 12.99 0.13
CA VAL A 36 2.43 14.23 -0.33
C VAL A 36 3.18 15.45 0.21
N ALA A 37 3.44 15.44 1.52
CA ALA A 37 4.16 16.53 2.16
C ALA A 37 5.65 16.46 1.85
N ILE A 38 6.15 15.25 1.61
CA ILE A 38 7.56 15.05 1.30
C ILE A 38 7.84 15.22 -0.19
N ASN A 39 7.31 14.31 -1.01
CA ASN A 39 7.51 14.37 -2.45
C ASN A 39 6.17 14.41 -3.18
N PRO A 40 5.58 15.62 -3.30
CA PRO A 40 4.29 15.81 -3.98
C PRO A 40 4.26 15.24 -5.39
N ALA A 41 5.39 15.30 -6.08
CA ALA A 41 5.48 14.79 -7.45
C ALA A 41 5.96 13.34 -7.48
N ALA A 42 5.39 12.52 -6.62
CA ALA A 42 5.74 11.11 -6.55
C ALA A 42 4.63 10.33 -5.87
N ALA A 43 4.00 10.95 -4.87
CA ALA A 43 2.91 10.34 -4.12
C ALA A 43 2.00 9.54 -5.05
N ALA A 44 1.54 10.20 -6.11
CA ALA A 44 0.65 9.55 -7.08
C ALA A 44 1.25 8.25 -7.60
N LYS A 45 2.58 8.20 -7.67
CA LYS A 45 3.27 7.02 -8.16
C LYS A 45 3.53 6.03 -7.03
N VAL A 46 4.03 6.54 -5.91
CA VAL A 46 4.32 5.70 -4.76
C VAL A 46 3.06 5.06 -4.20
N THR A 47 1.95 5.78 -4.24
CA THR A 47 0.69 5.28 -3.72
C THR A 47 0.06 4.27 -4.68
N GLY A 48 -0.09 4.66 -5.94
CA GLY A 48 -0.71 3.79 -6.92
C GLY A 48 0.15 2.58 -7.24
N MET A 49 1.40 2.83 -7.62
CA MET A 49 2.31 1.74 -7.94
C MET A 49 2.67 0.97 -6.69
N LEU A 50 3.08 1.70 -5.64
CA LEU A 50 3.50 1.11 -4.36
C LEU A 50 3.92 -0.35 -4.50
N LEU A 51 2.95 -1.21 -4.82
CA LEU A 51 3.22 -2.63 -4.99
C LEU A 51 3.90 -2.90 -6.34
N GLU A 52 5.16 -2.48 -6.46
CA GLU A 52 5.91 -2.67 -7.69
C GLU A 52 6.78 -3.92 -7.60
N MET A 53 7.61 -4.13 -8.62
CA MET A 53 8.50 -5.29 -8.65
C MET A 53 9.48 -5.25 -7.49
N ASP A 54 10.31 -4.20 -7.45
CA ASP A 54 11.30 -4.07 -6.38
C ASP A 54 10.75 -3.25 -5.22
N ASN A 55 10.61 -1.94 -5.43
CA ASN A 55 10.08 -1.05 -4.38
C ASN A 55 8.88 -1.70 -3.69
N GLY A 56 8.16 -2.52 -4.44
CA GLY A 56 7.02 -3.19 -3.90
C GLY A 56 7.37 -4.21 -2.83
N GLU A 57 8.14 -5.23 -3.21
CA GLU A 57 8.53 -6.28 -2.25
C GLU A 57 8.73 -5.73 -0.84
N ILE A 58 9.59 -4.74 -0.71
CA ILE A 58 9.87 -4.13 0.59
C ILE A 58 8.59 -3.61 1.23
N LEU A 59 7.75 -2.96 0.43
CA LEU A 59 6.48 -2.41 0.90
C LEU A 59 5.83 -3.32 1.95
N ASN A 60 6.00 -4.62 1.78
CA ASN A 60 5.42 -5.59 2.71
C ASN A 60 5.64 -5.18 4.16
N LEU A 61 6.67 -4.35 4.39
CA LEU A 61 6.98 -3.87 5.73
C LEU A 61 6.99 -2.35 5.79
N LEU A 62 5.89 -1.71 5.36
CA LEU A 62 5.77 -0.25 5.35
C LEU A 62 6.61 0.40 6.44
N ASP A 63 7.87 0.67 6.12
CA ASP A 63 8.81 1.27 7.07
C ASP A 63 9.04 2.75 6.76
N THR A 64 9.60 3.47 7.73
CA THR A 64 9.87 4.88 7.53
C THR A 64 11.06 5.09 6.60
N PRO A 65 12.20 4.44 6.89
CA PRO A 65 13.39 4.57 6.05
C PRO A 65 13.27 3.78 4.74
N GLY A 66 13.24 2.45 4.86
CA GLY A 66 13.15 1.60 3.68
C GLY A 66 12.13 2.06 2.68
N LEU A 67 10.87 2.12 3.09
CA LEU A 67 9.79 2.54 2.22
C LEU A 67 10.02 3.95 1.69
N LEU A 68 10.00 4.95 2.56
CA LEU A 68 10.20 6.35 2.16
C LEU A 68 11.36 6.48 1.17
N ASP A 69 12.36 5.62 1.32
CA ASP A 69 13.52 5.64 0.43
C ASP A 69 13.17 5.09 -0.94
N ALA A 70 12.72 3.83 -0.97
CA ALA A 70 12.35 3.19 -2.22
C ALA A 70 11.02 3.73 -2.76
N LYS A 71 10.36 4.57 -1.97
CA LYS A 71 9.09 5.17 -2.36
C LYS A 71 9.31 6.28 -3.38
N VAL A 72 10.14 7.25 -3.01
CA VAL A 72 10.45 8.38 -3.88
C VAL A 72 11.23 7.93 -5.10
N GLN A 73 12.20 7.05 -4.87
CA GLN A 73 13.01 6.53 -5.96
C GLN A 73 12.15 5.86 -7.02
N GLU A 74 11.24 5.00 -6.59
CA GLU A 74 10.36 4.30 -7.51
C GLU A 74 9.59 5.29 -8.39
N ALA A 75 9.01 6.30 -7.75
CA ALA A 75 8.24 7.32 -8.47
C ALA A 75 9.14 8.30 -9.20
N LEU A 76 10.29 8.59 -8.62
CA LEU A 76 11.24 9.53 -9.21
C LEU A 76 11.95 8.90 -10.41
N GLU A 77 12.31 7.62 -10.27
CA GLU A 77 12.99 6.90 -11.35
C GLU A 77 12.04 6.72 -12.54
N VAL A 78 10.76 6.50 -12.24
CA VAL A 78 9.77 6.31 -13.28
C VAL A 78 9.12 7.65 -13.69
N LEU A 79 9.50 8.72 -12.99
CA LEU A 79 8.96 10.04 -13.30
C LEU A 79 9.30 10.44 -14.74
N ASN A 80 10.59 10.63 -15.00
CA ASN A 80 11.05 11.01 -16.34
C ASN A 80 11.09 9.81 -17.29
N ARG A 81 10.47 8.70 -16.90
CA ARG A 81 10.45 7.51 -17.74
C ARG A 81 9.50 7.70 -18.92
N HIS A 82 9.16 8.95 -19.21
CA HIS A 82 8.27 9.28 -20.32
C HIS A 82 9.00 9.11 -21.65
N MET A 83 9.56 7.93 -21.88
CA MET A 83 10.29 7.64 -23.11
C MET A 83 9.40 7.83 -24.33
N ASN A 84 8.47 6.90 -24.52
CA ASN A 84 7.55 6.96 -25.64
C ASN A 84 6.12 7.15 -25.16
N VAL A 85 5.74 6.40 -24.14
CA VAL A 85 4.40 6.48 -23.58
C VAL A 85 4.44 6.87 -22.10
N GLY A 1 -37.26 -29.47 19.69
CA GLY A 1 -36.58 -28.65 18.65
C GLY A 1 -37.03 -27.21 18.65
N SER A 2 -37.63 -26.77 17.55
CA SER A 2 -38.11 -25.40 17.44
C SER A 2 -36.98 -24.40 17.63
N SER A 3 -36.45 -23.88 16.53
CA SER A 3 -35.36 -22.91 16.59
C SER A 3 -34.15 -23.48 17.33
N LEU A 4 -33.37 -24.29 16.63
CA LEU A 4 -32.18 -24.89 17.23
C LEU A 4 -31.05 -23.87 17.34
N ALA A 5 -29.90 -24.32 17.83
CA ALA A 5 -28.74 -23.45 17.99
C ALA A 5 -28.38 -22.78 16.67
N SER A 6 -28.26 -21.46 16.68
CA SER A 6 -27.91 -20.71 15.48
C SER A 6 -26.46 -20.98 15.09
N GLN A 7 -26.11 -20.65 13.85
CA GLN A 7 -24.75 -20.87 13.36
C GLN A 7 -23.88 -19.65 13.63
N GLY A 8 -22.57 -19.85 13.58
CA GLY A 8 -21.64 -18.76 13.82
C GLY A 8 -21.05 -18.22 12.53
N GLN A 9 -21.91 -17.76 11.63
CA GLN A 9 -21.46 -17.20 10.36
C GLN A 9 -21.02 -15.75 10.54
N ASN A 10 -20.14 -15.52 11.50
CA ASN A 10 -19.62 -14.19 11.79
C ASN A 10 -18.80 -13.66 10.62
N LEU A 11 -18.24 -14.58 9.84
CA LEU A 11 -17.42 -14.22 8.70
C LEU A 11 -18.26 -13.51 7.62
N SER A 12 -19.27 -14.21 7.11
CA SER A 12 -20.14 -13.66 6.08
C SER A 12 -20.98 -12.52 6.63
N THR A 13 -21.18 -12.52 7.95
CA THR A 13 -21.97 -11.47 8.60
C THR A 13 -21.25 -10.13 8.52
N VAL A 14 -20.16 -10.00 9.26
CA VAL A 14 -19.37 -8.78 9.29
C VAL A 14 -18.44 -8.71 8.07
N LEU A 15 -17.67 -7.63 7.96
CA LEU A 15 -16.74 -7.44 6.84
C LEU A 15 -15.41 -8.16 7.08
N ALA A 16 -15.45 -9.26 7.82
CA ALA A 16 -14.24 -10.02 8.12
C ALA A 16 -13.62 -10.61 6.86
N ASN A 17 -14.43 -10.77 5.81
CA ASN A 17 -13.95 -11.33 4.55
C ASN A 17 -13.32 -10.26 3.67
N LEU A 18 -13.31 -9.02 4.14
CA LEU A 18 -12.75 -7.91 3.37
C LEU A 18 -11.45 -7.41 4.02
N THR A 19 -10.44 -8.27 4.06
CA THR A 19 -9.15 -7.91 4.65
C THR A 19 -8.26 -7.22 3.62
N PRO A 20 -8.07 -7.84 2.43
CA PRO A 20 -7.21 -7.26 1.39
C PRO A 20 -7.81 -6.01 0.76
N GLU A 21 -9.13 -5.88 0.82
CA GLU A 21 -9.82 -4.72 0.26
C GLU A 21 -9.74 -3.52 1.20
N GLN A 22 -10.00 -3.77 2.49
CA GLN A 22 -9.96 -2.71 3.48
C GLN A 22 -8.52 -2.30 3.78
N GLN A 23 -7.67 -3.29 4.04
CA GLN A 23 -6.27 -3.03 4.34
C GLN A 23 -5.59 -2.24 3.22
N LYS A 24 -5.73 -2.73 1.99
CA LYS A 24 -5.13 -2.06 0.84
C LYS A 24 -5.56 -0.60 0.77
N ASN A 25 -6.75 -0.31 1.31
CA ASN A 25 -7.28 1.04 1.31
C ASN A 25 -6.50 1.95 2.27
N VAL A 26 -6.38 1.53 3.52
CA VAL A 26 -5.65 2.32 4.52
C VAL A 26 -4.23 2.61 4.05
N LEU A 27 -3.57 1.59 3.50
CA LEU A 27 -2.21 1.74 3.02
C LEU A 27 -2.10 2.88 2.02
N GLY A 28 -2.94 2.84 0.99
CA GLY A 28 -2.90 3.86 -0.05
C GLY A 28 -3.18 5.25 0.49
N GLU A 29 -4.21 5.38 1.31
CA GLU A 29 -4.55 6.68 1.88
C GLU A 29 -3.41 7.17 2.78
N ARG A 30 -2.98 6.31 3.69
CA ARG A 30 -1.89 6.64 4.60
C ARG A 30 -0.56 6.72 3.86
N LEU A 31 -0.53 6.20 2.62
CA LEU A 31 0.68 6.21 1.81
C LEU A 31 0.92 7.60 1.25
N TYR A 32 -0.02 8.06 0.44
CA TYR A 32 0.07 9.36 -0.20
C TYR A 32 0.39 10.46 0.82
N ASN A 33 -0.10 10.29 2.05
CA ASN A 33 0.13 11.26 3.10
C ASN A 33 1.59 11.29 3.54
N HIS A 34 2.22 10.13 3.58
CA HIS A 34 3.62 10.06 3.98
C HIS A 34 4.49 10.81 2.98
N ILE A 35 4.19 10.62 1.71
CA ILE A 35 4.96 11.22 0.63
C ILE A 35 4.35 12.53 0.09
N VAL A 36 3.09 12.80 0.37
CA VAL A 36 2.48 14.03 -0.16
C VAL A 36 3.23 15.27 0.32
N ALA A 37 3.45 15.37 1.63
CA ALA A 37 4.17 16.51 2.18
C ALA A 37 5.66 16.41 1.87
N ILE A 38 6.14 15.19 1.65
CA ILE A 38 7.55 14.97 1.35
C ILE A 38 7.84 15.11 -0.14
N ASN A 39 7.33 14.19 -0.95
CA ASN A 39 7.53 14.24 -2.39
C ASN A 39 6.19 14.26 -3.13
N PRO A 40 5.55 15.44 -3.19
CA PRO A 40 4.25 15.60 -3.86
C PRO A 40 4.27 15.05 -5.29
N ALA A 41 5.29 15.44 -6.05
CA ALA A 41 5.41 14.99 -7.44
C ALA A 41 5.91 13.54 -7.51
N ALA A 42 5.33 12.68 -6.68
CA ALA A 42 5.70 11.27 -6.65
C ALA A 42 4.58 10.45 -6.03
N ALA A 43 4.02 10.97 -4.93
CA ALA A 43 2.93 10.29 -4.22
C ALA A 43 1.99 9.58 -5.19
N ALA A 44 1.55 10.30 -6.21
CA ALA A 44 0.64 9.74 -7.21
C ALA A 44 1.21 8.45 -7.80
N LYS A 45 2.51 8.45 -8.08
CA LYS A 45 3.17 7.29 -8.65
C LYS A 45 3.39 6.22 -7.59
N VAL A 46 3.91 6.64 -6.44
CA VAL A 46 4.19 5.73 -5.34
C VAL A 46 2.92 5.08 -4.83
N THR A 47 1.93 5.89 -4.46
CA THR A 47 0.66 5.38 -3.95
C THR A 47 0.01 4.41 -4.92
N GLY A 48 -0.15 4.84 -6.17
CA GLY A 48 -0.78 4.02 -7.18
C GLY A 48 0.06 2.83 -7.58
N MET A 49 1.29 3.09 -8.00
CA MET A 49 2.19 2.03 -8.41
C MET A 49 2.55 1.16 -7.22
N LEU A 50 2.98 1.81 -6.13
CA LEU A 50 3.41 1.14 -4.89
C LEU A 50 3.83 -0.32 -5.10
N LEU A 51 2.87 -1.16 -5.46
CA LEU A 51 3.14 -2.57 -5.69
C LEU A 51 3.98 -2.78 -6.95
N GLU A 52 5.22 -2.29 -6.92
CA GLU A 52 6.12 -2.42 -8.06
C GLU A 52 6.89 -3.74 -7.96
N MET A 53 7.69 -4.03 -8.99
CA MET A 53 8.46 -5.26 -9.01
C MET A 53 9.48 -5.31 -7.87
N ASP A 54 10.41 -4.36 -7.85
CA ASP A 54 11.43 -4.31 -6.81
C ASP A 54 11.00 -3.39 -5.66
N ASN A 55 11.01 -2.09 -5.91
CA ASN A 55 10.62 -1.12 -4.89
C ASN A 55 9.33 -1.55 -4.21
N GLY A 56 8.49 -2.27 -4.96
CA GLY A 56 7.24 -2.73 -4.41
C GLY A 56 7.41 -3.77 -3.33
N GLU A 57 8.07 -4.88 -3.65
CA GLU A 57 8.27 -5.96 -2.67
C GLU A 57 8.50 -5.41 -1.26
N ILE A 58 9.44 -4.48 -1.14
CA ILE A 58 9.75 -3.87 0.15
C ILE A 58 8.49 -3.30 0.80
N LEU A 59 7.70 -2.59 -0.01
CA LEU A 59 6.47 -1.97 0.47
C LEU A 59 5.70 -2.88 1.43
N ASN A 60 5.77 -4.18 1.17
CA ASN A 60 5.08 -5.16 2.01
C ASN A 60 5.34 -4.92 3.50
N LEU A 61 6.46 -4.25 3.81
CA LEU A 61 6.81 -3.97 5.19
C LEU A 61 6.90 -2.47 5.47
N LEU A 62 5.82 -1.75 5.14
CA LEU A 62 5.74 -0.29 5.33
C LEU A 62 6.62 0.17 6.50
N ASP A 63 7.88 0.50 6.21
CA ASP A 63 8.83 0.95 7.22
C ASP A 63 9.19 2.42 7.03
N THR A 64 9.91 2.98 7.99
CA THR A 64 10.32 4.38 7.92
C THR A 64 11.45 4.55 6.92
N PRO A 65 12.56 3.80 7.08
CA PRO A 65 13.69 3.90 6.17
C PRO A 65 13.38 3.34 4.79
N GLY A 66 13.18 2.02 4.72
CA GLY A 66 12.88 1.37 3.46
C GLY A 66 11.81 2.09 2.65
N LEU A 67 10.59 2.13 3.19
CA LEU A 67 9.48 2.79 2.51
C LEU A 67 9.85 4.19 2.05
N LEU A 68 9.99 5.11 3.02
CA LEU A 68 10.34 6.51 2.71
C LEU A 68 11.45 6.60 1.67
N ASP A 69 12.53 5.86 1.89
CA ASP A 69 13.64 5.87 0.94
C ASP A 69 13.17 5.40 -0.42
N ALA A 70 12.53 4.23 -0.44
CA ALA A 70 12.02 3.64 -1.67
C ALA A 70 10.82 4.41 -2.23
N LYS A 71 10.35 5.43 -1.51
CA LYS A 71 9.20 6.22 -1.97
C LYS A 71 9.60 7.20 -3.06
N VAL A 72 10.59 8.03 -2.77
CA VAL A 72 11.05 9.03 -3.72
C VAL A 72 11.91 8.42 -4.83
N GLN A 73 12.82 7.53 -4.45
CA GLN A 73 13.71 6.89 -5.42
C GLN A 73 12.93 6.26 -6.57
N GLU A 74 11.99 5.39 -6.23
CA GLU A 74 11.19 4.71 -7.24
C GLU A 74 10.35 5.70 -8.05
N ALA A 75 9.71 6.64 -7.35
CA ALA A 75 8.89 7.64 -8.01
C ALA A 75 9.73 8.57 -8.89
N LEU A 76 10.97 8.81 -8.46
CA LEU A 76 11.86 9.68 -9.21
C LEU A 76 12.54 8.90 -10.34
N GLU A 77 12.77 7.61 -10.11
CA GLU A 77 13.39 6.76 -11.11
C GLU A 77 12.48 6.61 -12.32
N VAL A 78 11.21 6.32 -12.06
CA VAL A 78 10.23 6.15 -13.11
C VAL A 78 10.13 7.41 -13.98
N LEU A 79 10.31 8.57 -13.36
CA LEU A 79 10.26 9.83 -14.11
C LEU A 79 11.39 9.87 -15.13
N ASN A 80 12.63 9.81 -14.64
CA ASN A 80 13.80 9.82 -15.50
C ASN A 80 14.08 8.44 -16.09
N ARG A 81 13.12 7.52 -15.97
CA ARG A 81 13.28 6.18 -16.51
C ARG A 81 13.09 6.17 -18.02
N HIS A 82 13.23 7.34 -18.64
CA HIS A 82 13.07 7.49 -20.07
C HIS A 82 14.27 6.88 -20.81
N MET A 83 15.46 7.19 -20.33
CA MET A 83 16.69 6.68 -20.94
C MET A 83 16.92 5.22 -20.56
N ASN A 84 17.50 4.46 -21.48
CA ASN A 84 17.78 3.06 -21.24
C ASN A 84 19.10 2.88 -20.49
N VAL A 85 20.02 3.81 -20.69
CA VAL A 85 21.32 3.75 -20.03
C VAL A 85 21.37 4.68 -18.83
N GLY A 1 -18.34 -23.55 17.29
CA GLY A 1 -19.20 -24.53 18.03
C GLY A 1 -19.56 -24.05 19.41
N SER A 2 -19.01 -24.72 20.43
CA SER A 2 -19.29 -24.34 21.81
C SER A 2 -18.56 -23.05 22.18
N SER A 3 -17.41 -22.84 21.56
CA SER A 3 -16.61 -21.64 21.81
C SER A 3 -16.67 -20.69 20.62
N LEU A 4 -17.54 -19.68 20.72
CA LEU A 4 -17.70 -18.70 19.65
C LEU A 4 -16.44 -17.85 19.50
N ALA A 5 -16.18 -17.39 18.29
CA ALA A 5 -15.01 -16.57 18.00
C ALA A 5 -15.31 -15.09 18.23
N SER A 6 -15.83 -14.77 19.41
CA SER A 6 -16.16 -13.39 19.75
C SER A 6 -14.92 -12.65 20.25
N GLN A 7 -14.28 -11.91 19.35
CA GLN A 7 -13.08 -11.15 19.70
C GLN A 7 -13.43 -9.74 20.15
N GLY A 8 -13.87 -8.91 19.22
CA GLY A 8 -14.22 -7.54 19.55
C GLY A 8 -15.71 -7.30 19.48
N GLN A 9 -16.14 -6.56 18.46
CA GLN A 9 -17.56 -6.27 18.27
C GLN A 9 -18.15 -7.13 17.17
N ASN A 10 -19.38 -6.82 16.77
CA ASN A 10 -20.05 -7.57 15.72
C ASN A 10 -19.32 -7.43 14.39
N LEU A 11 -19.45 -6.26 13.78
CA LEU A 11 -18.81 -5.98 12.49
C LEU A 11 -17.31 -6.29 12.54
N SER A 12 -16.73 -6.25 13.74
CA SER A 12 -15.31 -6.52 13.90
C SER A 12 -14.91 -7.84 13.22
N THR A 13 -15.56 -8.93 13.63
CA THR A 13 -15.27 -10.24 13.06
C THR A 13 -15.81 -10.34 11.64
N VAL A 14 -16.96 -9.71 11.39
CA VAL A 14 -17.57 -9.74 10.07
C VAL A 14 -16.65 -9.11 9.04
N LEU A 15 -16.09 -7.95 9.37
CA LEU A 15 -15.18 -7.25 8.48
C LEU A 15 -13.78 -7.87 8.51
N ALA A 16 -13.58 -8.84 9.40
CA ALA A 16 -12.29 -9.51 9.53
C ALA A 16 -11.97 -10.31 8.28
N ASN A 17 -12.98 -10.58 7.47
CA ASN A 17 -12.79 -11.35 6.24
C ASN A 17 -12.34 -10.45 5.10
N LEU A 18 -12.56 -9.15 5.24
CA LEU A 18 -12.16 -8.19 4.22
C LEU A 18 -11.01 -7.33 4.71
N THR A 19 -9.99 -7.97 5.26
CA THR A 19 -8.82 -7.27 5.77
C THR A 19 -7.85 -6.90 4.64
N PRO A 20 -7.51 -7.86 3.75
CA PRO A 20 -6.59 -7.60 2.65
C PRO A 20 -7.16 -6.63 1.61
N GLU A 21 -8.45 -6.71 1.38
CA GLU A 21 -9.11 -5.84 0.41
C GLU A 21 -9.08 -4.39 0.88
N GLN A 22 -9.32 -4.19 2.17
CA GLN A 22 -9.31 -2.84 2.74
C GLN A 22 -7.89 -2.34 2.93
N GLN A 23 -7.01 -3.21 3.42
CA GLN A 23 -5.62 -2.85 3.65
C GLN A 23 -5.03 -2.10 2.46
N LYS A 24 -5.27 -2.63 1.27
CA LYS A 24 -4.76 -2.02 0.04
C LYS A 24 -5.31 -0.61 -0.12
N ASN A 25 -6.62 -0.44 0.06
CA ASN A 25 -7.23 0.87 -0.07
C ASN A 25 -6.61 1.86 0.89
N VAL A 26 -6.63 1.52 2.19
CA VAL A 26 -6.05 2.39 3.21
C VAL A 26 -4.57 2.64 2.92
N LEU A 27 -3.86 1.59 2.54
CA LEU A 27 -2.44 1.69 2.23
C LEU A 27 -2.16 2.89 1.34
N GLY A 28 -2.87 2.98 0.22
CA GLY A 28 -2.68 4.08 -0.71
C GLY A 28 -2.98 5.43 -0.09
N GLU A 29 -4.14 5.55 0.56
CA GLU A 29 -4.51 6.82 1.20
C GLU A 29 -3.44 7.26 2.18
N ARG A 30 -3.11 6.38 3.12
CA ARG A 30 -2.08 6.69 4.11
C ARG A 30 -0.71 6.78 3.48
N LEU A 31 -0.56 6.21 2.29
CA LEU A 31 0.71 6.23 1.58
C LEU A 31 1.02 7.63 1.06
N TYR A 32 0.12 8.14 0.24
CA TYR A 32 0.26 9.48 -0.34
C TYR A 32 0.59 10.51 0.72
N ASN A 33 0.06 10.32 1.92
CA ASN A 33 0.29 11.24 3.02
C ASN A 33 1.73 11.21 3.49
N HIS A 34 2.30 10.03 3.54
CA HIS A 34 3.68 9.90 4.00
C HIS A 34 4.61 10.64 3.08
N ILE A 35 4.33 10.53 1.79
CA ILE A 35 5.16 11.13 0.74
C ILE A 35 4.63 12.49 0.24
N VAL A 36 3.34 12.77 0.42
CA VAL A 36 2.80 14.05 -0.07
C VAL A 36 3.58 15.23 0.50
N ALA A 37 3.76 15.24 1.81
CA ALA A 37 4.50 16.31 2.46
C ALA A 37 5.99 16.19 2.19
N ILE A 38 6.44 14.96 1.99
CA ILE A 38 7.86 14.70 1.73
C ILE A 38 8.23 14.93 0.26
N ASN A 39 7.74 14.06 -0.62
CA ASN A 39 8.02 14.19 -2.05
C ASN A 39 6.71 14.25 -2.84
N PRO A 40 6.13 15.46 -2.96
CA PRO A 40 4.88 15.67 -3.70
C PRO A 40 4.95 15.14 -5.12
N ALA A 41 6.08 15.35 -5.78
CA ALA A 41 6.27 14.91 -7.15
C ALA A 41 6.62 13.41 -7.23
N ALA A 42 5.91 12.60 -6.43
CA ALA A 42 6.14 11.17 -6.43
C ALA A 42 4.92 10.44 -5.87
N ALA A 43 4.35 10.99 -4.80
CA ALA A 43 3.17 10.39 -4.15
C ALA A 43 2.24 9.78 -5.19
N ALA A 44 1.84 10.58 -6.17
CA ALA A 44 0.94 10.12 -7.21
C ALA A 44 1.43 8.82 -7.84
N LYS A 45 2.74 8.71 -8.02
CA LYS A 45 3.34 7.52 -8.60
C LYS A 45 3.54 6.45 -7.55
N VAL A 46 4.09 6.85 -6.41
CA VAL A 46 4.35 5.94 -5.32
C VAL A 46 3.06 5.30 -4.82
N THR A 47 2.07 6.14 -4.53
CA THR A 47 0.78 5.67 -4.04
C THR A 47 0.11 4.72 -5.02
N GLY A 48 0.00 5.16 -6.27
CA GLY A 48 -0.64 4.36 -7.30
C GLY A 48 0.17 3.14 -7.66
N MET A 49 1.42 3.35 -8.04
CA MET A 49 2.29 2.26 -8.41
C MET A 49 2.62 1.40 -7.20
N LEU A 50 3.06 2.06 -6.12
CA LEU A 50 3.46 1.39 -4.86
C LEU A 50 3.78 -0.09 -5.06
N LEU A 51 2.77 -0.88 -5.39
CA LEU A 51 2.94 -2.31 -5.59
C LEU A 51 3.68 -2.62 -6.89
N GLU A 52 4.97 -2.28 -6.92
CA GLU A 52 5.80 -2.52 -8.09
C GLU A 52 6.45 -3.90 -7.99
N MET A 53 7.19 -4.28 -9.03
CA MET A 53 7.84 -5.59 -9.04
C MET A 53 8.92 -5.70 -7.97
N ASP A 54 9.93 -4.84 -8.06
CA ASP A 54 11.01 -4.85 -7.08
C ASP A 54 10.69 -3.95 -5.89
N ASN A 55 10.76 -2.64 -6.11
CA ASN A 55 10.47 -1.67 -5.07
C ASN A 55 9.15 -1.98 -4.38
N GLY A 56 8.25 -2.63 -5.12
CA GLY A 56 6.95 -2.96 -4.57
C GLY A 56 7.02 -3.97 -3.44
N GLU A 57 7.56 -5.15 -3.72
CA GLU A 57 7.66 -6.21 -2.72
C GLU A 57 8.03 -5.65 -1.35
N ILE A 58 9.07 -4.83 -1.29
CA ILE A 58 9.50 -4.23 -0.04
C ILE A 58 8.31 -3.54 0.64
N LEU A 59 7.57 -2.76 -0.14
CA LEU A 59 6.40 -2.03 0.34
C LEU A 59 5.60 -2.85 1.35
N ASN A 60 5.53 -4.15 1.11
CA ASN A 60 4.77 -5.06 1.99
C ASN A 60 5.07 -4.79 3.47
N LEU A 61 6.23 -4.23 3.75
CA LEU A 61 6.64 -3.94 5.11
C LEU A 61 6.61 -2.44 5.40
N LEU A 62 5.46 -1.79 5.18
CA LEU A 62 5.31 -0.35 5.41
C LEU A 62 6.23 0.15 6.54
N ASP A 63 7.40 0.65 6.16
CA ASP A 63 8.38 1.17 7.12
C ASP A 63 8.59 2.66 6.94
N THR A 64 9.09 3.32 7.97
CA THR A 64 9.35 4.75 7.89
C THR A 64 10.58 5.04 7.03
N PRO A 65 11.69 4.34 7.28
CA PRO A 65 12.91 4.53 6.50
C PRO A 65 12.84 3.87 5.12
N GLY A 66 12.85 2.54 5.10
CA GLY A 66 12.79 1.79 3.86
C GLY A 66 11.74 2.29 2.89
N LEU A 67 10.48 2.25 3.32
CA LEU A 67 9.37 2.70 2.49
C LEU A 67 9.63 4.10 1.94
N LEU A 68 9.58 5.10 2.81
CA LEU A 68 9.81 6.49 2.40
C LEU A 68 11.06 6.63 1.54
N ASP A 69 12.02 5.72 1.71
CA ASP A 69 13.24 5.77 0.93
C ASP A 69 13.01 5.19 -0.46
N ALA A 70 12.60 3.93 -0.50
CA ALA A 70 12.33 3.26 -1.78
C ALA A 70 11.03 3.74 -2.40
N LYS A 71 10.29 4.59 -1.69
CA LYS A 71 9.03 5.12 -2.18
C LYS A 71 9.27 6.36 -3.04
N VAL A 72 10.03 7.30 -2.52
CA VAL A 72 10.35 8.52 -3.24
C VAL A 72 11.22 8.24 -4.46
N GLN A 73 12.18 7.34 -4.30
CA GLN A 73 13.09 6.98 -5.37
C GLN A 73 12.33 6.36 -6.55
N GLU A 74 11.53 5.34 -6.26
CA GLU A 74 10.77 4.66 -7.30
C GLU A 74 9.98 5.64 -8.16
N ALA A 75 9.39 6.64 -7.52
CA ALA A 75 8.60 7.65 -8.22
C ALA A 75 9.49 8.71 -8.84
N LEU A 76 10.54 9.10 -8.12
CA LEU A 76 11.46 10.11 -8.60
C LEU A 76 12.30 9.59 -9.77
N GLU A 77 12.66 8.31 -9.71
CA GLU A 77 13.45 7.69 -10.76
C GLU A 77 12.57 7.32 -11.95
N VAL A 78 11.36 6.85 -11.67
CA VAL A 78 10.43 6.47 -12.72
C VAL A 78 9.87 7.70 -13.44
N LEU A 79 10.17 8.89 -12.90
CA LEU A 79 9.72 10.13 -13.49
C LEU A 79 10.31 10.31 -14.88
N ASN A 80 11.63 10.51 -14.94
CA ASN A 80 12.33 10.67 -16.20
C ASN A 80 12.62 9.32 -16.85
N ARG A 81 11.93 8.28 -16.39
CA ARG A 81 12.13 6.94 -16.94
C ARG A 81 11.48 6.83 -18.32
N HIS A 82 11.31 7.98 -18.99
CA HIS A 82 10.73 8.01 -20.31
C HIS A 82 11.72 7.52 -21.37
N MET A 83 12.89 7.07 -20.91
CA MET A 83 13.93 6.57 -21.80
C MET A 83 13.46 5.30 -22.52
N ASN A 84 13.43 4.20 -21.79
CA ASN A 84 13.01 2.91 -22.35
C ASN A 84 11.69 2.45 -21.72
N VAL A 85 10.58 2.90 -22.30
CA VAL A 85 9.26 2.53 -21.79
C VAL A 85 8.45 1.81 -22.86
N GLY A 1 -1.01 -25.68 13.70
CA GLY A 1 -2.06 -24.67 13.97
C GLY A 1 -3.33 -25.27 14.54
N SER A 2 -3.35 -26.60 14.70
CA SER A 2 -4.52 -27.28 15.23
C SER A 2 -5.75 -27.03 14.37
N SER A 3 -6.77 -27.85 14.53
CA SER A 3 -8.00 -27.70 13.77
C SER A 3 -9.17 -27.34 14.69
N LEU A 4 -9.33 -26.05 14.95
CA LEU A 4 -10.40 -25.56 15.80
C LEU A 4 -11.74 -25.57 15.07
N ALA A 5 -12.60 -26.50 15.45
CA ALA A 5 -13.92 -26.62 14.83
C ALA A 5 -14.77 -25.39 15.10
N SER A 6 -14.83 -24.49 14.12
CA SER A 6 -15.63 -23.28 14.25
C SER A 6 -17.12 -23.58 14.14
N GLN A 7 -17.91 -22.95 14.99
CA GLN A 7 -19.35 -23.16 14.99
C GLN A 7 -20.05 -22.19 14.05
N GLY A 8 -20.25 -20.96 14.50
CA GLY A 8 -20.90 -19.96 13.68
C GLY A 8 -19.92 -19.11 12.92
N GLN A 9 -19.89 -19.27 11.60
CA GLN A 9 -18.98 -18.51 10.76
C GLN A 9 -19.54 -17.12 10.45
N ASN A 10 -19.99 -16.42 11.50
CA ASN A 10 -20.53 -15.08 11.36
C ASN A 10 -19.42 -14.07 11.11
N LEU A 11 -18.67 -13.77 12.15
CA LEU A 11 -17.57 -12.82 12.06
C LEU A 11 -16.47 -13.35 11.14
N SER A 12 -16.46 -14.66 10.92
CA SER A 12 -15.47 -15.28 10.05
C SER A 12 -15.69 -14.87 8.59
N THR A 13 -16.96 -14.77 8.21
CA THR A 13 -17.31 -14.40 6.83
C THR A 13 -17.52 -12.88 6.71
N VAL A 14 -17.51 -12.19 7.84
CA VAL A 14 -17.71 -10.74 7.83
C VAL A 14 -16.48 -10.00 7.33
N LEU A 15 -15.31 -10.36 7.87
CA LEU A 15 -14.06 -9.73 7.44
C LEU A 15 -13.54 -10.36 6.16
N ALA A 16 -13.86 -11.63 5.96
CA ALA A 16 -13.42 -12.35 4.77
C ALA A 16 -14.24 -11.95 3.55
N ASN A 17 -14.32 -10.64 3.28
CA ASN A 17 -15.07 -10.13 2.14
C ASN A 17 -14.18 -9.24 1.28
N LEU A 18 -13.67 -8.16 1.86
CA LEU A 18 -12.79 -7.24 1.13
C LEU A 18 -11.44 -7.12 1.85
N THR A 19 -10.47 -7.93 1.43
CA THR A 19 -9.15 -7.89 2.04
C THR A 19 -8.28 -6.78 1.44
N PRO A 20 -8.07 -6.78 0.11
CA PRO A 20 -7.26 -5.77 -0.55
C PRO A 20 -7.91 -4.39 -0.52
N GLU A 21 -9.19 -4.35 -0.18
CA GLU A 21 -9.94 -3.08 -0.12
C GLU A 21 -9.55 -2.30 1.12
N GLN A 22 -9.61 -2.95 2.27
CA GLN A 22 -9.27 -2.31 3.54
C GLN A 22 -7.76 -2.18 3.69
N GLN A 23 -7.05 -3.20 3.23
CA GLN A 23 -5.58 -3.20 3.31
C GLN A 23 -4.99 -2.10 2.43
N LYS A 24 -5.36 -2.06 1.16
CA LYS A 24 -4.85 -1.04 0.25
C LYS A 24 -5.19 0.36 0.73
N ASN A 25 -6.26 0.46 1.52
CA ASN A 25 -6.69 1.75 2.04
C ASN A 25 -5.84 2.18 3.24
N VAL A 26 -5.74 1.31 4.23
CA VAL A 26 -4.96 1.61 5.43
C VAL A 26 -3.52 2.00 5.07
N LEU A 27 -2.93 1.26 4.14
CA LEU A 27 -1.57 1.53 3.71
C LEU A 27 -1.53 2.68 2.72
N GLY A 28 -2.39 2.62 1.69
CA GLY A 28 -2.42 3.67 0.68
C GLY A 28 -2.76 5.02 1.25
N GLU A 29 -3.81 5.10 2.06
CA GLU A 29 -4.21 6.36 2.67
C GLU A 29 -3.04 6.95 3.44
N ARG A 30 -2.48 6.16 4.34
CA ARG A 30 -1.35 6.60 5.15
C ARG A 30 -0.08 6.75 4.30
N LEU A 31 -0.09 6.18 3.10
CA LEU A 31 1.06 6.26 2.22
C LEU A 31 1.14 7.63 1.54
N TYR A 32 0.12 7.96 0.76
CA TYR A 32 0.07 9.23 0.06
C TYR A 32 0.41 10.41 0.98
N ASN A 33 0.08 10.28 2.26
CA ASN A 33 0.32 11.34 3.25
C ASN A 33 1.81 11.53 3.54
N HIS A 34 2.55 10.43 3.63
CA HIS A 34 3.96 10.52 3.93
C HIS A 34 4.71 11.27 2.83
N ILE A 35 4.28 11.02 1.60
CA ILE A 35 4.89 11.61 0.41
C ILE A 35 4.17 12.87 -0.07
N VAL A 36 2.86 12.96 0.13
CA VAL A 36 2.11 14.14 -0.33
C VAL A 36 2.82 15.43 0.07
N ALA A 37 3.19 15.53 1.35
CA ALA A 37 3.89 16.71 1.84
C ALA A 37 5.36 16.69 1.44
N ILE A 38 5.86 15.50 1.13
CA ILE A 38 7.27 15.37 0.74
C ILE A 38 7.45 15.56 -0.77
N ASN A 39 6.95 14.61 -1.55
CA ASN A 39 7.05 14.69 -3.01
C ASN A 39 5.66 14.59 -3.66
N PRO A 40 4.91 15.70 -3.69
CA PRO A 40 3.57 15.73 -4.29
C PRO A 40 3.56 15.16 -5.71
N ALA A 41 4.61 15.43 -6.47
CA ALA A 41 4.72 14.94 -7.85
C ALA A 41 5.32 13.55 -7.89
N ALA A 42 4.85 12.68 -7.02
CA ALA A 42 5.33 11.31 -6.94
C ALA A 42 4.31 10.44 -6.22
N ALA A 43 3.74 11.02 -5.17
CA ALA A 43 2.73 10.34 -4.36
C ALA A 43 1.83 9.45 -5.20
N ALA A 44 1.30 10.02 -6.28
CA ALA A 44 0.42 9.28 -7.16
C ALA A 44 1.04 7.96 -7.65
N LYS A 45 2.36 7.95 -7.76
CA LYS A 45 3.08 6.77 -8.23
C LYS A 45 3.39 5.80 -7.09
N VAL A 46 3.92 6.33 -5.98
CA VAL A 46 4.28 5.49 -4.84
C VAL A 46 3.05 4.79 -4.27
N THR A 47 1.92 5.49 -4.21
CA THR A 47 0.69 4.92 -3.69
C THR A 47 0.04 3.98 -4.71
N GLY A 48 -0.19 4.49 -5.92
CA GLY A 48 -0.81 3.70 -6.97
C GLY A 48 0.02 2.49 -7.34
N MET A 49 1.33 2.67 -7.37
CA MET A 49 2.24 1.58 -7.71
C MET A 49 2.65 0.84 -6.44
N LEU A 50 3.00 1.59 -5.40
CA LEU A 50 3.45 1.05 -4.11
C LEU A 50 3.95 -0.38 -4.19
N LEU A 51 3.05 -1.31 -4.49
CA LEU A 51 3.41 -2.71 -4.61
C LEU A 51 4.03 -2.99 -5.96
N GLU A 52 5.26 -2.52 -6.14
CA GLU A 52 5.98 -2.71 -7.39
C GLU A 52 6.96 -3.88 -7.28
N MET A 53 7.67 -4.16 -8.37
CA MET A 53 8.64 -5.24 -8.38
C MET A 53 9.65 -5.10 -7.24
N ASP A 54 10.39 -3.98 -7.23
CA ASP A 54 11.37 -3.73 -6.19
C ASP A 54 10.77 -2.95 -5.03
N ASN A 55 10.39 -1.70 -5.27
CA ASN A 55 9.80 -0.85 -4.23
C ASN A 55 8.71 -1.61 -3.47
N GLY A 56 8.11 -2.59 -4.14
CA GLY A 56 7.06 -3.37 -3.52
C GLY A 56 7.58 -4.32 -2.46
N GLU A 57 8.35 -5.33 -2.88
CA GLU A 57 8.88 -6.32 -1.94
C GLU A 57 9.10 -5.73 -0.54
N ILE A 58 9.87 -4.65 -0.48
CA ILE A 58 10.16 -3.99 0.78
C ILE A 58 8.86 -3.57 1.47
N LEU A 59 7.93 -3.05 0.68
CA LEU A 59 6.63 -2.60 1.19
C LEU A 59 6.10 -3.50 2.29
N ASN A 60 6.36 -4.80 2.14
CA ASN A 60 5.90 -5.79 3.12
C ASN A 60 6.18 -5.35 4.54
N LEU A 61 7.22 -4.55 4.73
CA LEU A 61 7.58 -4.08 6.06
C LEU A 61 7.65 -2.55 6.12
N LEU A 62 6.54 -1.90 5.72
CA LEU A 62 6.45 -0.44 5.72
C LEU A 62 7.35 0.20 6.79
N ASP A 63 8.59 0.49 6.41
CA ASP A 63 9.55 1.08 7.33
C ASP A 63 9.81 2.54 6.99
N THR A 64 10.58 3.22 7.84
CA THR A 64 10.89 4.62 7.61
C THR A 64 11.90 4.78 6.48
N PRO A 65 13.05 4.10 6.55
CA PRO A 65 14.06 4.19 5.51
C PRO A 65 13.70 3.39 4.27
N GLY A 66 13.61 2.07 4.42
CA GLY A 66 13.29 1.21 3.29
C GLY A 66 12.13 1.72 2.47
N LEU A 67 10.97 1.89 3.09
CA LEU A 67 9.80 2.36 2.39
C LEU A 67 10.06 3.73 1.74
N LEU A 68 10.18 4.75 2.58
CA LEU A 68 10.40 6.12 2.08
C LEU A 68 11.46 6.17 0.99
N ASP A 69 12.61 5.53 1.23
CA ASP A 69 13.68 5.54 0.22
C ASP A 69 13.18 4.97 -1.10
N ALA A 70 12.75 3.71 -1.09
CA ALA A 70 12.24 3.06 -2.29
C ALA A 70 10.93 3.67 -2.75
N LYS A 71 10.37 4.57 -1.94
CA LYS A 71 9.11 5.22 -2.25
C LYS A 71 9.31 6.42 -3.16
N VAL A 72 10.15 7.36 -2.73
CA VAL A 72 10.41 8.55 -3.52
C VAL A 72 11.24 8.21 -4.74
N GLN A 73 12.25 7.36 -4.55
CA GLN A 73 13.12 6.94 -5.64
C GLN A 73 12.32 6.26 -6.75
N GLU A 74 11.55 5.24 -6.37
CA GLU A 74 10.73 4.50 -7.32
C GLU A 74 9.72 5.41 -8.00
N ALA A 75 9.19 6.37 -7.24
CA ALA A 75 8.21 7.32 -7.76
C ALA A 75 8.87 8.41 -8.59
N LEU A 76 10.09 8.78 -8.22
CA LEU A 76 10.81 9.82 -8.94
C LEU A 76 11.47 9.22 -10.18
N GLU A 77 11.89 7.96 -10.07
CA GLU A 77 12.54 7.28 -11.18
C GLU A 77 11.54 6.96 -12.28
N VAL A 78 10.33 6.53 -11.90
CA VAL A 78 9.29 6.20 -12.87
C VAL A 78 9.02 7.37 -13.79
N LEU A 79 9.02 8.59 -13.23
CA LEU A 79 8.78 9.78 -14.04
C LEU A 79 9.85 9.90 -15.12
N ASN A 80 11.11 9.75 -14.71
CA ASN A 80 12.24 9.84 -15.64
C ASN A 80 12.44 8.52 -16.39
N ARG A 81 11.57 7.54 -16.15
CA ARG A 81 11.68 6.26 -16.84
C ARG A 81 11.19 6.38 -18.28
N HIS A 82 11.09 7.62 -18.75
CA HIS A 82 10.65 7.90 -20.12
C HIS A 82 11.72 7.53 -21.13
N MET A 83 11.50 6.43 -21.85
CA MET A 83 12.44 5.97 -22.85
C MET A 83 11.87 6.16 -24.25
N ASN A 84 10.68 5.62 -24.48
CA ASN A 84 10.03 5.73 -25.79
C ASN A 84 8.73 6.53 -25.67
N VAL A 85 7.75 5.96 -24.97
CA VAL A 85 6.47 6.63 -24.79
C VAL A 85 6.06 6.61 -23.31
N GLY A 1 -20.81 -27.93 17.60
CA GLY A 1 -22.08 -28.49 17.07
C GLY A 1 -22.57 -27.72 15.86
N SER A 2 -22.31 -28.26 14.67
CA SER A 2 -22.73 -27.63 13.42
C SER A 2 -21.99 -26.31 13.20
N SER A 3 -22.37 -25.30 13.97
CA SER A 3 -21.76 -23.98 13.86
C SER A 3 -21.54 -23.37 15.24
N LEU A 4 -20.89 -22.22 15.27
CA LEU A 4 -20.63 -21.54 16.54
C LEU A 4 -21.90 -20.86 17.06
N ALA A 5 -22.69 -21.62 17.80
CA ALA A 5 -23.94 -21.10 18.36
C ALA A 5 -23.68 -20.30 19.64
N SER A 6 -22.60 -19.53 19.64
CA SER A 6 -22.25 -18.72 20.80
C SER A 6 -22.58 -17.25 20.54
N GLN A 7 -21.97 -16.69 19.50
CA GLN A 7 -22.21 -15.29 19.14
C GLN A 7 -23.42 -15.16 18.23
N GLY A 8 -24.35 -14.28 18.61
CA GLY A 8 -25.54 -14.08 17.81
C GLY A 8 -25.25 -13.36 16.52
N GLN A 9 -24.16 -12.62 16.50
CA GLN A 9 -23.76 -11.87 15.30
C GLN A 9 -23.04 -12.77 14.31
N ASN A 10 -23.79 -13.73 13.76
CA ASN A 10 -23.23 -14.67 12.78
C ASN A 10 -22.84 -13.95 11.50
N LEU A 11 -23.84 -13.66 10.67
CA LEU A 11 -23.61 -12.99 9.40
C LEU A 11 -22.79 -11.71 9.58
N SER A 12 -22.88 -11.11 10.77
CA SER A 12 -22.14 -9.89 11.07
C SER A 12 -20.64 -10.12 10.91
N THR A 13 -20.14 -11.20 11.50
CA THR A 13 -18.72 -11.53 11.42
C THR A 13 -18.40 -12.23 10.11
N VAL A 14 -19.41 -12.87 9.53
CA VAL A 14 -19.23 -13.58 8.26
C VAL A 14 -18.92 -12.60 7.14
N LEU A 15 -19.35 -11.36 7.29
CA LEU A 15 -19.10 -10.33 6.30
C LEU A 15 -17.70 -9.74 6.43
N ALA A 16 -17.02 -10.06 7.54
CA ALA A 16 -15.68 -9.56 7.78
C ALA A 16 -14.64 -10.31 6.94
N ASN A 17 -15.05 -10.78 5.77
CA ASN A 17 -14.14 -11.51 4.89
C ASN A 17 -13.47 -10.57 3.90
N LEU A 18 -13.48 -9.28 4.22
CA LEU A 18 -12.86 -8.27 3.35
C LEU A 18 -11.76 -7.53 4.09
N THR A 19 -10.82 -8.29 4.65
CA THR A 19 -9.70 -7.70 5.39
C THR A 19 -8.63 -7.17 4.44
N PRO A 20 -8.20 -7.96 3.43
CA PRO A 20 -7.17 -7.53 2.49
C PRO A 20 -7.65 -6.40 1.58
N GLU A 21 -8.92 -6.44 1.21
CA GLU A 21 -9.50 -5.41 0.35
C GLU A 21 -9.44 -4.05 1.03
N GLN A 22 -9.75 -4.03 2.32
CA GLN A 22 -9.74 -2.80 3.09
C GLN A 22 -8.30 -2.35 3.37
N GLN A 23 -7.48 -3.29 3.85
CA GLN A 23 -6.09 -2.98 4.17
C GLN A 23 -5.40 -2.34 2.97
N LYS A 24 -5.42 -3.03 1.83
CA LYS A 24 -4.79 -2.51 0.62
C LYS A 24 -5.30 -1.12 0.28
N ASN A 25 -6.58 -0.87 0.59
CA ASN A 25 -7.19 0.43 0.31
C ASN A 25 -6.63 1.50 1.25
N VAL A 26 -6.74 1.26 2.55
CA VAL A 26 -6.26 2.22 3.54
C VAL A 26 -4.79 2.55 3.33
N LEU A 27 -4.00 1.51 3.09
CA LEU A 27 -2.57 1.67 2.86
C LEU A 27 -2.29 2.78 1.87
N GLY A 28 -2.99 2.77 0.74
CA GLY A 28 -2.80 3.78 -0.27
C GLY A 28 -3.11 5.18 0.23
N GLU A 29 -4.23 5.33 0.93
CA GLU A 29 -4.62 6.63 1.47
C GLU A 29 -3.55 7.12 2.44
N ARG A 30 -3.22 6.30 3.43
CA ARG A 30 -2.21 6.64 4.42
C ARG A 30 -0.82 6.71 3.76
N LEU A 31 -0.71 6.13 2.58
CA LEU A 31 0.56 6.11 1.85
C LEU A 31 0.92 7.50 1.33
N TYR A 32 0.04 8.04 0.50
CA TYR A 32 0.24 9.36 -0.10
C TYR A 32 0.58 10.40 0.96
N ASN A 33 0.05 10.21 2.17
CA ASN A 33 0.29 11.15 3.27
C ASN A 33 1.74 11.10 3.75
N HIS A 34 2.31 9.91 3.78
CA HIS A 34 3.67 9.76 4.24
C HIS A 34 4.63 10.53 3.34
N ILE A 35 4.38 10.44 2.05
CA ILE A 35 5.21 11.08 1.04
C ILE A 35 4.67 12.43 0.56
N VAL A 36 3.37 12.67 0.70
CA VAL A 36 2.81 13.94 0.22
C VAL A 36 3.59 15.13 0.79
N ALA A 37 3.79 15.13 2.11
CA ALA A 37 4.52 16.21 2.76
C ALA A 37 6.03 16.08 2.51
N ILE A 38 6.48 14.87 2.19
CA ILE A 38 7.90 14.64 1.95
C ILE A 38 8.26 14.81 0.47
N ASN A 39 7.72 13.94 -0.39
CA ASN A 39 7.99 14.02 -1.82
C ASN A 39 6.70 14.15 -2.61
N PRO A 40 6.09 15.35 -2.63
CA PRO A 40 4.84 15.60 -3.34
C PRO A 40 4.87 15.14 -4.80
N ALA A 41 5.98 15.44 -5.49
CA ALA A 41 6.12 15.05 -6.89
C ALA A 41 6.56 13.59 -7.03
N ALA A 42 5.95 12.71 -6.24
CA ALA A 42 6.25 11.29 -6.28
C ALA A 42 5.11 10.49 -5.68
N ALA A 43 4.55 11.03 -4.59
CA ALA A 43 3.44 10.38 -3.90
C ALA A 43 2.44 9.78 -4.89
N ALA A 44 2.00 10.59 -5.85
CA ALA A 44 1.04 10.13 -6.86
C ALA A 44 1.54 8.88 -7.57
N LYS A 45 2.86 8.78 -7.72
CA LYS A 45 3.46 7.64 -8.38
C LYS A 45 3.69 6.51 -7.38
N VAL A 46 4.19 6.88 -6.20
CA VAL A 46 4.46 5.92 -5.15
C VAL A 46 3.18 5.29 -4.62
N THR A 47 2.15 6.12 -4.43
CA THR A 47 0.87 5.65 -3.91
C THR A 47 0.17 4.72 -4.89
N GLY A 48 0.01 5.18 -6.11
CA GLY A 48 -0.67 4.39 -7.13
C GLY A 48 0.12 3.16 -7.52
N MET A 49 1.36 3.38 -7.91
CA MET A 49 2.23 2.29 -8.32
C MET A 49 2.62 1.43 -7.12
N LEU A 50 3.08 2.08 -6.04
CA LEU A 50 3.53 1.40 -4.81
C LEU A 50 3.89 -0.07 -5.04
N LEU A 51 2.88 -0.88 -5.37
CA LEU A 51 3.10 -2.29 -5.60
C LEU A 51 3.84 -2.53 -6.92
N GLU A 52 5.13 -2.24 -6.93
CA GLU A 52 5.94 -2.41 -8.13
C GLU A 52 6.70 -3.74 -8.06
N MET A 53 7.57 -3.99 -9.04
CA MET A 53 8.34 -5.23 -9.07
C MET A 53 9.36 -5.29 -7.94
N ASP A 54 10.30 -4.36 -7.92
CA ASP A 54 11.31 -4.32 -6.87
C ASP A 54 10.82 -3.46 -5.71
N ASN A 55 10.69 -2.17 -5.96
CA ASN A 55 10.22 -1.24 -4.95
C ASN A 55 8.95 -1.76 -4.26
N GLY A 56 8.22 -2.61 -4.98
CA GLY A 56 7.00 -3.15 -4.43
C GLY A 56 7.24 -4.12 -3.29
N GLU A 57 7.92 -5.24 -3.57
CA GLU A 57 8.20 -6.25 -2.55
C GLU A 57 8.44 -5.63 -1.17
N ILE A 58 9.37 -4.67 -1.12
CA ILE A 58 9.69 -4.00 0.13
C ILE A 58 8.45 -3.39 0.76
N LEU A 59 7.62 -2.76 -0.07
CA LEU A 59 6.40 -2.12 0.38
C LEU A 59 5.70 -2.94 1.45
N ASN A 60 5.79 -4.26 1.33
CA ASN A 60 5.17 -5.17 2.29
C ASN A 60 5.48 -4.77 3.73
N LEU A 61 6.54 -3.98 3.91
CA LEU A 61 6.95 -3.54 5.23
C LEU A 61 6.85 -2.01 5.37
N LEU A 62 5.71 -1.45 4.97
CA LEU A 62 5.50 0.00 5.03
C LEU A 62 6.30 0.67 6.15
N ASP A 63 7.49 1.16 5.81
CA ASP A 63 8.38 1.81 6.79
C ASP A 63 8.54 3.30 6.47
N THR A 64 9.02 4.06 7.45
CA THR A 64 9.22 5.48 7.25
C THR A 64 10.45 5.74 6.38
N PRO A 65 11.60 5.14 6.73
CA PRO A 65 12.83 5.32 5.95
C PRO A 65 12.84 4.49 4.67
N GLY A 66 12.91 3.17 4.81
CA GLY A 66 12.94 2.29 3.65
C GLY A 66 11.92 2.66 2.59
N LEU A 67 10.65 2.69 2.99
CA LEU A 67 9.58 3.03 2.06
C LEU A 67 9.83 4.38 1.41
N LEU A 68 9.72 5.45 2.20
CA LEU A 68 9.93 6.80 1.68
C LEU A 68 11.24 6.92 0.91
N ASP A 69 12.21 6.05 1.21
CA ASP A 69 13.49 6.10 0.51
C ASP A 69 13.39 5.41 -0.83
N ALA A 70 13.06 4.12 -0.81
CA ALA A 70 12.91 3.34 -2.03
C ALA A 70 11.65 3.73 -2.81
N LYS A 71 10.83 4.60 -2.23
CA LYS A 71 9.60 5.04 -2.86
C LYS A 71 9.83 6.29 -3.71
N VAL A 72 10.35 7.33 -3.07
CA VAL A 72 10.62 8.60 -3.75
C VAL A 72 11.64 8.41 -4.87
N GLN A 73 12.71 7.69 -4.56
CA GLN A 73 13.75 7.45 -5.54
C GLN A 73 13.20 6.66 -6.72
N GLU A 74 12.52 5.56 -6.44
CA GLU A 74 11.94 4.73 -7.50
C GLU A 74 10.88 5.49 -8.28
N ALA A 75 10.01 6.21 -7.57
CA ALA A 75 8.95 6.98 -8.21
C ALA A 75 9.54 8.08 -9.10
N LEU A 76 10.57 8.74 -8.58
CA LEU A 76 11.23 9.82 -9.33
C LEU A 76 12.19 9.26 -10.37
N GLU A 77 12.65 8.03 -10.16
CA GLU A 77 13.57 7.39 -11.09
C GLU A 77 12.82 6.92 -12.34
N VAL A 78 11.68 6.27 -12.14
CA VAL A 78 10.87 5.77 -13.24
C VAL A 78 9.93 6.86 -13.76
N LEU A 79 9.37 7.62 -12.83
CA LEU A 79 8.45 8.70 -13.19
C LEU A 79 7.28 8.17 -14.01
N ASN A 80 6.55 9.07 -14.64
CA ASN A 80 5.40 8.70 -15.47
C ASN A 80 5.83 7.95 -16.73
N ARG A 81 7.13 7.70 -16.89
CA ARG A 81 7.64 6.98 -18.05
C ARG A 81 7.25 5.51 -17.99
N HIS A 82 6.15 5.21 -17.29
CA HIS A 82 5.67 3.84 -17.16
C HIS A 82 4.98 3.39 -18.44
N MET A 83 5.78 2.89 -19.38
CA MET A 83 5.26 2.41 -20.65
C MET A 83 5.46 0.91 -20.81
N ASN A 84 5.30 0.42 -22.04
CA ASN A 84 5.47 -1.01 -22.32
C ASN A 84 6.91 -1.33 -22.68
N VAL A 85 7.54 -0.42 -23.42
CA VAL A 85 8.93 -0.60 -23.84
C VAL A 85 9.78 0.60 -23.46
N GLY A 1 -10.28 -19.85 0.76
CA GLY A 1 -11.35 -19.61 1.77
C GLY A 1 -11.71 -20.85 2.54
N SER A 2 -10.71 -21.66 2.88
CA SER A 2 -10.93 -22.89 3.63
C SER A 2 -11.11 -22.59 5.11
N SER A 3 -12.34 -22.79 5.60
CA SER A 3 -12.65 -22.53 7.00
C SER A 3 -13.26 -23.76 7.65
N LEU A 4 -12.58 -24.29 8.66
CA LEU A 4 -13.06 -25.47 9.37
C LEU A 4 -14.37 -25.19 10.10
N ALA A 5 -14.89 -26.19 10.79
CA ALA A 5 -16.14 -26.04 11.53
C ALA A 5 -15.96 -25.10 12.73
N SER A 6 -16.23 -23.82 12.51
CA SER A 6 -16.11 -22.82 13.56
C SER A 6 -17.39 -22.75 14.39
N GLN A 7 -17.22 -22.57 15.70
CA GLN A 7 -18.36 -22.48 16.61
C GLN A 7 -19.14 -21.20 16.37
N GLY A 8 -18.42 -20.08 16.28
CA GLY A 8 -19.06 -18.80 16.06
C GLY A 8 -18.88 -18.30 14.64
N GLN A 9 -19.99 -17.97 13.98
CA GLN A 9 -19.94 -17.48 12.61
C GLN A 9 -19.87 -15.96 12.58
N ASN A 10 -19.12 -15.39 13.51
CA ASN A 10 -18.96 -13.94 13.59
C ASN A 10 -18.17 -13.41 12.39
N LEU A 11 -17.53 -14.31 11.65
CA LEU A 11 -16.75 -13.92 10.49
C LEU A 11 -17.64 -13.65 9.28
N SER A 12 -18.79 -14.34 9.23
CA SER A 12 -19.73 -14.17 8.13
C SER A 12 -20.69 -13.01 8.39
N THR A 13 -20.85 -12.66 9.67
CA THR A 13 -21.73 -11.56 10.05
C THR A 13 -21.10 -10.21 9.71
N VAL A 14 -20.16 -9.78 10.54
CA VAL A 14 -19.47 -8.51 10.35
C VAL A 14 -18.59 -8.55 9.10
N LEU A 15 -18.14 -7.39 8.63
CA LEU A 15 -17.30 -7.30 7.45
C LEU A 15 -15.87 -7.78 7.73
N ALA A 16 -15.71 -8.66 8.71
CA ALA A 16 -14.40 -9.19 9.07
C ALA A 16 -13.79 -9.97 7.91
N ASN A 17 -14.60 -10.30 6.90
CA ASN A 17 -14.14 -11.04 5.74
C ASN A 17 -13.53 -10.10 4.70
N LEU A 18 -13.68 -8.79 4.93
CA LEU A 18 -13.14 -7.80 4.02
C LEU A 18 -11.92 -7.11 4.62
N THR A 19 -10.92 -7.90 4.97
CA THR A 19 -9.70 -7.37 5.56
C THR A 19 -8.69 -6.94 4.48
N PRO A 20 -8.35 -7.85 3.54
CA PRO A 20 -7.38 -7.53 2.47
C PRO A 20 -7.92 -6.48 1.51
N GLU A 21 -9.24 -6.34 1.46
CA GLU A 21 -9.87 -5.36 0.58
C GLU A 21 -9.83 -3.97 1.19
N GLN A 22 -10.14 -3.89 2.48
CA GLN A 22 -10.14 -2.61 3.18
C GLN A 22 -8.73 -2.21 3.59
N GLN A 23 -7.94 -3.19 4.03
CA GLN A 23 -6.57 -2.93 4.46
C GLN A 23 -5.76 -2.27 3.35
N LYS A 24 -5.85 -2.81 2.14
CA LYS A 24 -5.12 -2.26 1.01
C LYS A 24 -5.54 -0.81 0.77
N ASN A 25 -6.84 -0.56 0.81
CA ASN A 25 -7.38 0.78 0.60
C ASN A 25 -6.70 1.80 1.51
N VAL A 26 -6.68 1.52 2.81
CA VAL A 26 -6.05 2.42 3.77
C VAL A 26 -4.60 2.68 3.42
N LEU A 27 -3.89 1.62 3.04
CA LEU A 27 -2.49 1.71 2.66
C LEU A 27 -2.25 2.88 1.72
N GLY A 28 -3.01 2.94 0.63
CA GLY A 28 -2.85 4.00 -0.35
C GLY A 28 -3.12 5.37 0.25
N GLU A 29 -4.15 5.49 1.07
CA GLU A 29 -4.48 6.77 1.68
C GLU A 29 -3.33 7.23 2.58
N ARG A 30 -2.94 6.36 3.51
CA ARG A 30 -1.86 6.66 4.43
C ARG A 30 -0.51 6.67 3.69
N LEU A 31 -0.50 6.21 2.45
CA LEU A 31 0.72 6.16 1.65
C LEU A 31 1.04 7.53 1.05
N TYR A 32 0.12 8.01 0.22
CA TYR A 32 0.28 9.30 -0.43
C TYR A 32 0.65 10.39 0.57
N ASN A 33 0.10 10.29 1.77
CA ASN A 33 0.36 11.26 2.82
C ASN A 33 1.81 11.20 3.32
N HIS A 34 2.37 10.01 3.40
CA HIS A 34 3.73 9.87 3.89
C HIS A 34 4.69 10.59 2.95
N ILE A 35 4.45 10.43 1.67
CA ILE A 35 5.29 11.04 0.64
C ILE A 35 4.73 12.37 0.11
N VAL A 36 3.45 12.65 0.35
CA VAL A 36 2.87 13.90 -0.16
C VAL A 36 3.66 15.10 0.34
N ALA A 37 3.92 15.14 1.64
CA ALA A 37 4.67 16.23 2.25
C ALA A 37 6.14 16.13 1.90
N ILE A 38 6.57 14.94 1.51
CA ILE A 38 7.97 14.72 1.17
C ILE A 38 8.24 14.94 -0.32
N ASN A 39 7.68 14.06 -1.15
CA ASN A 39 7.85 14.18 -2.60
C ASN A 39 6.50 14.23 -3.32
N PRO A 40 5.88 15.42 -3.36
CA PRO A 40 4.59 15.62 -4.01
C PRO A 40 4.58 15.08 -5.44
N ALA A 41 5.74 15.09 -6.07
CA ALA A 41 5.87 14.59 -7.44
C ALA A 41 6.26 13.11 -7.46
N ALA A 42 5.60 12.33 -6.63
CA ALA A 42 5.88 10.90 -6.55
C ALA A 42 4.70 10.15 -5.95
N ALA A 43 4.14 10.70 -4.88
CA ALA A 43 2.99 10.10 -4.19
C ALA A 43 2.05 9.44 -5.19
N ALA A 44 1.65 10.20 -6.21
CA ALA A 44 0.76 9.70 -7.24
C ALA A 44 1.26 8.39 -7.84
N LYS A 45 2.58 8.31 -8.03
CA LYS A 45 3.19 7.10 -8.59
C LYS A 45 3.40 6.06 -7.50
N VAL A 46 3.96 6.49 -6.39
CA VAL A 46 4.22 5.59 -5.27
C VAL A 46 2.93 4.95 -4.76
N THR A 47 1.93 5.78 -4.53
CA THR A 47 0.64 5.31 -4.03
C THR A 47 -0.05 4.40 -5.05
N GLY A 48 -0.12 4.86 -6.29
CA GLY A 48 -0.77 4.08 -7.34
C GLY A 48 0.02 2.86 -7.73
N MET A 49 1.28 3.07 -8.09
CA MET A 49 2.14 1.97 -8.50
C MET A 49 2.56 1.13 -7.31
N LEU A 50 3.08 1.80 -6.27
CA LEU A 50 3.59 1.14 -5.04
C LEU A 50 4.04 -0.29 -5.30
N LEU A 51 3.08 -1.15 -5.63
CA LEU A 51 3.36 -2.55 -5.89
C LEU A 51 4.16 -2.73 -7.17
N GLU A 52 5.43 -2.35 -7.12
CA GLU A 52 6.31 -2.48 -8.27
C GLU A 52 7.06 -3.81 -8.24
N MET A 53 7.85 -4.08 -9.28
CA MET A 53 8.59 -5.32 -9.36
C MET A 53 9.65 -5.41 -8.28
N ASP A 54 10.61 -4.50 -8.30
CA ASP A 54 11.68 -4.48 -7.31
C ASP A 54 11.30 -3.63 -6.11
N ASN A 55 11.25 -2.31 -6.31
CA ASN A 55 10.90 -1.39 -5.25
C ASN A 55 9.58 -1.79 -4.59
N GLY A 56 8.78 -2.60 -5.28
CA GLY A 56 7.51 -3.03 -4.73
C GLY A 56 7.69 -4.05 -3.63
N GLU A 57 8.28 -5.21 -3.95
CA GLU A 57 8.49 -6.27 -2.95
C GLU A 57 8.79 -5.69 -1.58
N ILE A 58 9.77 -4.80 -1.52
CA ILE A 58 10.15 -4.17 -0.25
C ILE A 58 8.94 -3.53 0.43
N LEU A 59 8.14 -2.81 -0.36
CA LEU A 59 6.96 -2.14 0.16
C LEU A 59 6.16 -3.02 1.11
N ASN A 60 6.23 -4.34 0.90
CA ASN A 60 5.50 -5.29 1.75
C ASN A 60 5.66 -4.96 3.23
N LEU A 61 6.74 -4.25 3.58
CA LEU A 61 7.00 -3.90 4.97
C LEU A 61 6.89 -2.39 5.20
N LEU A 62 5.70 -1.83 4.99
CA LEU A 62 5.45 -0.40 5.15
C LEU A 62 6.30 0.21 6.28
N ASP A 63 7.54 0.53 5.97
CA ASP A 63 8.46 1.10 6.96
C ASP A 63 8.59 2.61 6.79
N THR A 64 9.10 3.28 7.82
CA THR A 64 9.26 4.72 7.76
C THR A 64 10.44 5.09 6.87
N PRO A 65 11.63 4.50 7.11
CA PRO A 65 12.81 4.78 6.29
C PRO A 65 12.76 4.06 4.94
N GLY A 66 12.83 2.72 4.98
CA GLY A 66 12.82 1.93 3.76
C GLY A 66 11.77 2.38 2.77
N LEU A 67 10.50 2.37 3.19
CA LEU A 67 9.41 2.78 2.31
C LEU A 67 9.64 4.20 1.80
N LEU A 68 9.55 5.17 2.69
CA LEU A 68 9.75 6.57 2.33
C LEU A 68 11.00 6.77 1.48
N ASP A 69 11.97 5.86 1.63
CA ASP A 69 13.22 5.97 0.87
C ASP A 69 13.05 5.37 -0.51
N ALA A 70 12.76 4.08 -0.58
CA ALA A 70 12.59 3.41 -1.87
C ALA A 70 11.37 3.96 -2.60
N LYS A 71 10.44 4.55 -1.85
CA LYS A 71 9.21 5.11 -2.42
C LYS A 71 9.50 6.39 -3.18
N VAL A 72 10.11 7.35 -2.48
CA VAL A 72 10.42 8.63 -3.08
C VAL A 72 11.44 8.49 -4.20
N GLN A 73 12.48 7.73 -3.95
CA GLN A 73 13.53 7.51 -4.93
C GLN A 73 13.00 6.81 -6.17
N GLU A 74 12.34 5.67 -5.98
CA GLU A 74 11.78 4.91 -7.10
C GLU A 74 10.82 5.75 -7.92
N ALA A 75 10.12 6.66 -7.24
CA ALA A 75 9.16 7.53 -7.89
C ALA A 75 9.84 8.74 -8.53
N LEU A 76 10.84 9.28 -7.84
CA LEU A 76 11.57 10.43 -8.34
C LEU A 76 12.43 10.04 -9.52
N GLU A 77 12.93 8.81 -9.50
CA GLU A 77 13.77 8.29 -10.58
C GLU A 77 12.93 8.03 -11.83
N VAL A 78 11.88 7.24 -11.65
CA VAL A 78 10.98 6.91 -12.75
C VAL A 78 10.13 8.12 -13.16
N LEU A 79 9.64 8.86 -12.17
CA LEU A 79 8.82 10.04 -12.43
C LEU A 79 7.62 9.68 -13.31
N ASN A 80 6.92 10.70 -13.78
CA ASN A 80 5.75 10.50 -14.63
C ASN A 80 6.11 9.79 -15.93
N ARG A 81 7.40 9.52 -16.15
CA ARG A 81 7.86 8.84 -17.36
C ARG A 81 7.35 7.39 -17.40
N HIS A 82 6.23 7.13 -16.71
CA HIS A 82 5.64 5.80 -16.67
C HIS A 82 4.95 5.47 -17.98
N MET A 83 5.61 4.66 -18.80
CA MET A 83 5.04 4.26 -20.09
C MET A 83 4.57 2.81 -20.05
N ASN A 84 5.10 2.04 -19.10
CA ASN A 84 4.73 0.64 -18.96
C ASN A 84 3.83 0.43 -17.74
N VAL A 85 2.52 0.58 -17.94
CA VAL A 85 1.56 0.41 -16.85
C VAL A 85 0.33 -0.34 -17.35
N GLY A 1 -23.96 -19.26 25.14
CA GLY A 1 -24.66 -20.44 25.70
C GLY A 1 -24.39 -20.62 27.19
N SER A 2 -23.11 -20.54 27.56
CA SER A 2 -22.72 -20.70 28.96
C SER A 2 -21.40 -19.98 29.25
N SER A 3 -20.33 -20.46 28.63
CA SER A 3 -19.01 -19.86 28.81
C SER A 3 -18.64 -18.95 27.65
N LEU A 4 -18.42 -19.55 26.49
CA LEU A 4 -18.06 -18.79 25.29
C LEU A 4 -19.27 -18.62 24.38
N ALA A 5 -19.33 -17.49 23.69
CA ALA A 5 -20.43 -17.20 22.77
C ALA A 5 -20.19 -17.84 21.41
N SER A 6 -21.22 -17.81 20.57
CA SER A 6 -21.12 -18.39 19.23
C SER A 6 -20.44 -17.43 18.26
N GLN A 7 -20.66 -16.13 18.49
CA GLN A 7 -20.06 -15.10 17.64
C GLN A 7 -18.57 -14.97 17.91
N GLY A 8 -17.82 -16.02 17.60
CA GLY A 8 -16.38 -16.00 17.81
C GLY A 8 -15.66 -15.14 16.78
N GLN A 9 -15.05 -15.79 15.80
CA GLN A 9 -14.32 -15.08 14.75
C GLN A 9 -15.27 -14.55 13.69
N ASN A 10 -16.19 -13.68 14.11
CA ASN A 10 -17.17 -13.09 13.20
C ASN A 10 -16.49 -12.12 12.24
N LEU A 11 -15.80 -11.15 12.81
CA LEU A 11 -15.09 -10.15 12.01
C LEU A 11 -14.13 -10.80 11.02
N SER A 12 -13.50 -11.88 11.47
CA SER A 12 -12.54 -12.60 10.63
C SER A 12 -13.22 -13.12 9.37
N THR A 13 -14.31 -13.87 9.53
CA THR A 13 -15.04 -14.42 8.41
C THR A 13 -15.71 -13.32 7.59
N VAL A 14 -16.13 -12.25 8.27
CA VAL A 14 -16.78 -11.13 7.60
C VAL A 14 -15.84 -10.45 6.62
N LEU A 15 -14.80 -9.80 7.16
CA LEU A 15 -13.82 -9.11 6.33
C LEU A 15 -12.79 -10.08 5.76
N ALA A 16 -13.18 -11.34 5.58
CA ALA A 16 -12.29 -12.35 5.04
C ALA A 16 -12.05 -12.15 3.55
N ASN A 17 -13.05 -11.58 2.88
CA ASN A 17 -12.95 -11.33 1.44
C ASN A 17 -12.69 -9.85 1.16
N LEU A 18 -12.54 -9.05 2.22
CA LEU A 18 -12.28 -7.63 2.07
C LEU A 18 -11.02 -7.23 2.82
N THR A 19 -10.01 -8.10 2.79
CA THR A 19 -8.75 -7.84 3.47
C THR A 19 -7.80 -7.01 2.61
N PRO A 20 -7.61 -7.39 1.33
CA PRO A 20 -6.72 -6.66 0.42
C PRO A 20 -7.24 -5.28 0.08
N GLU A 21 -8.55 -5.18 -0.16
CA GLU A 21 -9.18 -3.90 -0.50
C GLU A 21 -9.12 -2.94 0.67
N GLN A 22 -9.52 -3.41 1.85
CA GLN A 22 -9.51 -2.58 3.04
C GLN A 22 -8.07 -2.26 3.46
N GLN A 23 -7.28 -3.31 3.65
CA GLN A 23 -5.89 -3.14 4.04
C GLN A 23 -5.16 -2.19 3.08
N LYS A 24 -5.42 -2.33 1.79
CA LYS A 24 -4.78 -1.47 0.79
C LYS A 24 -5.19 -0.02 0.99
N ASN A 25 -6.49 0.23 1.09
CA ASN A 25 -7.01 1.59 1.26
C ASN A 25 -6.31 2.30 2.42
N VAL A 26 -6.30 1.66 3.59
CA VAL A 26 -5.67 2.25 4.76
C VAL A 26 -4.19 2.52 4.52
N LEU A 27 -3.51 1.51 3.97
CA LEU A 27 -2.08 1.64 3.68
C LEU A 27 -1.83 2.79 2.73
N GLY A 28 -2.58 2.80 1.61
CA GLY A 28 -2.41 3.84 0.62
C GLY A 28 -2.71 5.23 1.16
N GLU A 29 -3.80 5.35 1.90
CA GLU A 29 -4.19 6.64 2.47
C GLU A 29 -3.08 7.19 3.37
N ARG A 30 -2.65 6.39 4.33
CA ARG A 30 -1.61 6.80 5.26
C ARG A 30 -0.24 6.89 4.57
N LEU A 31 -0.09 6.17 3.47
CA LEU A 31 1.16 6.16 2.74
C LEU A 31 1.35 7.47 1.96
N TYR A 32 0.43 7.75 1.04
CA TYR A 32 0.47 8.96 0.23
C TYR A 32 0.81 10.18 1.09
N ASN A 33 0.40 10.13 2.35
CA ASN A 33 0.64 11.22 3.29
C ASN A 33 2.12 11.32 3.66
N HIS A 34 2.78 10.18 3.77
CA HIS A 34 4.18 10.17 4.13
C HIS A 34 5.02 10.89 3.07
N ILE A 35 4.66 10.66 1.83
CA ILE A 35 5.37 11.24 0.69
C ILE A 35 4.73 12.53 0.16
N VAL A 36 3.42 12.69 0.30
CA VAL A 36 2.77 13.91 -0.21
C VAL A 36 3.51 15.15 0.26
N ALA A 37 3.78 15.23 1.56
CA ALA A 37 4.49 16.37 2.12
C ALA A 37 5.97 16.32 1.77
N ILE A 38 6.49 15.11 1.56
CA ILE A 38 7.90 14.94 1.23
C ILE A 38 8.13 15.03 -0.28
N ASN A 39 7.57 14.09 -1.04
CA ASN A 39 7.73 14.08 -2.48
C ASN A 39 6.37 14.09 -3.19
N PRO A 40 5.75 15.28 -3.28
CA PRO A 40 4.43 15.44 -3.92
C PRO A 40 4.40 14.86 -5.34
N ALA A 41 5.49 15.02 -6.06
CA ALA A 41 5.58 14.53 -7.44
C ALA A 41 6.02 13.08 -7.50
N ALA A 42 5.45 12.25 -6.63
CA ALA A 42 5.77 10.83 -6.57
C ALA A 42 4.65 10.06 -5.89
N ALA A 43 4.09 10.67 -4.84
CA ALA A 43 3.00 10.07 -4.10
C ALA A 43 2.01 9.37 -5.03
N ALA A 44 1.51 10.12 -6.00
CA ALA A 44 0.55 9.59 -6.97
C ALA A 44 1.06 8.28 -7.59
N LYS A 45 2.36 8.19 -7.78
CA LYS A 45 2.98 7.00 -8.35
C LYS A 45 3.22 5.95 -7.27
N VAL A 46 3.70 6.40 -6.12
CA VAL A 46 3.99 5.52 -5.00
C VAL A 46 2.72 4.91 -4.42
N THR A 47 1.64 5.68 -4.42
CA THR A 47 0.37 5.22 -3.86
C THR A 47 -0.35 4.26 -4.81
N GLY A 48 -0.58 4.69 -6.03
CA GLY A 48 -1.26 3.85 -6.99
C GLY A 48 -0.47 2.61 -7.34
N MET A 49 0.76 2.83 -7.77
CA MET A 49 1.64 1.72 -8.14
C MET A 49 2.08 0.94 -6.90
N LEU A 50 2.56 1.69 -5.91
CA LEU A 50 3.07 1.12 -4.64
C LEU A 50 3.51 -0.35 -4.76
N LEU A 51 2.56 -1.24 -5.00
CA LEU A 51 2.87 -2.65 -5.13
C LEU A 51 3.62 -2.94 -6.42
N GLU A 52 4.89 -2.52 -6.45
CA GLU A 52 5.73 -2.75 -7.62
C GLU A 52 6.53 -4.04 -7.47
N MET A 53 7.27 -4.40 -8.52
CA MET A 53 8.07 -5.62 -8.51
C MET A 53 9.09 -5.61 -7.38
N ASP A 54 10.01 -4.65 -7.42
CA ASP A 54 11.03 -4.54 -6.38
C ASP A 54 10.59 -3.54 -5.33
N ASN A 55 10.53 -2.27 -5.71
CA ASN A 55 10.09 -1.21 -4.82
C ASN A 55 8.89 -1.65 -3.99
N GLY A 56 8.07 -2.52 -4.58
CA GLY A 56 6.89 -3.00 -3.90
C GLY A 56 7.21 -3.99 -2.79
N GLU A 57 7.89 -5.08 -3.13
CA GLU A 57 8.24 -6.10 -2.14
C GLU A 57 8.51 -5.52 -0.76
N ILE A 58 9.44 -4.57 -0.69
CA ILE A 58 9.79 -3.93 0.57
C ILE A 58 8.56 -3.32 1.23
N LEU A 59 7.74 -2.66 0.41
CA LEU A 59 6.51 -2.02 0.88
C LEU A 59 5.81 -2.85 1.96
N ASN A 60 5.89 -4.17 1.83
CA ASN A 60 5.26 -5.07 2.79
C ASN A 60 5.54 -4.65 4.24
N LEU A 61 6.68 -3.98 4.45
CA LEU A 61 7.06 -3.54 5.78
C LEU A 61 7.03 -2.01 5.90
N LEU A 62 5.88 -1.41 5.56
CA LEU A 62 5.70 0.05 5.60
C LEU A 62 6.59 0.70 6.66
N ASP A 63 7.80 1.07 6.26
CA ASP A 63 8.77 1.70 7.16
C ASP A 63 8.95 3.18 6.84
N THR A 64 9.64 3.90 7.72
CA THR A 64 9.88 5.32 7.50
C THR A 64 11.02 5.51 6.49
N PRO A 65 12.16 4.85 6.70
CA PRO A 65 13.30 4.97 5.78
C PRO A 65 13.08 4.15 4.51
N GLY A 66 13.01 2.83 4.66
CA GLY A 66 12.82 1.96 3.51
C GLY A 66 11.71 2.43 2.60
N LEU A 67 10.51 2.59 3.15
CA LEU A 67 9.38 3.03 2.35
C LEU A 67 9.65 4.38 1.70
N LEU A 68 9.68 5.43 2.51
CA LEU A 68 9.92 6.78 2.00
C LEU A 68 11.10 6.84 1.03
N ASP A 69 12.08 5.98 1.24
CA ASP A 69 13.25 5.97 0.37
C ASP A 69 12.97 5.19 -0.91
N ALA A 70 12.67 3.91 -0.79
CA ALA A 70 12.38 3.08 -1.95
C ALA A 70 11.17 3.62 -2.72
N LYS A 71 10.37 4.46 -2.06
CA LYS A 71 9.18 5.03 -2.69
C LYS A 71 9.54 6.26 -3.53
N VAL A 72 10.17 7.26 -2.91
CA VAL A 72 10.55 8.48 -3.62
C VAL A 72 11.41 8.13 -4.83
N GLN A 73 12.40 7.28 -4.62
CA GLN A 73 13.29 6.86 -5.68
C GLN A 73 12.53 6.19 -6.82
N GLU A 74 11.77 5.15 -6.49
CA GLU A 74 10.98 4.43 -7.49
C GLU A 74 10.09 5.37 -8.28
N ALA A 75 9.41 6.26 -7.57
CA ALA A 75 8.51 7.22 -8.20
C ALA A 75 9.27 8.26 -9.01
N LEU A 76 10.31 8.83 -8.41
CA LEU A 76 11.12 9.84 -9.08
C LEU A 76 11.84 9.24 -10.29
N GLU A 77 12.30 8.01 -10.15
CA GLU A 77 13.01 7.33 -11.23
C GLU A 77 12.06 6.98 -12.37
N VAL A 78 10.88 6.46 -12.03
CA VAL A 78 9.89 6.11 -13.04
C VAL A 78 9.35 7.35 -13.75
N LEU A 79 9.65 8.53 -13.20
CA LEU A 79 9.18 9.79 -13.78
C LEU A 79 9.59 9.87 -15.25
N ASN A 80 10.86 10.18 -15.49
CA ASN A 80 11.39 10.28 -16.85
C ASN A 80 11.71 8.91 -17.44
N ARG A 81 11.19 7.85 -16.83
CA ARG A 81 11.42 6.50 -17.31
C ARG A 81 10.65 6.24 -18.61
N HIS A 82 10.16 7.31 -19.23
CA HIS A 82 9.41 7.21 -20.46
C HIS A 82 10.33 6.87 -21.63
N MET A 83 11.63 7.09 -21.43
CA MET A 83 12.62 6.80 -22.46
C MET A 83 12.86 5.30 -22.55
N ASN A 84 13.31 4.84 -23.71
CA ASN A 84 13.57 3.42 -23.93
C ASN A 84 15.00 3.07 -23.52
N VAL A 85 15.54 3.79 -22.54
CA VAL A 85 16.89 3.56 -22.06
C VAL A 85 16.91 3.35 -20.55
N GLY A 1 -17.50 -33.42 13.76
CA GLY A 1 -16.04 -33.37 13.46
C GLY A 1 -15.64 -32.14 12.68
N SER A 2 -15.42 -31.04 13.40
CA SER A 2 -15.04 -29.78 12.76
C SER A 2 -13.53 -29.61 12.78
N SER A 3 -12.91 -29.71 11.60
CA SER A 3 -11.46 -29.57 11.48
C SER A 3 -11.09 -28.11 11.19
N LEU A 4 -11.96 -27.42 10.47
CA LEU A 4 -11.73 -26.02 10.13
C LEU A 4 -12.08 -25.11 11.31
N ALA A 5 -11.51 -25.40 12.47
CA ALA A 5 -11.77 -24.61 13.67
C ALA A 5 -10.72 -23.52 13.84
N SER A 6 -10.26 -22.98 12.72
CA SER A 6 -9.24 -21.93 12.75
C SER A 6 -9.89 -20.57 12.97
N GLN A 7 -11.20 -20.49 12.77
CA GLN A 7 -11.93 -19.24 12.93
C GLN A 7 -12.07 -18.89 14.42
N GLY A 8 -11.76 -17.64 14.75
CA GLY A 8 -11.85 -17.21 16.14
C GLY A 8 -13.29 -16.95 16.55
N GLN A 9 -13.64 -15.67 16.66
CA GLN A 9 -15.00 -15.30 17.05
C GLN A 9 -15.93 -15.32 15.84
N ASN A 10 -17.23 -15.20 16.09
CA ASN A 10 -18.22 -15.21 15.03
C ASN A 10 -18.08 -14.01 14.11
N LEU A 11 -18.60 -12.87 14.54
CA LEU A 11 -18.53 -11.63 13.76
C LEU A 11 -17.10 -11.30 13.35
N SER A 12 -16.12 -11.89 14.03
CA SER A 12 -14.71 -11.65 13.72
C SER A 12 -14.33 -12.27 12.39
N THR A 13 -15.01 -13.35 12.02
CA THR A 13 -14.72 -14.03 10.76
C THR A 13 -15.75 -13.68 9.69
N VAL A 14 -16.85 -13.07 10.09
CA VAL A 14 -17.90 -12.69 9.15
C VAL A 14 -17.38 -11.64 8.16
N LEU A 15 -16.95 -10.49 8.69
CA LEU A 15 -16.42 -9.44 7.83
C LEU A 15 -14.92 -9.59 7.61
N ALA A 16 -14.35 -10.70 8.08
CA ALA A 16 -12.91 -10.96 7.91
C ALA A 16 -12.58 -11.37 6.48
N ASN A 17 -13.59 -11.39 5.62
CA ASN A 17 -13.40 -11.75 4.22
C ASN A 17 -12.98 -10.54 3.39
N LEU A 18 -12.92 -9.37 4.05
CA LEU A 18 -12.53 -8.15 3.39
C LEU A 18 -11.34 -7.50 4.09
N THR A 19 -10.37 -8.32 4.47
CA THR A 19 -9.18 -7.82 5.14
C THR A 19 -8.18 -7.24 4.14
N PRO A 20 -7.84 -7.99 3.07
CA PRO A 20 -6.89 -7.52 2.07
C PRO A 20 -7.44 -6.35 1.25
N GLU A 21 -8.76 -6.28 1.15
CA GLU A 21 -9.40 -5.20 0.39
C GLU A 21 -9.38 -3.90 1.19
N GLN A 22 -9.72 -3.99 2.47
CA GLN A 22 -9.75 -2.82 3.34
C GLN A 22 -8.33 -2.39 3.72
N GLN A 23 -7.53 -3.34 4.18
CA GLN A 23 -6.16 -3.06 4.58
C GLN A 23 -5.39 -2.37 3.45
N LYS A 24 -5.46 -2.95 2.26
CA LYS A 24 -4.77 -2.39 1.10
C LYS A 24 -5.33 -1.01 0.76
N ASN A 25 -6.60 -0.77 1.11
CA ASN A 25 -7.23 0.51 0.83
C ASN A 25 -6.66 1.61 1.70
N VAL A 26 -6.70 1.41 3.02
CA VAL A 26 -6.17 2.40 3.95
C VAL A 26 -4.72 2.74 3.63
N LEU A 27 -3.92 1.71 3.37
CA LEU A 27 -2.51 1.91 3.06
C LEU A 27 -2.33 2.96 1.97
N GLY A 28 -3.10 2.84 0.89
CA GLY A 28 -3.00 3.78 -0.21
C GLY A 28 -3.31 5.20 0.21
N GLU A 29 -4.35 5.38 1.02
CA GLU A 29 -4.72 6.70 1.50
C GLU A 29 -3.62 7.25 2.39
N ARG A 30 -3.22 6.46 3.38
CA ARG A 30 -2.17 6.87 4.31
C ARG A 30 -0.81 6.90 3.61
N LEU A 31 -0.71 6.26 2.45
CA LEU A 31 0.54 6.22 1.71
C LEU A 31 0.86 7.60 1.14
N TYR A 32 -0.03 8.09 0.30
CA TYR A 32 0.11 9.39 -0.34
C TYR A 32 0.48 10.48 0.67
N ASN A 33 0.01 10.34 1.90
CA ASN A 33 0.29 11.30 2.95
C ASN A 33 1.75 11.24 3.39
N HIS A 34 2.30 10.04 3.43
CA HIS A 34 3.68 9.89 3.86
C HIS A 34 4.61 10.63 2.90
N ILE A 35 4.32 10.50 1.62
CA ILE A 35 5.13 11.12 0.57
C ILE A 35 4.57 12.46 0.07
N VAL A 36 3.32 12.79 0.39
CA VAL A 36 2.75 14.05 -0.09
C VAL A 36 3.57 15.24 0.42
N ALA A 37 3.83 15.24 1.72
CA ALA A 37 4.60 16.32 2.34
C ALA A 37 6.08 16.16 2.04
N ILE A 38 6.51 14.93 1.75
CA ILE A 38 7.91 14.68 1.45
C ILE A 38 8.21 14.87 -0.04
N ASN A 39 7.64 14.02 -0.88
CA ASN A 39 7.84 14.11 -2.32
C ASN A 39 6.52 14.25 -3.06
N PRO A 40 5.95 15.47 -3.07
CA PRO A 40 4.67 15.72 -3.75
C PRO A 40 4.68 15.23 -5.19
N ALA A 41 5.82 15.33 -5.84
CA ALA A 41 5.96 14.90 -7.22
C ALA A 41 6.37 13.42 -7.29
N ALA A 42 5.66 12.59 -6.53
CA ALA A 42 5.93 11.15 -6.50
C ALA A 42 4.71 10.41 -5.98
N ALA A 43 4.10 10.97 -4.92
CA ALA A 43 2.92 10.37 -4.30
C ALA A 43 2.02 9.74 -5.34
N ALA A 44 1.63 10.53 -6.34
CA ALA A 44 0.78 10.06 -7.41
C ALA A 44 1.28 8.73 -7.99
N LYS A 45 2.59 8.62 -8.13
CA LYS A 45 3.19 7.40 -8.66
C LYS A 45 3.34 6.34 -7.57
N VAL A 46 3.81 6.77 -6.41
CA VAL A 46 4.02 5.89 -5.28
C VAL A 46 2.70 5.26 -4.82
N THR A 47 1.73 6.11 -4.51
CA THR A 47 0.43 5.65 -4.05
C THR A 47 -0.20 4.67 -5.04
N GLY A 48 -0.28 5.08 -6.30
CA GLY A 48 -0.88 4.25 -7.32
C GLY A 48 -0.03 3.05 -7.68
N MET A 49 1.21 3.31 -8.06
CA MET A 49 2.12 2.23 -8.43
C MET A 49 2.49 1.38 -7.22
N LEU A 50 2.91 2.04 -6.14
CA LEU A 50 3.34 1.39 -4.89
C LEU A 50 3.75 -0.07 -5.10
N LEU A 51 2.78 -0.91 -5.46
CA LEU A 51 3.04 -2.32 -5.69
C LEU A 51 3.85 -2.53 -6.97
N GLU A 52 5.12 -2.10 -6.93
CA GLU A 52 6.00 -2.25 -8.07
C GLU A 52 6.83 -3.52 -7.93
N MET A 53 7.67 -3.80 -8.91
CA MET A 53 8.51 -4.99 -8.88
C MET A 53 9.47 -4.95 -7.70
N ASP A 54 10.35 -3.95 -7.69
CA ASP A 54 11.33 -3.80 -6.62
C ASP A 54 10.75 -3.02 -5.44
N ASN A 55 10.58 -1.71 -5.59
CA ASN A 55 10.04 -0.88 -4.52
C ASN A 55 8.78 -1.48 -3.94
N GLY A 56 8.05 -2.23 -4.76
CA GLY A 56 6.83 -2.84 -4.30
C GLY A 56 7.08 -3.82 -3.17
N GLU A 57 7.81 -4.89 -3.47
CA GLU A 57 8.12 -5.92 -2.47
C GLU A 57 8.31 -5.33 -1.08
N ILE A 58 9.11 -4.27 -1.00
CA ILE A 58 9.38 -3.61 0.27
C ILE A 58 8.09 -3.13 0.91
N LEU A 59 7.24 -2.49 0.10
CA LEU A 59 5.95 -1.96 0.55
C LEU A 59 5.27 -2.90 1.54
N ASN A 60 5.46 -4.20 1.34
CA ASN A 60 4.86 -5.20 2.20
C ASN A 60 5.19 -4.94 3.68
N LEU A 61 6.25 -4.17 3.91
CA LEU A 61 6.67 -3.86 5.28
C LEU A 61 6.78 -2.35 5.49
N LEU A 62 5.74 -1.61 5.12
CA LEU A 62 5.71 -0.14 5.25
C LEU A 62 6.57 0.35 6.42
N ASP A 63 7.84 0.60 6.14
CA ASP A 63 8.78 1.07 7.16
C ASP A 63 9.10 2.55 7.00
N THR A 64 9.85 3.12 7.94
CA THR A 64 10.21 4.52 7.88
C THR A 64 11.27 4.75 6.83
N PRO A 65 12.41 4.06 6.92
CA PRO A 65 13.49 4.20 5.94
C PRO A 65 13.18 3.48 4.64
N GLY A 66 13.01 2.16 4.70
CA GLY A 66 12.72 1.37 3.51
C GLY A 66 11.67 2.02 2.63
N LEU A 67 10.48 2.20 3.15
CA LEU A 67 9.40 2.82 2.40
C LEU A 67 9.79 4.20 1.90
N LEU A 68 9.89 5.15 2.83
CA LEU A 68 10.26 6.54 2.48
C LEU A 68 11.38 6.62 1.46
N ASP A 69 12.43 5.83 1.65
CA ASP A 69 13.56 5.84 0.70
C ASP A 69 13.13 5.29 -0.65
N ALA A 70 12.59 4.08 -0.65
CA ALA A 70 12.13 3.43 -1.88
C ALA A 70 10.98 4.19 -2.51
N LYS A 71 10.41 5.15 -1.79
CA LYS A 71 9.30 5.94 -2.31
C LYS A 71 9.78 6.93 -3.35
N VAL A 72 10.77 7.74 -2.98
CA VAL A 72 11.31 8.73 -3.90
C VAL A 72 12.20 8.08 -4.95
N GLN A 73 13.08 7.18 -4.51
CA GLN A 73 13.99 6.50 -5.41
C GLN A 73 13.23 5.84 -6.57
N GLU A 74 12.14 5.14 -6.24
CA GLU A 74 11.35 4.46 -7.26
C GLU A 74 10.49 5.45 -8.05
N ALA A 75 9.93 6.44 -7.36
CA ALA A 75 9.10 7.44 -8.02
C ALA A 75 9.92 8.34 -8.93
N LEU A 76 11.00 8.89 -8.40
CA LEU A 76 11.85 9.76 -9.19
C LEU A 76 12.52 8.99 -10.30
N GLU A 77 12.80 7.71 -10.05
CA GLU A 77 13.44 6.85 -11.05
C GLU A 77 12.51 6.61 -12.23
N VAL A 78 11.22 6.44 -11.95
CA VAL A 78 10.24 6.23 -13.00
C VAL A 78 9.67 7.55 -13.51
N LEU A 79 10.06 8.64 -12.85
CA LEU A 79 9.60 9.98 -13.22
C LEU A 79 10.02 10.32 -14.67
N ASN A 80 10.77 11.41 -14.87
CA ASN A 80 11.20 11.79 -16.21
C ASN A 80 12.39 10.97 -16.68
N ARG A 81 12.87 10.06 -15.83
CA ARG A 81 14.02 9.23 -16.19
C ARG A 81 13.66 8.23 -17.30
N HIS A 82 12.59 8.52 -18.04
CA HIS A 82 12.14 7.67 -19.12
C HIS A 82 13.07 7.79 -20.32
N MET A 83 14.00 8.76 -20.26
CA MET A 83 14.94 8.98 -21.35
C MET A 83 16.13 8.03 -21.27
N ASN A 84 17.12 8.36 -20.45
CA ASN A 84 18.31 7.53 -20.30
C ASN A 84 18.29 6.78 -18.98
N VAL A 85 18.76 7.44 -17.92
CA VAL A 85 18.78 6.82 -16.59
C VAL A 85 18.01 7.68 -15.59
N GLY A 1 -16.58 -23.95 23.22
CA GLY A 1 -16.57 -25.21 24.02
C GLY A 1 -16.17 -26.42 23.19
N SER A 2 -16.87 -26.62 22.08
CA SER A 2 -16.58 -27.74 21.20
C SER A 2 -16.38 -27.27 19.76
N SER A 3 -15.13 -27.27 19.32
CA SER A 3 -14.79 -26.83 17.97
C SER A 3 -14.34 -28.00 17.10
N LEU A 4 -14.98 -28.15 15.94
CA LEU A 4 -14.65 -29.22 15.02
C LEU A 4 -13.35 -28.91 14.26
N ALA A 5 -13.00 -29.75 13.31
CA ALA A 5 -11.80 -29.57 12.51
C ALA A 5 -12.02 -28.55 11.39
N SER A 6 -13.10 -28.73 10.64
CA SER A 6 -13.41 -27.82 9.54
C SER A 6 -14.31 -26.67 10.01
N GLN A 7 -15.54 -27.01 10.37
CA GLN A 7 -16.50 -26.01 10.84
C GLN A 7 -16.40 -25.83 12.35
N GLY A 8 -15.21 -25.40 12.81
CA GLY A 8 -15.01 -25.20 14.23
C GLY A 8 -15.31 -23.79 14.67
N GLN A 9 -14.28 -23.09 15.17
CA GLN A 9 -14.45 -21.72 15.63
C GLN A 9 -14.49 -20.75 14.46
N ASN A 10 -15.54 -20.86 13.64
CA ASN A 10 -15.70 -19.98 12.49
C ASN A 10 -15.88 -18.54 12.93
N LEU A 11 -16.57 -18.36 14.06
CA LEU A 11 -16.81 -17.02 14.59
C LEU A 11 -15.50 -16.25 14.78
N SER A 12 -14.43 -16.98 15.09
CA SER A 12 -13.13 -16.37 15.28
C SER A 12 -12.57 -15.82 13.98
N THR A 13 -12.55 -16.67 12.96
CA THR A 13 -12.04 -16.27 11.65
C THR A 13 -13.19 -15.94 10.69
N VAL A 14 -14.32 -15.51 11.24
CA VAL A 14 -15.48 -15.16 10.43
C VAL A 14 -15.26 -13.82 9.74
N LEU A 15 -14.60 -12.91 10.44
CA LEU A 15 -14.31 -11.58 9.91
C LEU A 15 -13.53 -11.67 8.61
N ALA A 16 -12.85 -12.80 8.40
CA ALA A 16 -12.06 -13.01 7.20
C ALA A 16 -12.91 -12.90 5.94
N ASN A 17 -13.12 -11.67 5.49
CA ASN A 17 -13.91 -11.40 4.29
C ASN A 17 -13.11 -10.58 3.30
N LEU A 18 -12.99 -9.28 3.58
CA LEU A 18 -12.24 -8.38 2.71
C LEU A 18 -11.09 -7.72 3.48
N THR A 19 -10.06 -8.51 3.76
CA THR A 19 -8.89 -8.00 4.47
C THR A 19 -7.91 -7.29 3.54
N PRO A 20 -7.50 -7.94 2.43
CA PRO A 20 -6.56 -7.34 1.47
C PRO A 20 -7.17 -6.17 0.72
N GLU A 21 -8.48 -6.23 0.48
CA GLU A 21 -9.17 -5.17 -0.24
C GLU A 21 -9.19 -3.89 0.60
N GLN A 22 -9.61 -4.02 1.86
CA GLN A 22 -9.68 -2.87 2.76
C GLN A 22 -8.28 -2.39 3.13
N GLN A 23 -7.44 -3.33 3.56
CA GLN A 23 -6.07 -3.00 3.95
C GLN A 23 -5.35 -2.24 2.84
N LYS A 24 -5.37 -2.78 1.62
CA LYS A 24 -4.73 -2.14 0.49
C LYS A 24 -5.19 -0.69 0.34
N ASN A 25 -6.45 -0.44 0.71
CA ASN A 25 -7.02 0.90 0.60
C ASN A 25 -6.44 1.83 1.65
N VAL A 26 -6.51 1.42 2.91
CA VAL A 26 -5.97 2.23 4.01
C VAL A 26 -4.51 2.58 3.78
N LEU A 27 -3.73 1.57 3.39
CA LEU A 27 -2.30 1.75 3.14
C LEU A 27 -2.06 2.89 2.16
N GLY A 28 -2.78 2.87 1.04
CA GLY A 28 -2.62 3.90 0.03
C GLY A 28 -2.94 5.29 0.55
N GLU A 29 -4.02 5.41 1.32
CA GLU A 29 -4.41 6.70 1.88
C GLU A 29 -3.31 7.25 2.76
N ARG A 30 -2.88 6.46 3.73
CA ARG A 30 -1.81 6.86 4.64
C ARG A 30 -0.49 6.97 3.91
N LEU A 31 -0.44 6.43 2.69
CA LEU A 31 0.77 6.45 1.89
C LEU A 31 1.00 7.83 1.29
N TYR A 32 0.07 8.28 0.47
CA TYR A 32 0.16 9.57 -0.19
C TYR A 32 0.42 10.70 0.82
N ASN A 33 -0.12 10.56 2.03
CA ASN A 33 0.06 11.57 3.07
C ASN A 33 1.47 11.60 3.63
N HIS A 34 2.09 10.44 3.77
CA HIS A 34 3.43 10.40 4.33
C HIS A 34 4.39 11.16 3.45
N ILE A 35 4.19 11.04 2.14
CA ILE A 35 5.05 11.67 1.16
C ILE A 35 4.49 13.01 0.65
N VAL A 36 3.17 13.15 0.60
CA VAL A 36 2.58 14.40 0.10
C VAL A 36 3.30 15.63 0.67
N ALA A 37 3.46 15.65 1.99
CA ALA A 37 4.15 16.76 2.65
C ALA A 37 5.66 16.70 2.40
N ILE A 38 6.15 15.51 2.07
CA ILE A 38 7.58 15.31 1.82
C ILE A 38 7.93 15.48 0.34
N ASN A 39 7.40 14.58 -0.50
CA ASN A 39 7.66 14.64 -1.94
C ASN A 39 6.35 14.73 -2.71
N PRO A 40 5.82 15.96 -2.86
CA PRO A 40 4.56 16.20 -3.58
C PRO A 40 4.58 15.56 -4.98
N ALA A 41 5.74 15.58 -5.62
CA ALA A 41 5.87 15.01 -6.96
C ALA A 41 6.32 13.56 -6.88
N ALA A 42 5.62 12.77 -6.05
CA ALA A 42 5.93 11.36 -5.89
C ALA A 42 4.73 10.60 -5.35
N ALA A 43 4.07 11.20 -4.35
CA ALA A 43 2.89 10.59 -3.73
C ALA A 43 2.00 9.93 -4.78
N ALA A 44 1.60 10.71 -5.77
CA ALA A 44 0.73 10.21 -6.82
C ALA A 44 1.31 8.96 -7.49
N LYS A 45 2.65 8.91 -7.57
CA LYS A 45 3.33 7.77 -8.18
C LYS A 45 3.57 6.67 -7.17
N VAL A 46 4.11 7.05 -6.02
CA VAL A 46 4.40 6.10 -4.95
C VAL A 46 3.14 5.43 -4.45
N THR A 47 2.08 6.21 -4.25
CA THR A 47 0.82 5.69 -3.74
C THR A 47 0.16 4.73 -4.73
N GLY A 48 0.00 5.19 -5.98
CA GLY A 48 -0.64 4.37 -7.00
C GLY A 48 0.22 3.21 -7.41
N MET A 49 1.46 3.50 -7.75
CA MET A 49 2.38 2.45 -8.18
C MET A 49 2.73 1.55 -7.01
N LEU A 50 3.11 2.17 -5.88
CA LEU A 50 3.54 1.45 -4.65
C LEU A 50 3.84 -0.02 -4.90
N LEU A 51 2.81 -0.80 -5.24
CA LEU A 51 2.99 -2.22 -5.49
C LEU A 51 3.69 -2.45 -6.82
N GLU A 52 4.97 -2.09 -6.88
CA GLU A 52 5.77 -2.27 -8.09
C GLU A 52 6.57 -3.55 -7.99
N MET A 53 7.44 -3.78 -8.97
CA MET A 53 8.26 -4.98 -8.98
C MET A 53 9.25 -4.97 -7.83
N ASP A 54 10.14 -3.98 -7.79
CA ASP A 54 11.12 -3.88 -6.73
C ASP A 54 10.57 -3.10 -5.53
N ASN A 55 10.42 -1.78 -5.70
CA ASN A 55 9.91 -0.94 -4.64
C ASN A 55 8.65 -1.54 -4.01
N GLY A 56 7.93 -2.32 -4.80
CA GLY A 56 6.72 -2.95 -4.29
C GLY A 56 7.00 -3.94 -3.18
N GLU A 57 7.69 -5.02 -3.51
CA GLU A 57 7.99 -6.06 -2.51
C GLU A 57 8.22 -5.47 -1.12
N ILE A 58 9.14 -4.52 -1.03
CA ILE A 58 9.46 -3.89 0.25
C ILE A 58 8.20 -3.33 0.91
N LEU A 59 7.38 -2.64 0.12
CA LEU A 59 6.15 -2.03 0.60
C LEU A 59 5.46 -2.92 1.64
N ASN A 60 5.54 -4.22 1.43
CA ASN A 60 4.93 -5.18 2.34
C ASN A 60 5.25 -4.85 3.79
N LEU A 61 6.39 -4.18 4.01
CA LEU A 61 6.81 -3.81 5.34
C LEU A 61 6.85 -2.28 5.51
N LEU A 62 5.75 -1.62 5.12
CA LEU A 62 5.66 -0.15 5.20
C LEU A 62 6.50 0.42 6.34
N ASP A 63 7.72 0.83 6.00
CA ASP A 63 8.64 1.39 6.98
C ASP A 63 8.90 2.88 6.71
N THR A 64 9.45 3.57 7.69
CA THR A 64 9.73 5.00 7.54
C THR A 64 10.94 5.20 6.63
N PRO A 65 12.07 4.53 6.90
CA PRO A 65 13.26 4.67 6.07
C PRO A 65 13.17 3.91 4.76
N GLY A 66 13.13 2.58 4.84
CA GLY A 66 13.06 1.75 3.65
C GLY A 66 12.04 2.23 2.64
N LEU A 67 10.79 2.30 3.08
CA LEU A 67 9.72 2.75 2.21
C LEU A 67 10.01 4.14 1.63
N LEU A 68 9.97 5.16 2.49
CA LEU A 68 10.23 6.54 2.07
C LEU A 68 11.40 6.63 1.09
N ASP A 69 12.36 5.72 1.25
CA ASP A 69 13.53 5.70 0.37
C ASP A 69 13.18 5.10 -0.98
N ALA A 70 12.72 3.86 -0.97
CA ALA A 70 12.34 3.19 -2.21
C ALA A 70 11.07 3.78 -2.81
N LYS A 71 10.44 4.72 -2.11
CA LYS A 71 9.23 5.35 -2.61
C LYS A 71 9.54 6.43 -3.63
N VAL A 72 10.39 7.38 -3.23
CA VAL A 72 10.77 8.48 -4.12
C VAL A 72 11.80 8.02 -5.14
N GLN A 73 12.80 7.27 -4.67
CA GLN A 73 13.85 6.78 -5.55
C GLN A 73 13.27 5.99 -6.71
N GLU A 74 12.49 4.97 -6.40
CA GLU A 74 11.87 4.13 -7.42
C GLU A 74 10.87 4.93 -8.25
N ALA A 75 10.03 5.70 -7.56
CA ALA A 75 9.01 6.51 -8.22
C ALA A 75 9.64 7.46 -9.24
N LEU A 76 10.67 8.19 -8.80
CA LEU A 76 11.36 9.13 -9.66
C LEU A 76 12.24 8.40 -10.69
N GLU A 77 12.64 7.17 -10.36
CA GLU A 77 13.47 6.38 -11.25
C GLU A 77 12.68 5.92 -12.47
N VAL A 78 11.55 5.26 -12.21
CA VAL A 78 10.70 4.78 -13.28
C VAL A 78 9.80 5.88 -13.82
N LEU A 79 9.19 6.64 -12.92
CA LEU A 79 8.29 7.73 -13.32
C LEU A 79 7.19 7.20 -14.23
N ASN A 80 6.48 8.11 -14.89
CA ASN A 80 5.41 7.72 -15.80
C ASN A 80 5.95 6.93 -17.00
N ARG A 81 7.27 6.74 -17.04
CA ARG A 81 7.89 5.99 -18.13
C ARG A 81 7.50 4.52 -18.08
N HIS A 82 6.28 4.24 -17.63
CA HIS A 82 5.78 2.88 -17.53
C HIS A 82 5.40 2.34 -18.91
N MET A 83 4.86 3.21 -19.75
CA MET A 83 4.46 2.83 -21.09
C MET A 83 5.67 2.38 -21.90
N ASN A 84 5.42 1.90 -23.12
CA ASN A 84 6.49 1.43 -23.98
C ASN A 84 6.64 2.35 -25.20
N VAL A 85 7.56 3.31 -25.09
CA VAL A 85 7.79 4.26 -26.17
C VAL A 85 9.25 4.23 -26.62
N GLY A 1 -16.94 -27.14 20.85
CA GLY A 1 -15.50 -27.49 20.78
C GLY A 1 -15.09 -28.05 19.43
N SER A 2 -13.83 -27.88 19.08
CA SER A 2 -13.32 -28.37 17.80
C SER A 2 -14.03 -27.69 16.64
N SER A 3 -13.59 -26.48 16.30
CA SER A 3 -14.19 -25.73 15.20
C SER A 3 -13.15 -24.91 14.45
N LEU A 4 -12.03 -25.56 14.10
CA LEU A 4 -10.96 -24.89 13.38
C LEU A 4 -11.05 -25.16 11.89
N ALA A 5 -12.25 -25.48 11.42
CA ALA A 5 -12.47 -25.77 10.00
C ALA A 5 -12.52 -24.48 9.19
N SER A 6 -11.91 -24.50 8.01
CA SER A 6 -11.89 -23.33 7.14
C SER A 6 -13.22 -23.16 6.41
N GLN A 7 -13.88 -24.27 6.10
CA GLN A 7 -15.16 -24.24 5.41
C GLN A 7 -16.32 -24.15 6.39
N GLY A 8 -16.11 -23.45 7.50
CA GLY A 8 -17.16 -23.30 8.49
C GLY A 8 -17.79 -21.92 8.46
N GLN A 9 -18.62 -21.62 9.46
CA GLN A 9 -19.27 -20.31 9.54
C GLN A 9 -18.36 -19.27 10.17
N ASN A 10 -17.06 -19.57 10.25
CA ASN A 10 -16.09 -18.66 10.82
C ASN A 10 -15.94 -17.39 9.98
N LEU A 11 -16.51 -17.41 8.78
CA LEU A 11 -16.45 -16.26 7.88
C LEU A 11 -17.47 -15.19 8.27
N SER A 12 -18.74 -15.57 8.28
CA SER A 12 -19.81 -14.65 8.63
C SER A 12 -19.64 -14.12 10.04
N THR A 13 -19.04 -14.92 10.91
CA THR A 13 -18.81 -14.52 12.30
C THR A 13 -17.82 -13.36 12.37
N VAL A 14 -16.58 -13.64 12.02
CA VAL A 14 -15.52 -12.63 12.05
C VAL A 14 -15.64 -11.70 10.84
N LEU A 15 -14.89 -10.60 10.86
CA LEU A 15 -14.91 -9.63 9.76
C LEU A 15 -14.24 -10.18 8.51
N ALA A 16 -14.12 -11.50 8.39
CA ALA A 16 -13.50 -12.13 7.23
C ALA A 16 -14.39 -12.01 6.01
N ASN A 17 -14.61 -10.77 5.56
CA ASN A 17 -15.44 -10.53 4.38
C ASN A 17 -14.70 -9.70 3.34
N LEU A 18 -14.32 -8.49 3.73
CA LEU A 18 -13.59 -7.59 2.83
C LEU A 18 -12.25 -7.16 3.45
N THR A 19 -11.24 -8.01 3.32
CA THR A 19 -9.92 -7.70 3.85
C THR A 19 -9.08 -6.91 2.85
N PRO A 20 -9.02 -7.33 1.57
CA PRO A 20 -8.24 -6.64 0.55
C PRO A 20 -8.81 -5.27 0.20
N GLU A 21 -10.07 -5.05 0.53
CA GLU A 21 -10.72 -3.77 0.26
C GLU A 21 -10.43 -2.77 1.37
N GLN A 22 -10.60 -3.22 2.61
CA GLN A 22 -10.37 -2.38 3.77
C GLN A 22 -8.89 -2.25 4.09
N GLN A 23 -8.17 -3.37 4.04
CA GLN A 23 -6.74 -3.37 4.33
C GLN A 23 -5.96 -2.54 3.32
N LYS A 24 -6.15 -2.83 2.03
CA LYS A 24 -5.46 -2.09 0.99
C LYS A 24 -5.84 -0.61 1.01
N ASN A 25 -6.97 -0.31 1.64
CA ASN A 25 -7.44 1.07 1.74
C ASN A 25 -6.51 1.90 2.62
N VAL A 26 -6.27 1.42 3.84
CA VAL A 26 -5.41 2.13 4.77
C VAL A 26 -4.02 2.34 4.17
N LEU A 27 -3.45 1.27 3.62
CA LEU A 27 -2.12 1.34 3.03
C LEU A 27 -2.02 2.53 2.08
N GLY A 28 -2.91 2.58 1.09
CA GLY A 28 -2.89 3.65 0.12
C GLY A 28 -3.11 5.03 0.75
N GLU A 29 -4.13 5.14 1.58
CA GLU A 29 -4.42 6.41 2.25
C GLU A 29 -3.24 6.83 3.11
N ARG A 30 -2.82 5.95 4.01
CA ARG A 30 -1.69 6.24 4.89
C ARG A 30 -0.41 6.41 4.08
N LEU A 31 -0.38 5.85 2.87
CA LEU A 31 0.79 5.93 2.01
C LEU A 31 0.95 7.35 1.46
N TYR A 32 -0.06 7.80 0.72
CA TYR A 32 -0.03 9.13 0.12
C TYR A 32 0.36 10.20 1.14
N ASN A 33 -0.09 10.05 2.38
CA ASN A 33 0.21 11.02 3.42
C ASN A 33 1.70 11.16 3.66
N HIS A 34 2.40 10.03 3.76
CA HIS A 34 3.83 10.04 4.00
C HIS A 34 4.57 10.73 2.87
N ILE A 35 4.15 10.42 1.66
CA ILE A 35 4.78 10.94 0.46
C ILE A 35 4.21 12.28 0.00
N VAL A 36 2.89 12.43 0.03
CA VAL A 36 2.28 13.69 -0.40
C VAL A 36 3.05 14.88 0.15
N ALA A 37 3.30 14.86 1.46
CA ALA A 37 4.04 15.92 2.11
C ALA A 37 5.53 15.83 1.81
N ILE A 38 6.00 14.60 1.58
CA ILE A 38 7.41 14.36 1.30
C ILE A 38 7.71 14.57 -0.19
N ASN A 39 7.14 13.73 -1.04
CA ASN A 39 7.36 13.83 -2.48
C ASN A 39 6.04 13.98 -3.24
N PRO A 40 5.50 15.20 -3.33
CA PRO A 40 4.25 15.46 -4.04
C PRO A 40 4.25 14.92 -5.47
N ALA A 41 5.41 14.94 -6.11
CA ALA A 41 5.55 14.47 -7.49
C ALA A 41 5.98 13.00 -7.52
N ALA A 42 5.34 12.18 -6.70
CA ALA A 42 5.65 10.77 -6.63
C ALA A 42 4.50 9.99 -6.01
N ALA A 43 3.93 10.56 -4.95
CA ALA A 43 2.81 9.95 -4.24
C ALA A 43 1.86 9.24 -5.19
N ALA A 44 1.40 9.97 -6.19
CA ALA A 44 0.48 9.41 -7.17
C ALA A 44 1.03 8.12 -7.78
N LYS A 45 2.34 8.06 -7.95
CA LYS A 45 3.00 6.89 -8.52
C LYS A 45 3.36 5.87 -7.44
N VAL A 46 4.03 6.34 -6.41
CA VAL A 46 4.44 5.46 -5.32
C VAL A 46 3.23 4.86 -4.61
N THR A 47 2.31 5.71 -4.19
CA THR A 47 1.11 5.26 -3.49
C THR A 47 0.31 4.28 -4.35
N GLY A 48 0.07 4.64 -5.59
CA GLY A 48 -0.71 3.79 -6.48
C GLY A 48 0.05 2.58 -6.94
N MET A 49 1.22 2.81 -7.51
CA MET A 49 2.05 1.72 -8.00
C MET A 49 2.59 0.89 -6.84
N LEU A 50 3.21 1.56 -5.87
CA LEU A 50 3.82 0.92 -4.69
C LEU A 50 4.17 -0.55 -4.93
N LEU A 51 3.15 -1.37 -5.13
CA LEU A 51 3.34 -2.80 -5.36
C LEU A 51 4.04 -3.05 -6.70
N GLU A 52 5.28 -2.61 -6.80
CA GLU A 52 6.08 -2.79 -8.00
C GLU A 52 6.95 -4.04 -7.89
N MET A 53 7.81 -4.26 -8.86
CA MET A 53 8.69 -5.43 -8.86
C MET A 53 9.70 -5.36 -7.72
N ASP A 54 10.55 -4.34 -7.73
CA ASP A 54 11.56 -4.17 -6.70
C ASP A 54 11.06 -3.24 -5.61
N ASN A 55 10.96 -1.96 -5.93
CA ASN A 55 10.49 -0.95 -4.98
C ASN A 55 9.27 -1.46 -4.22
N GLY A 56 8.50 -2.33 -4.87
CA GLY A 56 7.32 -2.88 -4.24
C GLY A 56 7.67 -3.90 -3.17
N GLU A 57 8.37 -4.97 -3.56
CA GLU A 57 8.74 -6.02 -2.62
C GLU A 57 8.98 -5.48 -1.22
N ILE A 58 9.87 -4.50 -1.10
CA ILE A 58 10.18 -3.89 0.18
C ILE A 58 8.92 -3.33 0.84
N LEU A 59 8.07 -2.70 0.04
CA LEU A 59 6.83 -2.11 0.53
C LEU A 59 6.17 -3.01 1.57
N ASN A 60 6.29 -4.31 1.38
CA ASN A 60 5.71 -5.29 2.30
C ASN A 60 6.00 -4.92 3.76
N LEU A 61 7.10 -4.20 3.98
CA LEU A 61 7.48 -3.78 5.32
C LEU A 61 7.35 -2.27 5.50
N LEU A 62 6.15 -1.73 5.27
CA LEU A 62 5.91 -0.29 5.39
C LEU A 62 6.84 0.36 6.42
N ASP A 63 7.97 0.87 5.93
CA ASP A 63 8.97 1.50 6.78
C ASP A 63 9.11 2.99 6.46
N THR A 64 9.62 3.75 7.41
CA THR A 64 9.79 5.17 7.22
C THR A 64 10.96 5.46 6.28
N PRO A 65 12.16 4.95 6.59
CA PRO A 65 13.34 5.16 5.76
C PRO A 65 13.34 4.28 4.50
N GLY A 66 13.42 2.97 4.69
CA GLY A 66 13.45 2.04 3.57
C GLY A 66 12.41 2.35 2.52
N LEU A 67 11.17 2.45 2.95
CA LEU A 67 10.09 2.75 2.03
C LEU A 67 10.25 4.13 1.42
N LEU A 68 10.08 5.18 2.24
CA LEU A 68 10.21 6.55 1.76
C LEU A 68 11.43 6.72 0.87
N ASP A 69 12.50 6.01 1.20
CA ASP A 69 13.74 6.09 0.42
C ASP A 69 13.52 5.52 -0.97
N ALA A 70 13.16 4.24 -1.04
CA ALA A 70 12.92 3.59 -2.32
C ALA A 70 11.64 4.10 -2.96
N LYS A 71 10.87 4.90 -2.23
CA LYS A 71 9.62 5.45 -2.73
C LYS A 71 9.89 6.72 -3.55
N VAL A 72 10.56 7.68 -2.93
CA VAL A 72 10.88 8.94 -3.59
C VAL A 72 11.90 8.75 -4.70
N GLN A 73 12.97 8.02 -4.40
CA GLN A 73 14.03 7.80 -5.38
C GLN A 73 13.51 7.04 -6.60
N GLU A 74 12.92 5.87 -6.36
CA GLU A 74 12.38 5.06 -7.46
C GLU A 74 11.34 5.84 -8.25
N ALA A 75 10.51 6.58 -7.54
CA ALA A 75 9.45 7.36 -8.16
C ALA A 75 10.00 8.59 -8.87
N LEU A 76 10.91 9.31 -8.22
CA LEU A 76 11.50 10.50 -8.82
C LEU A 76 12.42 10.13 -9.98
N GLU A 77 12.95 8.91 -9.94
CA GLU A 77 13.83 8.43 -10.99
C GLU A 77 13.04 7.85 -12.15
N VAL A 78 11.88 7.27 -11.84
CA VAL A 78 11.03 6.67 -12.87
C VAL A 78 10.02 7.69 -13.39
N LEU A 79 9.45 8.47 -12.47
CA LEU A 79 8.47 9.48 -12.83
C LEU A 79 7.27 8.84 -13.52
N ASN A 80 6.48 9.64 -14.22
CA ASN A 80 5.31 9.14 -14.92
C ASN A 80 5.71 8.27 -16.11
N ARG A 81 7.00 7.96 -16.23
CA ARG A 81 7.49 7.12 -17.31
C ARG A 81 7.07 5.66 -17.11
N HIS A 82 6.01 5.46 -16.33
CA HIS A 82 5.50 4.12 -16.05
C HIS A 82 4.72 3.58 -17.24
N MET A 83 5.34 2.70 -18.01
CA MET A 83 4.71 2.11 -19.17
C MET A 83 5.43 0.84 -19.62
N ASN A 84 6.65 1.00 -20.12
CA ASN A 84 7.44 -0.13 -20.58
C ASN A 84 8.67 -0.33 -19.70
N VAL A 85 8.44 -0.52 -18.40
CA VAL A 85 9.53 -0.72 -17.46
C VAL A 85 9.37 -2.04 -16.70
N GLY A 1 -24.75 -1.38 25.73
CA GLY A 1 -24.72 -0.31 26.77
C GLY A 1 -24.55 -0.86 28.16
N SER A 2 -23.32 -0.84 28.66
CA SER A 2 -23.02 -1.34 30.00
C SER A 2 -23.26 -2.85 30.08
N SER A 3 -22.80 -3.58 29.07
CA SER A 3 -22.97 -5.02 29.04
C SER A 3 -21.63 -5.72 28.80
N LEU A 4 -21.27 -6.62 29.71
CA LEU A 4 -20.02 -7.36 29.61
C LEU A 4 -20.11 -8.45 28.54
N ALA A 5 -19.81 -8.10 27.31
CA ALA A 5 -19.87 -9.06 26.21
C ALA A 5 -18.63 -9.96 26.20
N SER A 6 -18.78 -11.16 25.65
CA SER A 6 -17.68 -12.11 25.59
C SER A 6 -16.96 -12.02 24.25
N GLN A 7 -15.79 -12.66 24.17
CA GLN A 7 -15.00 -12.64 22.94
C GLN A 7 -15.74 -13.38 21.82
N GLY A 8 -16.33 -12.61 20.91
CA GLY A 8 -17.05 -13.19 19.81
C GLY A 8 -16.29 -13.09 18.50
N GLN A 9 -15.87 -14.23 17.96
CA GLN A 9 -15.13 -14.25 16.70
C GLN A 9 -16.08 -14.06 15.51
N ASN A 10 -17.30 -13.61 15.79
CA ASN A 10 -18.29 -13.38 14.74
C ASN A 10 -17.99 -12.09 13.98
N LEU A 11 -17.05 -11.30 14.48
CA LEU A 11 -16.69 -10.04 13.83
C LEU A 11 -15.83 -10.31 12.58
N SER A 12 -15.05 -11.38 12.62
CA SER A 12 -14.18 -11.73 11.51
C SER A 12 -14.92 -12.58 10.46
N THR A 13 -15.77 -13.48 10.92
CA THR A 13 -16.52 -14.34 10.02
C THR A 13 -17.43 -13.52 9.09
N VAL A 14 -17.83 -12.34 9.55
CA VAL A 14 -18.69 -11.47 8.76
C VAL A 14 -17.86 -10.50 7.93
N LEU A 15 -16.81 -9.97 8.52
CA LEU A 15 -15.92 -9.03 7.84
C LEU A 15 -15.00 -9.77 6.86
N ALA A 16 -15.00 -11.10 6.93
CA ALA A 16 -14.17 -11.91 6.03
C ALA A 16 -14.69 -11.84 4.60
N ASN A 17 -14.62 -10.65 4.01
CA ASN A 17 -15.07 -10.44 2.65
C ASN A 17 -13.97 -9.81 1.81
N LEU A 18 -13.59 -8.59 2.18
CA LEU A 18 -12.55 -7.86 1.46
C LEU A 18 -11.44 -7.42 2.41
N THR A 19 -10.47 -8.30 2.62
CA THR A 19 -9.35 -8.00 3.50
C THR A 19 -8.25 -7.21 2.76
N PRO A 20 -7.77 -7.71 1.61
CA PRO A 20 -6.71 -7.03 0.84
C PRO A 20 -7.19 -5.72 0.23
N GLU A 21 -8.46 -5.65 -0.12
CA GLU A 21 -9.04 -4.44 -0.71
C GLU A 21 -9.10 -3.32 0.33
N GLN A 22 -9.56 -3.65 1.53
CA GLN A 22 -9.67 -2.68 2.60
C GLN A 22 -8.30 -2.38 3.19
N GLN A 23 -7.56 -3.43 3.52
CA GLN A 23 -6.23 -3.27 4.09
C GLN A 23 -5.35 -2.38 3.22
N LYS A 24 -5.55 -2.44 1.90
CA LYS A 24 -4.77 -1.63 0.98
C LYS A 24 -5.16 -0.15 1.10
N ASN A 25 -6.45 0.10 1.27
CA ASN A 25 -6.96 1.46 1.38
C ASN A 25 -6.23 2.24 2.48
N VAL A 26 -6.20 1.68 3.69
CA VAL A 26 -5.53 2.33 4.81
C VAL A 26 -4.07 2.62 4.49
N LEU A 27 -3.39 1.64 3.90
CA LEU A 27 -2.00 1.79 3.55
C LEU A 27 -1.80 2.93 2.56
N GLY A 28 -2.57 2.92 1.48
CA GLY A 28 -2.45 3.95 0.46
C GLY A 28 -2.71 5.34 1.00
N GLU A 29 -3.71 5.47 1.87
CA GLU A 29 -4.03 6.76 2.46
C GLU A 29 -2.86 7.25 3.30
N ARG A 30 -2.40 6.40 4.20
CA ARG A 30 -1.28 6.73 5.07
C ARG A 30 0.04 6.78 4.28
N LEU A 31 0.02 6.24 3.07
CA LEU A 31 1.21 6.22 2.23
C LEU A 31 1.43 7.58 1.58
N TYR A 32 0.45 7.99 0.79
CA TYR A 32 0.51 9.27 0.08
C TYR A 32 0.87 10.42 1.03
N ASN A 33 0.42 10.31 2.27
CA ASN A 33 0.69 11.34 3.29
C ASN A 33 2.16 11.43 3.63
N HIS A 34 2.82 10.29 3.74
CA HIS A 34 4.22 10.26 4.08
C HIS A 34 5.05 10.97 3.02
N ILE A 35 4.67 10.71 1.78
CA ILE A 35 5.37 11.27 0.61
C ILE A 35 4.71 12.54 0.06
N VAL A 36 3.44 12.80 0.37
CA VAL A 36 2.79 14.00 -0.16
C VAL A 36 3.56 15.25 0.25
N ALA A 37 3.84 15.37 1.54
CA ALA A 37 4.57 16.52 2.06
C ALA A 37 6.04 16.45 1.67
N ILE A 38 6.53 15.24 1.40
CA ILE A 38 7.93 15.06 1.03
C ILE A 38 8.13 15.17 -0.49
N ASN A 39 7.51 14.26 -1.24
CA ASN A 39 7.62 14.26 -2.69
C ASN A 39 6.24 14.33 -3.33
N PRO A 40 5.66 15.55 -3.43
CA PRO A 40 4.33 15.75 -4.03
C PRO A 40 4.22 15.15 -5.43
N ALA A 41 5.30 15.22 -6.19
CA ALA A 41 5.30 14.68 -7.55
C ALA A 41 5.83 13.24 -7.56
N ALA A 42 5.28 12.42 -6.66
CA ALA A 42 5.68 11.02 -6.57
C ALA A 42 4.60 10.21 -5.85
N ALA A 43 4.09 10.76 -4.75
CA ALA A 43 3.06 10.09 -3.96
C ALA A 43 2.07 9.34 -4.86
N ALA A 44 1.56 10.04 -5.87
CA ALA A 44 0.61 9.44 -6.80
C ALA A 44 1.17 8.14 -7.38
N LYS A 45 2.43 8.17 -7.76
CA LYS A 45 3.09 6.99 -8.32
C LYS A 45 3.29 5.93 -7.24
N VAL A 46 3.79 6.36 -6.10
CA VAL A 46 4.04 5.46 -4.98
C VAL A 46 2.74 4.81 -4.49
N THR A 47 1.76 5.63 -4.15
CA THR A 47 0.48 5.15 -3.67
C THR A 47 -0.15 4.13 -4.62
N GLY A 48 -0.26 4.52 -5.88
CA GLY A 48 -0.87 3.65 -6.88
C GLY A 48 -0.02 2.46 -7.23
N MET A 49 1.21 2.72 -7.65
CA MET A 49 2.12 1.65 -8.01
C MET A 49 2.52 0.84 -6.79
N LEU A 50 2.94 1.55 -5.73
CA LEU A 50 3.42 0.93 -4.48
C LEU A 50 3.81 -0.53 -4.66
N LEU A 51 2.82 -1.38 -4.92
CA LEU A 51 3.06 -2.79 -5.11
C LEU A 51 3.76 -3.07 -6.44
N GLU A 52 4.99 -2.57 -6.55
CA GLU A 52 5.78 -2.75 -7.77
C GLU A 52 6.54 -4.08 -7.70
N MET A 53 7.26 -4.40 -8.76
CA MET A 53 8.02 -5.65 -8.80
C MET A 53 9.09 -5.68 -7.72
N ASP A 54 10.04 -4.74 -7.78
CA ASP A 54 11.10 -4.68 -6.80
C ASP A 54 10.74 -3.74 -5.66
N ASN A 55 10.76 -2.44 -5.95
CA ASN A 55 10.43 -1.44 -4.96
C ASN A 55 9.19 -1.84 -4.16
N GLY A 56 8.30 -2.57 -4.81
CA GLY A 56 7.10 -3.03 -4.14
C GLY A 56 7.39 -4.03 -3.04
N GLU A 57 8.04 -5.13 -3.40
CA GLU A 57 8.36 -6.17 -2.42
C GLU A 57 8.66 -5.59 -1.04
N ILE A 58 9.61 -4.67 -0.99
CA ILE A 58 9.98 -4.02 0.27
C ILE A 58 8.76 -3.43 0.96
N LEU A 59 7.93 -2.74 0.19
CA LEU A 59 6.71 -2.11 0.70
C LEU A 59 6.03 -2.97 1.77
N ASN A 60 6.12 -4.28 1.60
CA ASN A 60 5.51 -5.21 2.54
C ASN A 60 5.81 -4.83 4.00
N LEU A 61 6.91 -4.10 4.21
CA LEU A 61 7.29 -3.67 5.55
C LEU A 61 7.20 -2.16 5.72
N LEU A 62 6.01 -1.60 5.46
CA LEU A 62 5.77 -0.16 5.57
C LEU A 62 6.66 0.49 6.63
N ASP A 63 7.81 1.00 6.19
CA ASP A 63 8.77 1.64 7.09
C ASP A 63 8.94 3.12 6.77
N THR A 64 9.49 3.86 7.72
CA THR A 64 9.72 5.28 7.52
C THR A 64 10.88 5.53 6.57
N PRO A 65 12.04 4.86 6.81
CA PRO A 65 13.21 5.01 5.97
C PRO A 65 13.08 4.26 4.64
N GLY A 66 13.11 2.93 4.72
CA GLY A 66 13.02 2.10 3.54
C GLY A 66 11.92 2.55 2.58
N LEU A 67 10.69 2.60 3.08
CA LEU A 67 9.55 3.00 2.27
C LEU A 67 9.76 4.39 1.67
N LEU A 68 9.72 5.41 2.52
CA LEU A 68 9.89 6.80 2.05
C LEU A 68 11.11 6.96 1.16
N ASP A 69 12.10 6.08 1.33
CA ASP A 69 13.31 6.16 0.52
C ASP A 69 13.12 5.46 -0.82
N ALA A 70 12.83 4.17 -0.78
CA ALA A 70 12.63 3.40 -2.00
C ALA A 70 11.37 3.85 -2.72
N LYS A 71 10.52 4.63 -2.04
CA LYS A 71 9.29 5.13 -2.63
C LYS A 71 9.52 6.40 -3.44
N VAL A 72 10.10 7.40 -2.81
CA VAL A 72 10.38 8.67 -3.48
C VAL A 72 11.33 8.46 -4.65
N GLN A 73 12.38 7.69 -4.41
CA GLN A 73 13.37 7.40 -5.43
C GLN A 73 12.76 6.65 -6.60
N GLU A 74 12.10 5.53 -6.32
CA GLU A 74 11.48 4.73 -7.36
C GLU A 74 10.44 5.54 -8.15
N ALA A 75 9.62 6.31 -7.43
CA ALA A 75 8.59 7.12 -8.07
C ALA A 75 9.21 8.24 -8.90
N LEU A 76 10.20 8.91 -8.33
CA LEU A 76 10.87 10.01 -9.02
C LEU A 76 11.75 9.47 -10.15
N GLU A 77 12.28 8.27 -9.96
CA GLU A 77 13.14 7.64 -10.96
C GLU A 77 12.33 7.17 -12.16
N VAL A 78 11.18 6.54 -11.91
CA VAL A 78 10.32 6.05 -12.98
C VAL A 78 9.27 7.09 -13.37
N LEU A 79 8.67 7.73 -12.37
CA LEU A 79 7.66 8.76 -12.61
C LEU A 79 6.45 8.17 -13.35
N ASN A 80 5.60 9.05 -13.87
CA ASN A 80 4.42 8.64 -14.60
C ASN A 80 4.78 7.92 -15.90
N ARG A 81 6.07 7.76 -16.17
CA ARG A 81 6.52 7.07 -17.37
C ARG A 81 6.29 5.56 -17.25
N HIS A 82 5.36 5.17 -16.38
CA HIS A 82 5.04 3.77 -16.17
C HIS A 82 4.26 3.21 -17.36
N MET A 83 3.83 4.09 -18.26
CA MET A 83 3.08 3.68 -19.44
C MET A 83 3.34 4.65 -20.59
N ASN A 84 3.02 4.21 -21.81
CA ASN A 84 3.23 5.04 -22.99
C ASN A 84 2.17 6.14 -23.07
N VAL A 85 0.91 5.74 -23.11
CA VAL A 85 -0.19 6.70 -23.17
C VAL A 85 -1.19 6.47 -22.05
N GLY A 1 -21.40 -9.61 37.31
CA GLY A 1 -19.97 -9.98 37.12
C GLY A 1 -19.30 -9.16 36.03
N SER A 2 -18.00 -8.92 36.19
CA SER A 2 -17.24 -8.15 35.21
C SER A 2 -16.69 -9.05 34.11
N SER A 3 -16.95 -8.68 32.86
CA SER A 3 -16.48 -9.46 31.72
C SER A 3 -16.62 -8.66 30.42
N LEU A 4 -15.48 -8.31 29.83
CA LEU A 4 -15.48 -7.55 28.58
C LEU A 4 -15.42 -8.48 27.37
N ALA A 5 -14.95 -9.70 27.59
CA ALA A 5 -14.84 -10.68 26.52
C ALA A 5 -16.11 -11.53 26.42
N SER A 6 -16.67 -11.61 25.22
CA SER A 6 -17.89 -12.38 25.00
C SER A 6 -17.60 -13.63 24.16
N GLN A 7 -17.54 -13.46 22.84
CA GLN A 7 -17.27 -14.58 21.94
C GLN A 7 -15.78 -14.89 21.90
N GLY A 8 -15.44 -16.08 21.39
CA GLY A 8 -14.06 -16.48 21.30
C GLY A 8 -13.34 -15.85 20.11
N GLN A 9 -12.57 -16.65 19.39
CA GLN A 9 -11.85 -16.17 18.22
C GLN A 9 -12.70 -16.25 16.96
N ASN A 10 -13.98 -16.54 17.13
CA ASN A 10 -14.90 -16.64 16.00
C ASN A 10 -15.14 -15.26 15.38
N LEU A 11 -14.67 -14.21 16.05
CA LEU A 11 -14.83 -12.84 15.57
C LEU A 11 -14.10 -12.62 14.25
N SER A 12 -12.85 -13.07 14.19
CA SER A 12 -12.05 -12.91 12.98
C SER A 12 -12.42 -13.96 11.94
N THR A 13 -12.77 -15.15 12.40
CA THR A 13 -13.14 -16.23 11.50
C THR A 13 -14.48 -15.95 10.84
N VAL A 14 -15.29 -15.11 11.47
CA VAL A 14 -16.61 -14.77 10.94
C VAL A 14 -16.52 -13.52 10.07
N LEU A 15 -15.64 -12.61 10.45
CA LEU A 15 -15.46 -11.37 9.69
C LEU A 15 -14.49 -11.57 8.52
N ALA A 16 -13.99 -12.79 8.36
CA ALA A 16 -13.06 -13.10 7.28
C ALA A 16 -13.75 -13.00 5.93
N ASN A 17 -13.89 -11.77 5.44
CA ASN A 17 -14.53 -11.54 4.15
C ASN A 17 -13.61 -10.71 3.24
N LEU A 18 -13.49 -9.43 3.55
CA LEU A 18 -12.64 -8.53 2.76
C LEU A 18 -11.62 -7.83 3.65
N THR A 19 -10.71 -8.61 4.22
CA THR A 19 -9.66 -8.06 5.09
C THR A 19 -8.54 -7.41 4.27
N PRO A 20 -8.01 -8.10 3.24
CA PRO A 20 -6.93 -7.56 2.41
C PRO A 20 -7.38 -6.37 1.57
N GLU A 21 -8.64 -6.38 1.17
CA GLU A 21 -9.20 -5.30 0.36
C GLU A 21 -9.24 -4.00 1.16
N GLN A 22 -9.63 -4.11 2.43
CA GLN A 22 -9.72 -2.94 3.30
C GLN A 22 -8.34 -2.49 3.74
N GLN A 23 -7.55 -3.41 4.29
CA GLN A 23 -6.21 -3.11 4.76
C GLN A 23 -5.41 -2.38 3.68
N LYS A 24 -5.41 -2.94 2.48
CA LYS A 24 -4.68 -2.34 1.37
C LYS A 24 -5.24 -0.96 1.02
N ASN A 25 -6.53 -0.77 1.31
CA ASN A 25 -7.18 0.51 1.02
C ASN A 25 -6.55 1.63 1.85
N VAL A 26 -6.54 1.46 3.17
CA VAL A 26 -5.97 2.46 4.06
C VAL A 26 -4.53 2.78 3.66
N LEU A 27 -3.80 1.75 3.25
CA LEU A 27 -2.41 1.90 2.85
C LEU A 27 -2.25 3.09 1.90
N GLY A 28 -3.02 3.09 0.82
CA GLY A 28 -2.93 4.15 -0.15
C GLY A 28 -3.27 5.51 0.43
N GLU A 29 -4.30 5.57 1.26
CA GLU A 29 -4.70 6.83 1.88
C GLU A 29 -3.57 7.35 2.76
N ARG A 30 -3.12 6.50 3.69
CA ARG A 30 -2.04 6.86 4.59
C ARG A 30 -0.70 6.93 3.85
N LEU A 31 -0.67 6.40 2.62
CA LEU A 31 0.55 6.40 1.82
C LEU A 31 0.84 7.78 1.25
N TYR A 32 -0.09 8.26 0.43
CA TYR A 32 0.05 9.56 -0.22
C TYR A 32 0.39 10.65 0.80
N ASN A 33 -0.09 10.48 2.02
CA ASN A 33 0.15 11.45 3.09
C ASN A 33 1.60 11.44 3.56
N HIS A 34 2.21 10.27 3.64
CA HIS A 34 3.58 10.18 4.09
C HIS A 34 4.51 10.92 3.16
N ILE A 35 4.25 10.82 1.86
CA ILE A 35 5.08 11.46 0.85
C ILE A 35 4.53 12.81 0.39
N VAL A 36 3.21 12.97 0.34
CA VAL A 36 2.63 14.22 -0.13
C VAL A 36 3.37 15.42 0.45
N ALA A 37 3.60 15.40 1.76
CA ALA A 37 4.30 16.47 2.44
C ALA A 37 5.80 16.38 2.17
N ILE A 38 6.28 15.16 1.91
CA ILE A 38 7.70 14.95 1.66
C ILE A 38 8.05 15.12 0.18
N ASN A 39 7.52 14.24 -0.66
CA ASN A 39 7.77 14.31 -2.10
C ASN A 39 6.45 14.47 -2.86
N PRO A 40 5.91 15.70 -2.91
CA PRO A 40 4.66 16.00 -3.61
C PRO A 40 4.66 15.47 -5.04
N ALA A 41 5.83 15.50 -5.67
CA ALA A 41 5.97 15.02 -7.04
C ALA A 41 6.41 13.56 -7.07
N ALA A 42 5.71 12.72 -6.31
CA ALA A 42 6.01 11.30 -6.25
C ALA A 42 4.80 10.51 -5.75
N ALA A 43 4.13 11.06 -4.75
CA ALA A 43 2.95 10.44 -4.16
C ALA A 43 2.10 9.77 -5.22
N ALA A 44 1.72 10.55 -6.23
CA ALA A 44 0.88 10.05 -7.32
C ALA A 44 1.44 8.74 -7.88
N LYS A 45 2.77 8.64 -7.92
CA LYS A 45 3.43 7.44 -8.42
C LYS A 45 3.65 6.41 -7.32
N VAL A 46 4.15 6.88 -6.18
CA VAL A 46 4.41 6.00 -5.05
C VAL A 46 3.14 5.31 -4.60
N THR A 47 2.07 6.10 -4.47
CA THR A 47 0.77 5.58 -4.04
C THR A 47 0.16 4.64 -5.08
N GLY A 48 0.07 5.11 -6.31
CA GLY A 48 -0.53 4.32 -7.37
C GLY A 48 0.35 3.14 -7.76
N MET A 49 1.61 3.43 -8.09
CA MET A 49 2.54 2.38 -8.48
C MET A 49 2.84 1.48 -7.29
N LEU A 50 3.19 2.11 -6.15
CA LEU A 50 3.57 1.41 -4.91
C LEU A 50 3.91 -0.07 -5.13
N LEU A 51 2.92 -0.87 -5.49
CA LEU A 51 3.13 -2.29 -5.72
C LEU A 51 3.94 -2.54 -6.98
N GLU A 52 5.21 -2.15 -6.95
CA GLU A 52 6.09 -2.34 -8.09
C GLU A 52 6.96 -3.57 -7.91
N MET A 53 7.86 -3.80 -8.86
CA MET A 53 8.76 -4.96 -8.81
C MET A 53 9.66 -4.92 -7.58
N ASP A 54 10.48 -3.88 -7.48
CA ASP A 54 11.39 -3.74 -6.35
C ASP A 54 10.79 -2.88 -5.26
N ASN A 55 10.65 -1.59 -5.53
CA ASN A 55 10.07 -0.65 -4.57
C ASN A 55 8.81 -1.23 -3.96
N GLY A 56 8.13 -2.08 -4.74
CA GLY A 56 6.91 -2.67 -4.26
C GLY A 56 7.17 -3.72 -3.20
N GLU A 57 7.90 -4.77 -3.56
CA GLU A 57 8.20 -5.87 -2.63
C GLU A 57 8.36 -5.35 -1.19
N ILE A 58 9.26 -4.39 -1.01
CA ILE A 58 9.51 -3.83 0.32
C ILE A 58 8.22 -3.28 0.92
N LEU A 59 7.41 -2.62 0.08
CA LEU A 59 6.14 -2.03 0.52
C LEU A 59 5.43 -2.94 1.52
N ASN A 60 5.53 -4.25 1.29
CA ASN A 60 4.89 -5.23 2.17
C ASN A 60 5.15 -4.93 3.64
N LEU A 61 6.26 -4.24 3.92
CA LEU A 61 6.61 -3.91 5.30
C LEU A 61 6.67 -2.40 5.52
N LEU A 62 5.55 -1.71 5.26
CA LEU A 62 5.48 -0.25 5.41
C LEU A 62 6.44 0.28 6.48
N ASP A 63 7.64 0.63 6.04
CA ASP A 63 8.68 1.14 6.94
C ASP A 63 8.94 2.63 6.70
N THR A 64 9.55 3.29 7.67
CA THR A 64 9.84 4.71 7.56
C THR A 64 11.02 4.93 6.61
N PRO A 65 12.15 4.25 6.84
CA PRO A 65 13.32 4.37 5.99
C PRO A 65 13.18 3.61 4.67
N GLY A 66 13.06 2.29 4.76
CA GLY A 66 12.93 1.45 3.57
C GLY A 66 11.93 1.99 2.58
N LEU A 67 10.69 2.12 3.02
CA LEU A 67 9.63 2.62 2.15
C LEU A 67 9.96 4.01 1.63
N LEU A 68 9.95 5.00 2.51
CA LEU A 68 10.23 6.39 2.12
C LEU A 68 11.45 6.48 1.22
N ASP A 69 12.39 5.55 1.38
CA ASP A 69 13.58 5.53 0.55
C ASP A 69 13.25 5.06 -0.86
N ALA A 70 12.77 3.83 -0.96
CA ALA A 70 12.42 3.26 -2.26
C ALA A 70 11.12 3.84 -2.81
N LYS A 71 10.44 4.68 -2.02
CA LYS A 71 9.19 5.29 -2.44
C LYS A 71 9.44 6.45 -3.40
N VAL A 72 10.42 7.28 -3.06
CA VAL A 72 10.76 8.44 -3.87
C VAL A 72 11.72 8.06 -4.99
N GLN A 73 12.73 7.27 -4.65
CA GLN A 73 13.72 6.84 -5.62
C GLN A 73 13.04 6.17 -6.81
N GLU A 74 12.22 5.17 -6.55
CA GLU A 74 11.50 4.46 -7.60
C GLU A 74 10.59 5.39 -8.38
N ALA A 75 9.76 6.15 -7.66
CA ALA A 75 8.83 7.07 -8.29
C ALA A 75 9.58 8.10 -9.14
N LEU A 76 10.66 8.63 -8.60
CA LEU A 76 11.46 9.62 -9.31
C LEU A 76 12.27 8.96 -10.42
N GLU A 77 12.61 7.69 -10.22
CA GLU A 77 13.38 6.94 -11.22
C GLU A 77 12.50 6.60 -12.42
N VAL A 78 11.33 6.04 -12.13
CA VAL A 78 10.39 5.65 -13.18
C VAL A 78 9.80 6.88 -13.88
N LEU A 79 9.97 8.06 -13.27
CA LEU A 79 9.47 9.30 -13.85
C LEU A 79 10.02 9.51 -15.26
N ASN A 80 11.29 9.92 -15.33
CA ASN A 80 11.95 10.16 -16.61
C ASN A 80 12.44 8.86 -17.24
N ARG A 81 12.11 7.73 -16.63
CA ARG A 81 12.52 6.43 -17.16
C ARG A 81 11.72 6.07 -18.40
N HIS A 82 11.14 7.08 -19.05
CA HIS A 82 10.35 6.87 -20.25
C HIS A 82 11.25 6.53 -21.44
N MET A 83 12.51 6.99 -21.38
CA MET A 83 13.46 6.72 -22.45
C MET A 83 14.34 5.52 -22.10
N ASN A 84 13.73 4.34 -22.05
CA ASN A 84 14.45 3.12 -21.73
C ASN A 84 14.82 2.36 -23.00
N VAL A 85 13.87 2.23 -23.92
CA VAL A 85 14.11 1.53 -25.17
C VAL A 85 13.45 2.26 -26.34
#